data_1XI9
#
_entry.id   1XI9
#
_cell.length_a   61.804
_cell.length_b   188.089
_cell.length_c   72.583
_cell.angle_alpha   90.00
_cell.angle_beta   89.79
_cell.angle_gamma   90.00
#
_symmetry.space_group_name_H-M   'P 1 21 1'
#
loop_
_entity.id
_entity.type
_entity.pdbx_description
1 polymer 'putative transaminase'
2 non-polymer "PYRIDOXAL-5'-PHOSPHATE"
3 water water
#
_entity_poly.entity_id   1
_entity_poly.type   'polypeptide(L)'
_entity_poly.pdbx_seq_one_letter_code
;AHHHHHHGSIRASKRALSVEYAIRDVVLPARELEKKGIKVIRLNIGDPVKFDFQPPEHMKEAYCKAIKEGHNYYGDSEGL
PELRKAIVEREKRKNGVDITPDDVRVTAAVTEALQLIFGALLDPGDEILVPGPSYPPYTGLVKFYGGKPVEYRTIEEEDW
QPDIDDIRKKITDRTKAIAVINPNNPTGALYDKKTLEEILNIAGEYEIPVISDEIYDLMTYEGEHISPGSLTKDVPVIVM
NGLSKVYFATGWRLGYMYFVDPENKLSEVREAIDRLARIRLCPNTPAQFAAIAGLTGPMDYLKEYMKKLKERRDYIYKRL
NEIPGISTTKPQGAFYIFPKIEVGPWKNDKEFVLDVLHNAHVLFVHGSGFGEYGAGHFRAVFLPPIEILEEAMDRFEKFM
KERLKE
;
_entity_poly.pdbx_strand_id   A,B,C,D
#
# COMPACT_ATOMS: atom_id res chain seq x y z
N SER A 9 -0.17 -8.38 5.83
CA SER A 9 0.93 -9.07 5.10
C SER A 9 1.75 -8.09 4.28
N ILE A 10 3.02 -8.42 4.20
CA ILE A 10 4.06 -7.52 3.79
C ILE A 10 4.31 -7.66 2.31
N ARG A 11 3.84 -6.66 1.57
CA ARG A 11 3.96 -6.62 0.14
C ARG A 11 5.23 -5.94 -0.28
N ALA A 12 5.89 -6.51 -1.28
CA ALA A 12 7.03 -5.87 -1.91
C ALA A 12 6.51 -4.73 -2.81
N SER A 13 7.41 -3.82 -3.11
CA SER A 13 7.24 -2.77 -4.09
C SER A 13 6.83 -3.37 -5.43
N LYS A 14 5.73 -2.86 -6.01
CA LYS A 14 5.27 -3.33 -7.32
C LYS A 14 6.39 -3.29 -8.36
N ARG A 15 7.12 -2.17 -8.42
CA ARG A 15 8.17 -1.99 -9.41
C ARG A 15 9.48 -2.76 -9.16
N ALA A 16 9.73 -3.17 -7.92
CA ALA A 16 10.87 -4.03 -7.62
C ALA A 16 10.56 -5.44 -8.09
N LEU A 17 9.32 -5.89 -7.84
CA LEU A 17 8.85 -7.23 -8.26
C LEU A 17 8.86 -7.42 -9.76
N SER A 18 8.82 -6.30 -10.48
CA SER A 18 8.82 -6.29 -11.94
C SER A 18 10.23 -6.35 -12.54
N VAL A 19 11.26 -6.18 -11.70
CA VAL A 19 12.65 -6.24 -12.18
C VAL A 19 13.00 -7.69 -12.50
N GLU A 20 13.17 -7.94 -13.79
CA GLU A 20 13.50 -9.24 -14.37
C GLU A 20 15.00 -9.27 -14.68
N TYR A 21 15.56 -10.47 -14.82
CA TYR A 21 16.96 -10.59 -15.22
C TYR A 21 17.22 -11.82 -16.11
N PRO A 29 20.87 -24.97 -12.37
CA PRO A 29 20.61 -25.85 -13.53
C PRO A 29 21.91 -26.41 -14.09
N ALA A 30 22.89 -25.54 -14.32
CA ALA A 30 24.26 -25.94 -14.65
C ALA A 30 24.93 -26.42 -13.36
N ARG A 31 24.57 -25.78 -12.25
CA ARG A 31 25.01 -26.13 -10.90
C ARG A 31 24.54 -27.53 -10.49
N GLU A 32 23.35 -27.91 -10.98
CA GLU A 32 22.79 -29.26 -10.79
C GLU A 32 23.56 -30.34 -11.57
N LEU A 33 24.03 -30.01 -12.77
CA LEU A 33 24.87 -30.92 -13.54
C LEU A 33 26.22 -31.15 -12.87
N GLU A 34 26.84 -30.07 -12.38
CA GLU A 34 28.13 -30.14 -11.70
C GLU A 34 28.07 -30.92 -10.38
N LYS A 35 26.92 -30.87 -9.71
CA LYS A 35 26.63 -31.67 -8.52
C LYS A 35 26.77 -33.17 -8.83
N LYS A 36 26.25 -33.57 -9.99
CA LYS A 36 26.29 -34.94 -10.48
C LYS A 36 27.67 -35.31 -11.06
N GLY A 37 28.63 -34.39 -10.93
CA GLY A 37 29.98 -34.62 -11.43
C GLY A 37 30.21 -34.33 -12.91
N ILE A 38 29.16 -33.85 -13.59
CA ILE A 38 29.27 -33.47 -15.00
C ILE A 38 29.91 -32.07 -15.13
N LYS A 39 31.04 -31.97 -15.85
CA LYS A 39 31.78 -30.71 -16.03
C LYS A 39 31.23 -29.87 -17.16
N VAL A 40 30.95 -28.60 -16.87
CA VAL A 40 30.30 -27.70 -17.83
C VAL A 40 31.19 -26.55 -18.24
N ILE A 41 31.24 -26.27 -19.54
CA ILE A 41 31.97 -25.10 -20.04
C ILE A 41 31.02 -23.91 -20.04
N ARG A 42 31.39 -22.87 -19.30
CA ARG A 42 30.56 -21.67 -19.15
C ARG A 42 30.96 -20.59 -20.16
N LEU A 43 30.11 -20.40 -21.17
CA LEU A 43 30.31 -19.34 -22.16
C LEU A 43 29.29 -18.21 -21.96
N ASN A 44 28.69 -18.17 -20.76
CA ASN A 44 27.58 -17.30 -20.44
C ASN A 44 27.92 -16.05 -19.62
N ILE A 45 29.13 -16.00 -19.06
CA ILE A 45 29.49 -14.88 -18.18
C ILE A 45 30.52 -13.94 -18.81
N GLY A 46 30.15 -12.67 -18.88
CA GLY A 46 31.01 -11.65 -19.47
C GLY A 46 32.05 -11.09 -18.52
N ASP A 47 32.70 -11.96 -17.74
CA ASP A 47 33.70 -11.54 -16.74
C ASP A 47 35.09 -12.07 -17.14
N PRO A 48 35.93 -11.22 -17.75
CA PRO A 48 37.27 -11.65 -18.17
C PRO A 48 38.18 -12.11 -17.02
N VAL A 49 37.95 -11.60 -15.81
CA VAL A 49 38.75 -11.97 -14.63
C VAL A 49 38.44 -13.40 -14.16
N LYS A 50 37.30 -13.95 -14.59
CA LYS A 50 37.01 -15.36 -14.38
C LYS A 50 37.89 -16.26 -15.27
N PHE A 51 38.62 -15.63 -16.19
CA PHE A 51 39.47 -16.39 -17.10
C PHE A 51 40.94 -15.98 -16.94
N ASP A 52 41.69 -15.89 -18.02
CA ASP A 52 43.13 -15.58 -17.88
C ASP A 52 43.45 -14.09 -18.09
N PHE A 53 42.70 -13.24 -17.38
CA PHE A 53 42.83 -11.79 -17.49
C PHE A 53 42.81 -11.23 -16.09
N GLN A 54 43.72 -10.31 -15.81
CA GLN A 54 43.81 -9.68 -14.52
C GLN A 54 44.03 -8.17 -14.73
N PRO A 55 43.65 -7.34 -13.75
CA PRO A 55 43.96 -5.91 -13.84
C PRO A 55 45.48 -5.79 -13.87
N PRO A 56 46.03 -4.87 -14.67
CA PRO A 56 47.49 -4.77 -14.82
C PRO A 56 48.18 -4.45 -13.49
N GLU A 57 49.46 -4.79 -13.41
CA GLU A 57 50.24 -4.72 -12.17
C GLU A 57 50.33 -3.32 -11.59
N HIS A 58 50.55 -2.31 -12.44
CA HIS A 58 50.66 -0.94 -11.95
C HIS A 58 49.34 -0.38 -11.35
N MET A 59 48.22 -0.98 -11.72
CA MET A 59 46.92 -0.64 -11.14
C MET A 59 46.74 -1.36 -9.79
N LYS A 60 47.12 -2.63 -9.73
CA LYS A 60 47.15 -3.40 -8.49
C LYS A 60 48.01 -2.73 -7.42
N GLU A 61 49.27 -2.48 -7.76
CA GLU A 61 50.22 -1.78 -6.90
C GLU A 61 49.65 -0.47 -6.37
N ALA A 62 49.02 0.33 -7.23
CA ALA A 62 48.41 1.59 -6.84
C ALA A 62 47.26 1.43 -5.84
N TYR A 63 46.47 0.36 -6.02
CA TYR A 63 45.33 0.04 -5.16
C TYR A 63 45.86 -0.27 -3.75
N CYS A 64 46.80 -1.22 -3.69
CA CYS A 64 47.44 -1.61 -2.43
C CYS A 64 48.14 -0.46 -1.75
N LYS A 65 48.80 0.38 -2.55
CA LYS A 65 49.54 1.52 -2.04
C LYS A 65 48.61 2.57 -1.42
N ALA A 66 47.47 2.84 -2.05
CA ALA A 66 46.41 3.74 -1.51
C ALA A 66 45.96 3.27 -0.12
N ILE A 67 45.72 1.98 0.03
CA ILE A 67 45.33 1.37 1.31
C ILE A 67 46.41 1.59 2.41
N LYS A 68 47.63 1.07 2.19
CA LYS A 68 48.75 1.22 3.13
C LYS A 68 49.01 2.68 3.49
N GLU A 69 48.92 3.55 2.50
CA GLU A 69 49.11 4.97 2.72
C GLU A 69 47.94 5.70 3.37
N GLY A 70 46.94 4.95 3.81
CA GLY A 70 45.86 5.49 4.60
C GLY A 70 44.67 6.09 3.89
N HIS A 71 44.54 5.85 2.59
CA HIS A 71 43.45 6.45 1.81
C HIS A 71 42.17 5.63 1.90
N ASN A 72 41.65 5.55 3.12
CA ASN A 72 40.54 4.65 3.48
C ASN A 72 39.30 5.34 4.02
N TYR A 73 39.25 6.65 3.79
CA TYR A 73 38.19 7.54 4.25
C TYR A 73 37.13 7.75 3.14
N TYR A 74 36.02 8.41 3.48
CA TYR A 74 35.04 8.79 2.48
C TYR A 74 35.68 9.87 1.63
N GLY A 75 35.54 9.76 0.32
CA GLY A 75 36.03 10.81 -0.55
C GLY A 75 34.88 11.72 -0.92
N ASP A 76 35.21 12.77 -1.67
CA ASP A 76 34.25 13.66 -2.27
C ASP A 76 33.19 12.81 -2.99
N SER A 77 31.92 13.19 -2.88
CA SER A 77 30.82 12.47 -3.54
C SER A 77 30.89 12.51 -5.08
N GLU A 78 31.61 13.50 -5.60
CA GLU A 78 31.82 13.70 -7.03
C GLU A 78 33.00 12.90 -7.54
N GLY A 79 33.82 12.40 -6.62
CA GLY A 79 35.05 11.69 -6.93
C GLY A 79 36.29 12.52 -6.66
N LEU A 80 37.37 11.83 -6.31
CA LEU A 80 38.66 12.46 -6.09
C LEU A 80 39.01 13.44 -7.22
N PRO A 81 39.37 14.67 -6.86
CA PRO A 81 39.82 15.68 -7.84
C PRO A 81 40.96 15.20 -8.76
N GLU A 82 41.91 14.40 -8.26
CA GLU A 82 42.99 13.80 -9.08
C GLU A 82 42.46 12.85 -10.15
N LEU A 83 41.46 12.04 -9.80
CA LEU A 83 40.86 11.10 -10.74
C LEU A 83 40.05 11.84 -11.82
N ARG A 84 39.28 12.83 -11.39
CA ARG A 84 38.50 13.64 -12.32
C ARG A 84 39.38 14.36 -13.34
N LYS A 85 40.53 14.86 -12.89
CA LYS A 85 41.59 15.42 -13.75
C LYS A 85 42.19 14.37 -14.70
N ALA A 86 42.46 13.16 -14.20
CA ALA A 86 42.99 12.06 -15.02
C ALA A 86 42.04 11.61 -16.13
N ILE A 87 40.74 11.63 -15.82
CA ILE A 87 39.67 11.30 -16.77
C ILE A 87 39.65 12.35 -17.89
N VAL A 88 39.60 13.63 -17.50
CA VAL A 88 39.64 14.78 -18.40
C VAL A 88 40.74 14.66 -19.45
N GLU A 89 41.94 14.29 -19.02
CA GLU A 89 43.09 14.17 -19.90
C GLU A 89 42.94 12.97 -20.81
N ARG A 90 42.54 11.83 -20.23
CA ARG A 90 42.37 10.58 -20.97
C ARG A 90 41.34 10.70 -22.10
N GLU A 91 40.24 11.41 -21.83
CA GLU A 91 39.16 11.61 -22.81
C GLU A 91 39.54 12.63 -23.88
N LYS A 92 40.43 13.56 -23.54
CA LYS A 92 41.00 14.50 -24.52
C LYS A 92 41.85 13.70 -25.48
N ARG A 93 42.74 12.88 -24.93
CA ARG A 93 43.63 12.01 -25.71
C ARG A 93 42.87 11.15 -26.70
N LYS A 94 41.88 10.40 -26.20
CA LYS A 94 41.16 9.45 -27.04
C LYS A 94 40.08 10.08 -27.91
N ASN A 95 39.28 10.98 -27.32
CA ASN A 95 38.05 11.51 -27.93
C ASN A 95 38.10 12.98 -28.41
N GLY A 96 39.22 13.65 -28.16
CA GLY A 96 39.39 15.04 -28.57
C GLY A 96 38.41 16.00 -27.92
N VAL A 97 37.67 15.51 -26.92
CA VAL A 97 36.67 16.35 -26.23
C VAL A 97 37.34 17.28 -25.24
N ASP A 98 36.80 18.48 -25.12
CA ASP A 98 37.28 19.47 -24.16
C ASP A 98 36.26 19.53 -23.04
N ILE A 99 36.63 18.97 -21.91
CA ILE A 99 35.82 18.92 -20.70
C ILE A 99 36.71 19.35 -19.53
N THR A 100 36.11 19.76 -18.43
CA THR A 100 36.84 20.17 -17.23
C THR A 100 36.51 19.15 -16.14
N PRO A 101 37.30 19.10 -15.06
CA PRO A 101 36.99 18.19 -13.95
C PRO A 101 35.55 18.28 -13.44
N ASP A 102 34.94 19.45 -13.56
CA ASP A 102 33.57 19.67 -13.08
C ASP A 102 32.48 19.09 -14.00
N ASP A 103 32.91 18.58 -15.15
CA ASP A 103 32.03 17.86 -16.09
C ASP A 103 32.05 16.36 -15.85
N VAL A 104 32.84 15.93 -14.85
CA VAL A 104 33.15 14.53 -14.61
C VAL A 104 32.62 14.10 -13.26
N ARG A 105 31.99 12.93 -13.22
CA ARG A 105 31.59 12.32 -11.97
C ARG A 105 32.05 10.86 -11.90
N VAL A 106 32.75 10.54 -10.82
CA VAL A 106 33.17 9.18 -10.52
C VAL A 106 32.03 8.42 -9.82
N THR A 107 31.82 7.18 -10.23
CA THR A 107 30.72 6.36 -9.79
C THR A 107 31.21 4.96 -9.41
N ALA A 108 30.34 4.20 -8.74
CA ALA A 108 30.60 2.80 -8.41
C ALA A 108 30.25 1.99 -9.67
N ALA A 109 31.15 2.07 -10.66
CA ALA A 109 31.05 1.38 -11.96
C ALA A 109 30.00 2.04 -12.86
N VAL A 110 29.77 1.48 -14.05
CA VAL A 110 28.78 2.02 -15.00
C VAL A 110 27.37 1.75 -14.46
N THR A 111 27.25 0.65 -13.71
CA THR A 111 26.02 0.29 -13.04
C THR A 111 25.45 1.47 -12.26
N GLU A 112 26.26 2.05 -11.36
CA GLU A 112 25.84 3.22 -10.59
C GLU A 112 25.60 4.46 -11.45
N ALA A 113 26.42 4.65 -12.47
CA ALA A 113 26.22 5.73 -13.44
C ALA A 113 24.81 5.68 -14.05
N LEU A 114 24.43 4.51 -14.54
CA LEU A 114 23.09 4.26 -15.05
C LEU A 114 22.01 4.55 -14.01
N GLN A 115 22.20 4.10 -12.78
CA GLN A 115 21.25 4.39 -11.70
C GLN A 115 21.10 5.91 -11.49
N LEU A 116 22.22 6.62 -11.44
CA LEU A 116 22.20 8.08 -11.26
C LEU A 116 21.55 8.79 -12.42
N ILE A 117 21.85 8.37 -13.64
CA ILE A 117 21.31 9.02 -14.85
C ILE A 117 19.81 8.79 -15.00
N PHE A 118 19.39 7.53 -14.90
CA PHE A 118 17.97 7.20 -15.04
C PHE A 118 17.18 7.77 -13.88
N GLY A 119 17.68 7.58 -12.66
CA GLY A 119 17.10 8.19 -11.47
C GLY A 119 16.90 9.69 -11.58
N ALA A 120 17.86 10.40 -12.18
CA ALA A 120 17.78 11.87 -12.35
C ALA A 120 16.95 12.31 -13.55
N LEU A 121 16.73 11.41 -14.50
CA LEU A 121 16.09 11.75 -15.75
C LEU A 121 14.62 11.33 -15.88
N LEU A 122 14.26 10.21 -15.26
CA LEU A 122 12.96 9.59 -15.57
C LEU A 122 11.82 9.90 -14.64
N ASP A 123 10.73 10.37 -15.24
CA ASP A 123 9.43 10.41 -14.57
C ASP A 123 8.63 9.22 -15.07
N PRO A 124 7.63 8.76 -14.30
CA PRO A 124 6.82 7.61 -14.72
C PRO A 124 6.24 7.81 -16.11
N GLY A 125 6.45 6.82 -16.97
CA GLY A 125 5.94 6.86 -18.33
C GLY A 125 6.84 7.52 -19.36
N ASP A 126 7.94 8.14 -18.92
CA ASP A 126 8.95 8.67 -19.84
C ASP A 126 9.61 7.49 -20.54
N GLU A 127 10.08 7.74 -21.76
CA GLU A 127 10.71 6.70 -22.55
C GLU A 127 12.21 6.89 -22.72
N ILE A 128 12.90 5.77 -22.89
CA ILE A 128 14.33 5.76 -23.22
C ILE A 128 14.46 4.80 -24.39
N LEU A 129 15.02 5.27 -25.50
CA LEU A 129 15.31 4.39 -26.61
C LEU A 129 16.60 3.64 -26.32
N VAL A 130 16.51 2.32 -26.30
CA VAL A 130 17.64 1.43 -26.07
C VAL A 130 17.77 0.49 -27.25
N PRO A 131 18.97 -0.04 -27.54
CA PRO A 131 19.13 -0.96 -28.69
C PRO A 131 18.46 -2.33 -28.49
N GLY A 132 18.10 -2.99 -29.60
CA GLY A 132 17.57 -4.35 -29.60
C GLY A 132 18.35 -5.17 -30.61
N PRO A 133 19.01 -6.28 -30.22
CA PRO A 133 19.02 -6.87 -28.85
C PRO A 133 19.53 -5.96 -27.75
N SER A 134 18.91 -6.06 -26.57
CA SER A 134 19.22 -5.14 -25.47
C SER A 134 20.16 -5.74 -24.42
N TYR A 135 20.77 -4.87 -23.63
CA TYR A 135 21.55 -5.30 -22.49
C TYR A 135 20.59 -5.15 -21.29
N PRO A 136 20.33 -6.27 -20.59
CA PRO A 136 19.31 -6.35 -19.52
C PRO A 136 19.27 -5.31 -18.39
N PRO A 137 20.41 -4.90 -17.80
CA PRO A 137 20.40 -3.81 -16.81
C PRO A 137 19.68 -2.54 -17.25
N TYR A 138 19.89 -2.11 -18.49
CA TYR A 138 19.13 -0.97 -19.05
C TYR A 138 17.63 -1.14 -18.89
N THR A 139 17.10 -2.29 -19.32
CA THR A 139 15.67 -2.59 -19.28
C THR A 139 15.09 -2.52 -17.85
N GLY A 140 15.67 -3.28 -16.94
CA GLY A 140 15.24 -3.35 -15.55
C GLY A 140 15.35 -2.04 -14.79
N LEU A 141 16.43 -1.27 -15.05
CA LEU A 141 16.62 0.03 -14.42
C LEU A 141 15.64 1.08 -14.92
N VAL A 142 15.44 1.12 -16.24
CA VAL A 142 14.47 2.04 -16.84
C VAL A 142 13.06 1.74 -16.30
N LYS A 143 12.67 0.46 -16.25
CA LYS A 143 11.38 0.04 -15.71
C LYS A 143 11.26 0.32 -14.22
N PHE A 144 12.37 0.18 -13.48
CA PHE A 144 12.37 0.41 -12.04
C PHE A 144 11.99 1.85 -11.69
N TYR A 145 12.44 2.82 -12.50
CA TYR A 145 12.07 4.22 -12.27
C TYR A 145 10.79 4.62 -12.98
N GLY A 146 9.90 3.66 -13.25
CA GLY A 146 8.66 3.92 -13.96
C GLY A 146 8.78 4.24 -15.45
N GLY A 147 10.00 4.22 -15.98
CA GLY A 147 10.21 4.51 -17.39
C GLY A 147 9.82 3.37 -18.29
N LYS A 148 9.66 3.66 -19.58
CA LYS A 148 9.41 2.66 -20.59
C LYS A 148 10.65 2.52 -21.49
N PRO A 149 11.30 1.35 -21.51
CA PRO A 149 12.43 1.12 -22.41
C PRO A 149 11.90 0.75 -23.80
N VAL A 150 12.22 1.57 -24.79
CA VAL A 150 11.72 1.35 -26.15
C VAL A 150 12.92 0.88 -26.98
N GLU A 151 12.78 -0.31 -27.52
CA GLU A 151 13.85 -0.94 -28.24
C GLU A 151 13.82 -0.54 -29.67
N TYR A 152 14.97 -0.03 -30.12
CA TYR A 152 15.09 0.26 -31.52
C TYR A 152 15.83 -0.88 -32.17
N ARG A 153 15.46 -1.17 -33.41
CA ARG A 153 16.03 -2.28 -34.18
C ARG A 153 17.50 -2.10 -34.50
N THR A 154 18.25 -3.20 -34.43
CA THR A 154 19.59 -3.26 -35.02
C THR A 154 19.59 -4.43 -36.04
N ILE A 155 20.40 -4.30 -37.08
CA ILE A 155 20.26 -5.11 -38.29
C ILE A 155 21.40 -6.11 -38.40
N GLU A 156 21.10 -7.39 -38.15
CA GLU A 156 22.08 -8.49 -38.23
C GLU A 156 22.84 -8.54 -39.56
N GLU A 157 22.11 -8.41 -40.67
CA GLU A 157 22.69 -8.32 -42.02
C GLU A 157 23.77 -7.26 -42.13
N GLU A 158 23.67 -6.20 -41.32
CA GLU A 158 24.64 -5.09 -41.35
C GLU A 158 25.60 -5.13 -40.19
N ASP A 159 25.75 -6.33 -39.62
CA ASP A 159 26.59 -6.54 -38.44
C ASP A 159 26.05 -5.80 -37.23
N TRP A 160 24.73 -5.82 -37.08
CA TRP A 160 24.02 -5.27 -35.92
C TRP A 160 24.14 -3.75 -35.72
N GLN A 161 24.25 -2.99 -36.82
CA GLN A 161 24.25 -1.51 -36.77
C GLN A 161 22.82 -1.05 -36.51
N PRO A 162 22.61 0.09 -35.82
CA PRO A 162 21.27 0.58 -35.62
C PRO A 162 20.49 0.77 -36.92
N ASP A 163 19.18 0.54 -36.84
CA ASP A 163 18.25 0.84 -37.88
C ASP A 163 17.77 2.26 -37.61
N ILE A 164 18.33 3.20 -38.36
CA ILE A 164 18.05 4.63 -38.20
C ILE A 164 16.57 4.96 -38.42
N ASP A 165 15.96 4.40 -39.46
CA ASP A 165 14.52 4.56 -39.77
C ASP A 165 13.64 4.10 -38.63
N ASP A 166 14.05 3.01 -37.98
CA ASP A 166 13.36 2.48 -36.84
C ASP A 166 13.48 3.39 -35.63
N ILE A 167 14.65 3.98 -35.39
CA ILE A 167 14.78 5.00 -34.33
C ILE A 167 13.81 6.18 -34.61
N ARG A 168 13.74 6.64 -35.87
CA ARG A 168 12.86 7.77 -36.24
C ARG A 168 11.41 7.49 -35.89
N LYS A 169 10.95 6.28 -36.22
CA LYS A 169 9.56 5.88 -35.96
C LYS A 169 9.22 5.59 -34.49
N LYS A 170 10.20 5.12 -33.72
CA LYS A 170 9.97 4.72 -32.30
C LYS A 170 10.01 5.91 -31.35
N ILE A 171 10.53 7.03 -31.83
CA ILE A 171 10.65 8.22 -31.02
C ILE A 171 9.28 8.90 -30.86
N THR A 172 8.94 9.26 -29.62
CA THR A 172 7.69 9.96 -29.30
C THR A 172 8.04 11.19 -28.49
N ASP A 173 7.03 11.95 -28.10
CA ASP A 173 7.23 13.14 -27.27
C ASP A 173 7.54 12.76 -25.84
N ARG A 174 7.35 11.47 -25.51
CA ARG A 174 7.67 10.96 -24.18
C ARG A 174 9.14 10.51 -24.01
N THR A 175 9.89 10.43 -25.11
CA THR A 175 11.29 10.01 -25.13
C THR A 175 12.20 11.04 -24.49
N LYS A 176 13.03 10.61 -23.52
CA LYS A 176 13.92 11.48 -22.75
C LYS A 176 15.40 11.33 -23.11
N ALA A 177 15.77 10.20 -23.73
CA ALA A 177 17.14 9.97 -24.19
C ALA A 177 17.22 8.81 -25.19
N ILE A 178 18.32 8.79 -25.96
CA ILE A 178 18.68 7.64 -26.80
C ILE A 178 19.95 7.09 -26.20
N ALA A 179 19.89 5.85 -25.72
CA ALA A 179 21.06 5.15 -25.21
C ALA A 179 21.77 4.49 -26.39
N VAL A 180 23.09 4.60 -26.41
CA VAL A 180 23.93 3.99 -27.44
C VAL A 180 24.93 3.12 -26.68
N ILE A 181 24.89 1.81 -26.91
CA ILE A 181 25.83 0.88 -26.28
C ILE A 181 26.76 0.39 -27.39
N ASN A 182 27.98 0.95 -27.39
CA ASN A 182 28.95 0.78 -28.46
C ASN A 182 30.43 0.87 -27.96
N PRO A 183 31.25 -0.18 -28.14
CA PRO A 183 30.87 -1.48 -28.72
C PRO A 183 29.74 -2.18 -27.95
N ASN A 184 29.03 -3.07 -28.64
CA ASN A 184 27.76 -3.58 -28.13
C ASN A 184 27.87 -4.94 -27.46
N ASN A 185 27.14 -5.06 -26.36
CA ASN A 185 26.77 -6.29 -25.69
C ASN A 185 25.26 -6.40 -25.99
N PRO A 186 24.72 -7.51 -26.52
CA PRO A 186 25.40 -8.80 -26.74
C PRO A 186 25.96 -9.13 -28.15
N THR A 187 25.95 -8.18 -29.09
CA THR A 187 26.21 -8.51 -30.49
C THR A 187 27.67 -8.38 -30.94
N GLY A 188 28.45 -7.62 -30.16
CA GLY A 188 29.84 -7.28 -30.51
C GLY A 188 29.96 -6.29 -31.66
N ALA A 189 28.87 -5.60 -32.00
CA ALA A 189 28.87 -4.58 -33.07
C ALA A 189 29.73 -3.37 -32.70
N LEU A 190 30.33 -2.75 -33.72
CA LEU A 190 30.99 -1.46 -33.59
C LEU A 190 30.33 -0.44 -34.53
N TYR A 191 29.73 0.61 -33.98
CA TYR A 191 28.93 1.52 -34.81
C TYR A 191 29.80 2.49 -35.60
N ASP A 192 29.39 2.72 -36.85
CA ASP A 192 30.17 3.55 -37.76
C ASP A 192 29.81 5.00 -37.54
N LYS A 193 30.65 5.88 -38.07
CA LYS A 193 30.46 7.33 -38.02
C LYS A 193 29.09 7.73 -38.55
N LYS A 194 28.66 7.10 -39.63
CA LYS A 194 27.38 7.36 -40.24
C LYS A 194 26.21 7.16 -39.27
N THR A 195 26.12 5.96 -38.66
CA THR A 195 25.04 5.65 -37.73
C THR A 195 25.07 6.59 -36.54
N LEU A 196 26.26 6.84 -36.00
CA LEU A 196 26.38 7.75 -34.85
C LEU A 196 25.99 9.19 -35.21
N GLU A 197 26.41 9.62 -36.38
CA GLU A 197 26.06 10.93 -36.94
C GLU A 197 24.54 11.05 -37.13
N GLU A 198 23.91 9.94 -37.54
CA GLU A 198 22.46 9.98 -37.79
C GLU A 198 21.60 9.95 -36.52
N ILE A 199 22.09 9.26 -35.49
CA ILE A 199 21.43 9.24 -34.17
C ILE A 199 21.52 10.63 -33.53
N LEU A 200 22.65 11.32 -33.73
CA LEU A 200 22.82 12.70 -33.26
C LEU A 200 21.86 13.67 -33.94
N ASN A 201 21.68 13.54 -35.26
CA ASN A 201 20.67 14.31 -36.02
C ASN A 201 19.25 14.12 -35.48
N ILE A 202 18.90 12.88 -35.14
CA ILE A 202 17.58 12.59 -34.56
C ILE A 202 17.47 13.20 -33.15
N ALA A 203 18.45 12.95 -32.30
CA ALA A 203 18.43 13.53 -30.96
C ALA A 203 18.36 15.07 -31.01
N GLY A 204 19.11 15.69 -31.92
CA GLY A 204 19.10 17.15 -32.13
C GLY A 204 17.72 17.66 -32.50
N GLU A 205 17.11 16.99 -33.47
CA GLU A 205 15.75 17.26 -33.94
C GLU A 205 14.70 17.30 -32.82
N TYR A 206 14.77 16.35 -31.90
CA TYR A 206 13.81 16.25 -30.79
C TYR A 206 14.30 16.89 -29.52
N GLU A 207 15.49 17.47 -29.58
CA GLU A 207 16.14 18.14 -28.44
C GLU A 207 16.29 17.25 -27.19
N ILE A 208 16.75 16.02 -27.40
CA ILE A 208 17.03 15.10 -26.28
C ILE A 208 18.53 14.73 -26.19
N PRO A 209 19.04 14.39 -25.02
CA PRO A 209 20.44 13.95 -24.92
C PRO A 209 20.71 12.53 -25.48
N VAL A 210 21.99 12.25 -25.70
CA VAL A 210 22.45 10.91 -26.01
C VAL A 210 23.22 10.42 -24.78
N ILE A 211 22.97 9.16 -24.41
CA ILE A 211 23.72 8.46 -23.39
C ILE A 211 24.59 7.44 -24.11
N SER A 212 25.89 7.53 -23.85
CA SER A 212 26.86 6.72 -24.57
C SER A 212 27.62 5.81 -23.61
N ASP A 213 27.39 4.50 -23.76
CA ASP A 213 28.07 3.48 -22.94
C ASP A 213 29.33 3.00 -23.66
N GLU A 214 30.48 3.42 -23.14
CA GLU A 214 31.75 3.18 -23.84
C GLU A 214 32.67 2.25 -23.01
N ILE A 215 32.06 1.51 -22.08
CA ILE A 215 32.78 0.52 -21.26
C ILE A 215 33.75 -0.38 -22.10
N TYR A 216 33.37 -0.74 -23.33
CA TYR A 216 34.21 -1.59 -24.26
C TYR A 216 35.06 -0.81 -25.26
N ASP A 217 34.96 0.51 -25.21
CA ASP A 217 35.99 1.44 -25.62
C ASP A 217 37.08 0.91 -26.59
N LEU A 218 38.16 0.43 -25.96
CA LEU A 218 39.41 0.02 -26.59
C LEU A 218 39.46 -1.45 -26.93
N MET A 219 38.37 -2.15 -26.63
CA MET A 219 38.23 -3.58 -26.91
C MET A 219 37.69 -3.82 -28.34
N THR A 220 38.47 -3.42 -29.34
CA THR A 220 38.07 -3.53 -30.77
C THR A 220 39.13 -4.31 -31.55
N TYR A 221 38.71 -4.97 -32.63
CA TYR A 221 39.58 -5.87 -33.42
C TYR A 221 40.05 -5.26 -34.73
N GLU A 222 39.11 -5.02 -35.63
CA GLU A 222 39.32 -4.19 -36.80
C GLU A 222 38.47 -2.97 -36.48
N GLY A 223 38.87 -1.83 -37.00
CA GLY A 223 38.04 -0.63 -36.88
C GLY A 223 38.30 0.02 -35.55
N GLU A 224 37.89 1.27 -35.43
CA GLU A 224 38.10 2.02 -34.22
C GLU A 224 36.78 2.55 -33.70
N HIS A 225 36.70 2.63 -32.38
CA HIS A 225 35.54 3.14 -31.69
C HIS A 225 35.56 4.66 -31.80
N ILE A 226 34.41 5.23 -32.12
CA ILE A 226 34.20 6.66 -32.14
C ILE A 226 33.13 6.99 -31.13
N SER A 227 33.41 7.95 -30.26
CA SER A 227 32.43 8.42 -29.29
C SER A 227 31.51 9.47 -29.91
N PRO A 228 30.19 9.40 -29.68
CA PRO A 228 29.29 10.46 -30.14
C PRO A 228 29.69 11.82 -29.55
N GLY A 229 30.31 11.80 -28.37
CA GLY A 229 30.83 12.98 -27.70
C GLY A 229 31.78 13.74 -28.59
N SER A 230 32.59 13.01 -29.37
CA SER A 230 33.51 13.60 -30.37
C SER A 230 32.79 14.26 -31.52
N LEU A 231 31.57 13.81 -31.83
CA LEU A 231 30.86 14.14 -33.07
C LEU A 231 29.77 15.20 -32.92
N THR A 232 29.26 15.35 -31.71
CA THR A 232 28.15 16.26 -31.44
C THR A 232 28.50 17.73 -31.69
N LYS A 233 27.50 18.49 -32.10
CA LYS A 233 27.58 19.94 -32.20
C LYS A 233 26.69 20.58 -31.14
N ASP A 234 25.37 20.31 -31.23
CA ASP A 234 24.37 20.85 -30.33
C ASP A 234 23.86 19.85 -29.30
N VAL A 235 24.04 18.57 -29.57
CA VAL A 235 23.39 17.52 -28.77
C VAL A 235 24.18 17.26 -27.49
N PRO A 236 23.53 17.37 -26.33
CA PRO A 236 24.18 17.03 -25.06
C PRO A 236 24.43 15.53 -24.96
N VAL A 237 25.67 15.14 -24.64
CA VAL A 237 26.05 13.73 -24.59
C VAL A 237 26.60 13.36 -23.22
N ILE A 238 26.03 12.28 -22.67
CA ILE A 238 26.47 11.74 -21.41
C ILE A 238 27.23 10.47 -21.72
N VAL A 239 28.52 10.49 -21.38
CA VAL A 239 29.41 9.40 -21.64
C VAL A 239 29.65 8.64 -20.35
N MET A 240 29.61 7.31 -20.43
CA MET A 240 29.88 6.46 -19.28
C MET A 240 31.01 5.51 -19.63
N ASN A 241 31.87 5.25 -18.67
CA ASN A 241 32.96 4.31 -18.87
C ASN A 241 33.46 3.82 -17.52
N GLY A 242 34.50 3.00 -17.53
CA GLY A 242 35.11 2.54 -16.28
C GLY A 242 36.14 1.45 -16.41
N LEU A 243 36.40 0.80 -15.28
CA LEU A 243 37.51 -0.14 -15.17
C LEU A 243 37.15 -1.58 -15.43
N SER A 244 35.86 -1.92 -15.46
CA SER A 244 35.47 -3.33 -15.44
C SER A 244 36.01 -4.15 -16.61
N LYS A 245 36.01 -3.56 -17.80
CA LYS A 245 36.30 -4.35 -19.00
C LYS A 245 37.67 -4.10 -19.62
N VAL A 246 37.91 -2.85 -20.00
CA VAL A 246 39.17 -2.43 -20.62
C VAL A 246 40.35 -2.61 -19.65
N TYR A 247 40.06 -2.53 -18.35
CA TYR A 247 41.10 -2.62 -17.34
C TYR A 247 41.01 -3.90 -16.53
N PHE A 248 40.08 -4.78 -16.93
CA PHE A 248 39.89 -6.12 -16.33
C PHE A 248 39.76 -6.08 -14.79
N ALA A 249 38.98 -5.13 -14.28
CA ALA A 249 38.80 -4.90 -12.83
C ALA A 249 37.30 -4.88 -12.52
N THR A 250 36.63 -5.94 -12.92
CA THR A 250 35.18 -6.08 -12.73
C THR A 250 34.77 -5.97 -11.27
N GLY A 251 35.56 -6.60 -10.40
CA GLY A 251 35.27 -6.65 -9.00
C GLY A 251 35.65 -5.42 -8.23
N TRP A 252 36.24 -4.41 -8.87
CA TRP A 252 36.61 -3.17 -8.17
C TRP A 252 35.48 -2.14 -8.11
N ARG A 253 34.50 -2.28 -9.03
CA ARG A 253 33.27 -1.49 -9.05
C ARG A 253 33.56 0.00 -9.14
N LEU A 254 34.36 0.37 -10.13
CA LEU A 254 34.76 1.76 -10.33
C LEU A 254 34.55 2.15 -11.79
N GLY A 255 33.92 3.31 -11.97
CA GLY A 255 33.71 3.87 -13.29
C GLY A 255 33.51 5.36 -13.18
N TYR A 256 32.91 5.93 -14.22
CA TYR A 256 32.67 7.36 -14.27
C TYR A 256 31.73 7.72 -15.39
N MET A 257 31.17 8.91 -15.29
CA MET A 257 30.37 9.51 -16.33
C MET A 257 30.92 10.92 -16.53
N TYR A 258 30.65 11.52 -17.69
CA TYR A 258 30.93 12.93 -17.92
C TYR A 258 29.97 13.55 -18.93
N PHE A 259 29.97 14.88 -19.02
CA PHE A 259 29.02 15.61 -19.86
C PHE A 259 29.69 16.41 -20.95
N VAL A 260 29.26 16.14 -22.17
CA VAL A 260 29.67 16.92 -23.34
C VAL A 260 28.45 17.79 -23.55
N ASP A 261 28.51 18.99 -22.99
CA ASP A 261 27.35 19.86 -22.79
C ASP A 261 27.86 21.28 -22.51
N PRO A 262 28.51 21.93 -23.48
CA PRO A 262 29.12 23.26 -23.22
C PRO A 262 28.07 24.28 -22.81
N GLU A 263 26.86 24.15 -23.37
CA GLU A 263 25.77 25.10 -23.11
C GLU A 263 24.98 24.82 -21.84
N ASN A 264 25.39 23.80 -21.09
CA ASN A 264 24.73 23.39 -19.86
C ASN A 264 23.20 23.12 -20.03
N LYS A 265 22.82 22.56 -21.19
CA LYS A 265 21.45 22.08 -21.46
C LYS A 265 20.97 21.06 -20.41
N LEU A 266 21.90 20.28 -19.86
CA LEU A 266 21.61 19.30 -18.83
C LEU A 266 21.81 19.81 -17.40
N SER A 267 21.82 21.13 -17.19
CA SER A 267 22.14 21.73 -15.87
C SER A 267 21.29 21.21 -14.70
N GLU A 268 19.98 21.12 -14.93
CA GLU A 268 19.02 20.61 -13.96
C GLU A 268 19.20 19.11 -13.71
N VAL A 269 19.42 18.36 -14.80
CA VAL A 269 19.74 16.95 -14.74
C VAL A 269 21.06 16.74 -13.98
N ARG A 270 22.09 17.51 -14.32
CA ARG A 270 23.38 17.46 -13.62
C ARG A 270 23.21 17.78 -12.13
N GLU A 271 22.43 18.80 -11.82
CA GLU A 271 22.16 19.21 -10.45
C GLU A 271 21.42 18.10 -9.66
N ALA A 272 20.48 17.42 -10.32
CA ALA A 272 19.77 16.29 -9.74
C ALA A 272 20.74 15.10 -9.47
N ILE A 273 21.62 14.83 -10.43
CA ILE A 273 22.61 13.75 -10.27
C ILE A 273 23.47 13.97 -9.01
N ASP A 274 23.90 15.23 -8.82
CA ASP A 274 24.70 15.65 -7.67
C ASP A 274 24.01 15.46 -6.31
N ARG A 275 22.72 15.83 -6.22
CA ARG A 275 21.91 15.54 -5.05
C ARG A 275 21.89 14.04 -4.72
N LEU A 276 21.69 13.21 -5.74
CA LEU A 276 21.62 11.76 -5.58
C LEU A 276 22.99 11.19 -5.21
N ALA A 277 24.03 11.68 -5.89
CA ALA A 277 25.41 11.32 -5.55
C ALA A 277 25.72 11.64 -4.08
N ARG A 278 25.19 12.75 -3.55
CA ARG A 278 25.48 13.18 -2.19
C ARG A 278 24.90 12.28 -1.11
N ILE A 279 23.65 11.84 -1.28
CA ILE A 279 22.96 11.01 -0.28
C ILE A 279 23.55 9.61 -0.12
N ARG A 280 24.22 9.14 -1.16
CA ARG A 280 24.82 7.81 -1.19
C ARG A 280 26.32 7.86 -0.81
N LEU A 281 26.77 9.06 -0.43
CA LEU A 281 28.10 9.37 0.10
C LEU A 281 29.19 9.44 -0.95
N CYS A 282 29.68 8.31 -1.44
CA CYS A 282 30.79 8.25 -2.40
C CYS A 282 31.04 6.80 -2.89
N PRO A 283 31.74 6.63 -4.02
CA PRO A 283 32.19 5.30 -4.41
C PRO A 283 33.47 4.91 -3.65
N ASN A 284 34.06 3.76 -3.96
CA ASN A 284 35.25 3.30 -3.24
C ASN A 284 36.41 4.30 -3.36
N THR A 285 37.13 4.54 -2.25
CA THR A 285 38.25 5.50 -2.22
C THR A 285 39.54 4.89 -2.83
N PRO A 286 40.16 3.86 -2.21
CA PRO A 286 41.42 3.30 -2.73
C PRO A 286 41.39 2.90 -4.22
N ALA A 287 40.28 2.34 -4.70
CA ALA A 287 40.14 1.97 -6.12
C ALA A 287 40.33 3.12 -7.11
N GLN A 288 40.09 4.35 -6.63
CA GLN A 288 40.29 5.57 -7.44
C GLN A 288 41.76 5.88 -7.73
N PHE A 289 42.65 5.51 -6.81
CA PHE A 289 44.10 5.54 -7.05
C PHE A 289 44.54 4.53 -8.10
N ALA A 290 43.95 3.33 -8.08
CA ALA A 290 44.19 2.34 -9.13
C ALA A 290 43.71 2.88 -10.47
N ALA A 291 42.57 3.58 -10.45
CA ALA A 291 41.98 4.21 -11.63
C ALA A 291 42.89 5.26 -12.21
N ILE A 292 43.47 6.10 -11.34
CA ILE A 292 44.47 7.11 -11.74
C ILE A 292 45.66 6.42 -12.44
N ALA A 293 46.14 5.30 -11.87
CA ALA A 293 47.26 4.54 -12.47
C ALA A 293 46.92 3.93 -13.84
N GLY A 294 45.67 3.52 -14.03
CA GLY A 294 45.21 2.99 -15.33
C GLY A 294 44.94 4.05 -16.39
N LEU A 295 44.37 5.16 -15.99
CA LEU A 295 44.03 6.21 -16.94
C LEU A 295 45.23 7.00 -17.45
N THR A 296 46.16 7.34 -16.54
CA THR A 296 47.38 8.08 -16.88
C THR A 296 48.54 7.19 -17.41
N GLY A 297 48.45 5.88 -17.17
CA GLY A 297 49.49 4.94 -17.54
C GLY A 297 49.45 4.52 -19.00
N PRO A 298 50.54 3.90 -19.45
CA PRO A 298 50.59 3.33 -20.81
C PRO A 298 49.63 2.15 -20.94
N MET A 299 49.12 1.95 -22.16
CA MET A 299 48.12 0.92 -22.42
C MET A 299 48.72 -0.38 -22.98
N ASP A 300 50.01 -0.61 -22.69
CA ASP A 300 50.75 -1.78 -23.17
C ASP A 300 50.10 -3.09 -22.74
N TYR A 301 49.73 -3.18 -21.46
CA TYR A 301 49.08 -4.37 -20.88
C TYR A 301 47.97 -4.90 -21.79
N LEU A 302 47.20 -3.99 -22.40
CA LEU A 302 46.01 -4.31 -23.17
C LEU A 302 46.32 -4.89 -24.54
N LYS A 303 47.49 -4.54 -25.08
CA LYS A 303 47.93 -5.03 -26.39
C LYS A 303 48.08 -6.54 -26.36
N GLU A 304 48.70 -7.06 -25.31
CA GLU A 304 48.94 -8.50 -25.10
C GLU A 304 47.62 -9.25 -24.96
N TYR A 305 46.65 -8.61 -24.29
CA TYR A 305 45.32 -9.17 -24.03
C TYR A 305 44.43 -9.18 -25.27
N MET A 306 44.45 -8.08 -26.02
CA MET A 306 43.73 -7.97 -27.28
C MET A 306 44.17 -9.00 -28.31
N LYS A 307 45.46 -9.37 -28.28
CA LYS A 307 45.98 -10.44 -29.15
C LYS A 307 45.28 -11.76 -28.91
N LYS A 308 45.28 -12.21 -27.65
CA LYS A 308 44.58 -13.45 -27.24
C LYS A 308 43.07 -13.40 -27.57
N LEU A 309 42.43 -12.26 -27.30
CA LEU A 309 40.99 -12.09 -27.57
C LEU A 309 40.65 -12.13 -29.06
N LYS A 310 41.46 -11.49 -29.89
CA LYS A 310 41.31 -11.54 -31.36
C LYS A 310 41.45 -12.96 -31.92
N GLU A 311 42.45 -13.73 -31.45
CA GLU A 311 42.57 -15.12 -31.93
C GLU A 311 41.40 -16.00 -31.46
N ARG A 312 40.88 -15.72 -30.26
CA ARG A 312 39.69 -16.39 -29.71
C ARG A 312 38.42 -16.00 -30.48
N ARG A 313 38.33 -14.71 -30.85
CA ARG A 313 37.25 -14.19 -31.68
C ARG A 313 37.25 -14.93 -33.02
N ASP A 314 38.41 -14.90 -33.70
CA ASP A 314 38.59 -15.55 -35.00
C ASP A 314 38.22 -17.04 -34.96
N TYR A 315 38.68 -17.74 -33.93
CA TYR A 315 38.40 -19.14 -33.74
C TYR A 315 36.92 -19.50 -33.55
N ILE A 316 36.23 -18.81 -32.64
CA ILE A 316 34.81 -19.14 -32.38
C ILE A 316 33.93 -18.82 -33.57
N TYR A 317 34.24 -17.71 -34.26
CA TYR A 317 33.52 -17.29 -35.45
C TYR A 317 33.63 -18.32 -36.59
N LYS A 318 34.87 -18.78 -36.83
CA LYS A 318 35.13 -19.84 -37.80
C LYS A 318 34.35 -21.09 -37.41
N ARG A 319 34.61 -21.59 -36.21
CA ARG A 319 33.90 -22.77 -35.70
C ARG A 319 32.38 -22.70 -35.80
N LEU A 320 31.79 -21.57 -35.40
CA LEU A 320 30.32 -21.44 -35.38
C LEU A 320 29.70 -21.45 -36.78
N ASN A 321 30.35 -20.77 -37.71
CA ASN A 321 29.89 -20.74 -39.10
C ASN A 321 30.04 -22.06 -39.87
N GLU A 322 30.96 -22.91 -39.45
CA GLU A 322 31.08 -24.23 -40.08
C GLU A 322 30.19 -25.32 -39.45
N ILE A 323 29.20 -24.90 -38.65
CA ILE A 323 28.21 -25.80 -38.09
C ILE A 323 26.85 -25.56 -38.77
N PRO A 324 26.39 -26.55 -39.56
CA PRO A 324 25.08 -26.50 -40.23
C PRO A 324 23.96 -26.13 -39.26
N GLY A 325 23.15 -25.15 -39.64
CA GLY A 325 22.04 -24.73 -38.80
C GLY A 325 22.37 -23.55 -37.89
N ILE A 326 23.63 -23.10 -37.93
CA ILE A 326 24.14 -21.98 -37.10
C ILE A 326 24.84 -20.99 -38.00
N SER A 327 24.52 -19.71 -37.85
CA SER A 327 25.29 -18.62 -38.50
C SER A 327 25.55 -17.48 -37.52
N THR A 328 26.61 -16.71 -37.78
CA THR A 328 26.91 -15.53 -36.96
C THR A 328 27.69 -14.42 -37.69
N THR A 329 27.53 -13.19 -37.20
CA THR A 329 28.33 -12.07 -37.68
C THR A 329 29.69 -12.14 -37.00
N LYS A 330 30.65 -11.38 -37.54
CA LYS A 330 31.96 -11.28 -36.93
C LYS A 330 32.02 -10.08 -35.98
N PRO A 331 32.15 -10.34 -34.67
CA PRO A 331 32.23 -9.27 -33.66
C PRO A 331 33.40 -8.33 -33.86
N GLN A 332 33.14 -7.03 -33.71
CA GLN A 332 34.14 -6.01 -33.97
C GLN A 332 34.65 -5.36 -32.70
N GLY A 333 33.98 -5.66 -31.60
CA GLY A 333 34.29 -5.15 -30.28
C GLY A 333 33.75 -6.05 -29.18
N ALA A 334 34.17 -5.80 -27.94
CA ALA A 334 33.78 -6.59 -26.77
C ALA A 334 34.20 -8.06 -26.88
N PHE A 335 33.57 -8.92 -26.10
CA PHE A 335 34.00 -10.33 -26.11
C PHE A 335 32.87 -11.35 -26.22
N TYR A 336 31.81 -10.93 -26.93
CA TYR A 336 30.59 -11.71 -27.17
C TYR A 336 30.41 -11.97 -28.66
N ILE A 337 29.80 -13.09 -28.99
CA ILE A 337 29.32 -13.38 -30.34
C ILE A 337 27.85 -13.76 -30.17
N PHE A 338 27.01 -13.42 -31.15
CA PHE A 338 25.56 -13.59 -31.02
C PHE A 338 24.94 -14.38 -32.18
N PRO A 339 25.24 -15.69 -32.26
CA PRO A 339 24.84 -16.50 -33.40
C PRO A 339 23.35 -16.71 -33.52
N LYS A 340 22.92 -16.96 -34.75
CA LYS A 340 21.52 -17.25 -35.09
C LYS A 340 21.31 -18.76 -35.22
N ILE A 341 20.18 -19.24 -34.68
CA ILE A 341 19.77 -20.64 -34.75
C ILE A 341 18.86 -20.72 -35.97
N GLU A 342 19.40 -21.23 -37.08
CA GLU A 342 18.67 -21.26 -38.35
C GLU A 342 17.60 -22.35 -38.40
N VAL A 343 18.04 -23.60 -38.29
CA VAL A 343 17.16 -24.76 -38.30
C VAL A 343 17.29 -25.55 -36.98
N GLY A 344 16.18 -26.19 -36.57
CA GLY A 344 16.17 -27.02 -35.37
C GLY A 344 14.80 -27.42 -34.83
N PRO A 345 14.79 -28.41 -33.93
CA PRO A 345 13.55 -28.91 -33.31
C PRO A 345 12.92 -28.07 -32.20
N TRP A 346 13.67 -27.13 -31.63
CA TRP A 346 13.26 -26.38 -30.42
C TRP A 346 12.16 -25.35 -30.71
N LYS A 347 11.29 -25.12 -29.73
CA LYS A 347 10.18 -24.16 -29.87
C LYS A 347 10.65 -22.71 -29.74
N ASN A 348 11.74 -22.51 -29.00
CA ASN A 348 12.36 -21.19 -28.78
C ASN A 348 13.84 -21.31 -28.35
N ASP A 349 14.50 -20.17 -28.16
CA ASP A 349 15.93 -20.13 -27.86
C ASP A 349 16.26 -20.55 -26.42
N LYS A 350 15.30 -20.37 -25.51
CA LYS A 350 15.40 -20.86 -24.14
C LYS A 350 15.54 -22.40 -24.11
N GLU A 351 14.58 -23.07 -24.76
CA GLU A 351 14.59 -24.53 -24.92
C GLU A 351 15.90 -25.02 -25.53
N PHE A 352 16.37 -24.33 -26.57
CA PHE A 352 17.64 -24.64 -27.23
C PHE A 352 18.83 -24.59 -26.27
N VAL A 353 18.89 -23.54 -25.45
CA VAL A 353 20.02 -23.32 -24.54
C VAL A 353 20.07 -24.34 -23.38
N LEU A 354 18.91 -24.72 -22.87
CA LEU A 354 18.80 -25.76 -21.85
C LEU A 354 19.17 -27.13 -22.45
N ASP A 355 18.72 -27.40 -23.67
CA ASP A 355 19.07 -28.63 -24.38
C ASP A 355 20.58 -28.77 -24.65
N VAL A 356 21.22 -27.70 -25.11
CA VAL A 356 22.68 -27.67 -25.29
C VAL A 356 23.40 -27.91 -23.96
N LEU A 357 22.88 -27.31 -22.89
CA LEU A 357 23.47 -27.46 -21.57
C LEU A 357 23.42 -28.93 -21.14
N HIS A 358 22.23 -29.52 -21.23
CA HIS A 358 22.01 -30.89 -20.78
C HIS A 358 22.93 -31.86 -21.51
N ASN A 359 22.99 -31.74 -22.83
CA ASN A 359 23.69 -32.69 -23.68
C ASN A 359 25.15 -32.42 -24.03
N ALA A 360 25.43 -31.21 -24.50
CA ALA A 360 26.78 -30.79 -24.89
C ALA A 360 27.57 -30.20 -23.73
N HIS A 361 26.91 -29.98 -22.59
CA HIS A 361 27.56 -29.44 -21.39
C HIS A 361 28.34 -28.12 -21.63
N VAL A 362 27.74 -27.29 -22.48
CA VAL A 362 28.22 -25.94 -22.77
C VAL A 362 27.09 -25.00 -22.38
N LEU A 363 27.43 -23.94 -21.64
CA LEU A 363 26.46 -22.98 -21.17
C LEU A 363 26.52 -21.65 -21.93
N PHE A 364 25.47 -21.40 -22.72
CA PHE A 364 25.23 -20.14 -23.44
C PHE A 364 24.15 -19.34 -22.73
N VAL A 365 23.87 -18.11 -23.20
CA VAL A 365 22.71 -17.34 -22.74
C VAL A 365 21.72 -17.28 -23.91
N HIS A 366 20.44 -17.55 -23.65
CA HIS A 366 19.41 -17.46 -24.68
C HIS A 366 19.14 -16.03 -25.20
N GLY A 367 19.00 -15.89 -26.51
CA GLY A 367 18.86 -14.60 -27.18
C GLY A 367 17.65 -13.77 -26.81
N SER A 368 16.55 -14.44 -26.49
CA SER A 368 15.33 -13.79 -26.02
C SER A 368 15.48 -13.16 -24.64
N GLY A 369 16.50 -13.56 -23.88
CA GLY A 369 16.88 -12.83 -22.67
C GLY A 369 17.32 -11.39 -22.97
N PHE A 370 17.75 -11.14 -24.20
CA PHE A 370 18.10 -9.79 -24.68
C PHE A 370 16.91 -9.17 -25.47
N GLY A 371 15.70 -9.42 -24.98
CA GLY A 371 14.47 -8.94 -25.63
C GLY A 371 14.19 -9.54 -26.99
N GLU A 372 13.14 -9.05 -27.64
CA GLU A 372 12.55 -9.62 -28.86
C GLU A 372 13.46 -9.71 -30.07
N TYR A 373 14.38 -8.74 -30.22
CA TYR A 373 15.31 -8.77 -31.38
C TYR A 373 16.40 -9.85 -31.23
N GLY A 374 16.53 -10.38 -30.02
CA GLY A 374 17.45 -11.46 -29.77
C GLY A 374 16.85 -12.86 -29.93
N ALA A 375 15.54 -12.96 -30.12
CA ALA A 375 14.89 -14.26 -30.32
C ALA A 375 15.50 -14.98 -31.50
N GLY A 376 15.58 -16.31 -31.40
CA GLY A 376 16.20 -17.14 -32.42
C GLY A 376 17.73 -17.07 -32.42
N HIS A 377 18.32 -16.55 -31.33
CA HIS A 377 19.78 -16.39 -31.20
C HIS A 377 20.23 -16.81 -29.82
N PHE A 378 21.54 -16.93 -29.65
CA PHE A 378 22.14 -17.13 -28.33
C PHE A 378 23.41 -16.30 -28.23
N ARG A 379 23.80 -15.91 -27.02
CA ARG A 379 25.04 -15.20 -26.84
C ARG A 379 26.08 -16.13 -26.23
N ALA A 380 27.31 -16.04 -26.73
CA ALA A 380 28.46 -16.76 -26.17
C ALA A 380 29.64 -15.79 -25.97
N VAL A 381 30.41 -16.00 -24.90
CA VAL A 381 31.66 -15.27 -24.71
C VAL A 381 32.81 -16.12 -25.30
N PHE A 382 33.80 -15.45 -25.89
CA PHE A 382 34.99 -16.13 -26.38
C PHE A 382 36.18 -15.78 -25.50
N LEU A 383 35.87 -15.46 -24.24
CA LEU A 383 36.87 -15.24 -23.18
C LEU A 383 37.83 -16.40 -22.82
N PRO A 384 37.38 -17.67 -22.85
CA PRO A 384 38.29 -18.78 -22.48
C PRO A 384 39.42 -18.98 -23.49
N PRO A 385 40.56 -19.58 -23.08
CA PRO A 385 41.60 -20.01 -24.05
C PRO A 385 41.07 -20.90 -25.17
N ILE A 386 41.75 -20.88 -26.32
CA ILE A 386 41.49 -21.72 -27.50
C ILE A 386 41.22 -23.22 -27.20
N GLU A 387 42.00 -23.80 -26.29
CA GLU A 387 41.84 -25.21 -25.88
C GLU A 387 40.46 -25.50 -25.29
N ILE A 388 39.95 -24.53 -24.53
CA ILE A 388 38.59 -24.64 -23.97
C ILE A 388 37.53 -24.38 -25.04
N LEU A 389 37.75 -23.35 -25.87
CA LEU A 389 36.84 -23.08 -26.98
C LEU A 389 36.71 -24.26 -27.94
N GLU A 390 37.85 -24.87 -28.30
CA GLU A 390 37.92 -26.08 -29.14
C GLU A 390 37.08 -27.22 -28.56
N GLU A 391 37.27 -27.48 -27.26
CA GLU A 391 36.51 -28.48 -26.51
C GLU A 391 35.01 -28.20 -26.58
N ALA A 392 34.61 -26.97 -26.26
CA ALA A 392 33.20 -26.52 -26.28
C ALA A 392 32.54 -26.62 -27.65
N MET A 393 33.25 -26.20 -28.70
CA MET A 393 32.73 -26.22 -30.06
C MET A 393 32.64 -27.64 -30.66
N ASP A 394 33.54 -28.53 -30.24
CA ASP A 394 33.48 -29.95 -30.62
C ASP A 394 32.20 -30.60 -30.11
N ARG A 395 31.91 -30.41 -28.83
CA ARG A 395 30.68 -30.95 -28.22
C ARG A 395 29.39 -30.34 -28.80
N PHE A 396 29.40 -29.03 -29.01
CA PHE A 396 28.25 -28.30 -29.54
C PHE A 396 27.95 -28.74 -30.97
N GLU A 397 29.00 -28.86 -31.78
CA GLU A 397 28.92 -29.37 -33.14
C GLU A 397 28.35 -30.79 -33.20
N LYS A 398 28.79 -31.67 -32.29
CA LYS A 398 28.27 -33.05 -32.21
C LYS A 398 26.78 -33.01 -31.87
N PHE A 399 26.43 -32.19 -30.89
CA PHE A 399 25.06 -31.96 -30.48
C PHE A 399 24.21 -31.51 -31.66
N MET A 400 24.70 -30.54 -32.43
CA MET A 400 23.96 -29.97 -33.56
C MET A 400 23.71 -31.00 -34.67
N LYS A 401 24.73 -31.81 -34.98
CA LYS A 401 24.60 -32.91 -35.95
C LYS A 401 23.42 -33.80 -35.55
N GLU A 402 23.38 -34.15 -34.26
CA GLU A 402 22.40 -35.07 -33.71
C GLU A 402 20.93 -34.64 -33.82
N ARG A 403 20.68 -33.36 -33.61
CA ARG A 403 19.32 -32.79 -33.57
C ARG A 403 18.68 -32.54 -34.94
N ILE B 10 15.42 20.11 -21.07
CA ILE B 10 15.56 18.80 -20.41
C ILE B 10 15.31 19.00 -18.92
N ARG B 11 14.18 18.48 -18.48
CA ARG B 11 13.77 18.63 -17.11
C ARG B 11 14.12 17.36 -16.33
N ALA B 12 14.66 17.54 -15.12
CA ALA B 12 15.03 16.43 -14.24
C ALA B 12 13.77 15.79 -13.64
N SER B 13 13.90 14.56 -13.16
CA SER B 13 12.77 13.87 -12.54
C SER B 13 12.32 14.55 -11.25
N LYS B 14 11.02 14.51 -11.00
CA LYS B 14 10.40 15.09 -9.79
C LYS B 14 11.00 14.48 -8.51
N ARG B 15 11.04 13.15 -8.46
CA ARG B 15 11.61 12.42 -7.33
C ARG B 15 13.03 12.87 -6.98
N ALA B 16 13.90 12.99 -7.99
CA ALA B 16 15.30 13.42 -7.79
C ALA B 16 15.47 14.85 -7.28
N LEU B 17 14.60 15.76 -7.71
CA LEU B 17 14.64 17.15 -7.29
C LEU B 17 14.20 17.31 -5.82
N SER B 18 13.20 16.53 -5.42
CA SER B 18 12.66 16.54 -4.06
C SER B 18 13.68 16.07 -2.98
N VAL B 19 14.90 15.74 -3.41
CA VAL B 19 15.93 15.18 -2.52
C VAL B 19 16.88 16.28 -2.06
N GLU B 20 16.84 16.60 -0.76
CA GLU B 20 17.68 17.68 -0.22
C GLU B 20 19.03 17.20 0.33
N PRO B 29 31.58 28.34 2.19
CA PRO B 29 31.44 28.89 3.56
C PRO B 29 32.74 28.74 4.39
N ALA B 30 33.08 27.49 4.72
CA ALA B 30 34.30 27.18 5.45
C ALA B 30 35.45 27.06 4.46
N ARG B 31 35.12 26.82 3.20
CA ARG B 31 36.10 26.72 2.11
C ARG B 31 36.64 28.10 1.78
N GLU B 32 35.77 29.10 1.81
CA GLU B 32 36.18 30.49 1.66
C GLU B 32 37.15 30.93 2.79
N LEU B 33 36.99 30.35 4.00
CA LEU B 33 37.94 30.57 5.09
C LEU B 33 39.24 29.79 4.89
N GLU B 34 39.12 28.50 4.58
CA GLU B 34 40.28 27.61 4.44
C GLU B 34 41.21 27.98 3.28
N LYS B 35 40.62 28.57 2.21
CA LYS B 35 41.37 29.08 1.05
C LYS B 35 42.19 30.34 1.38
N LYS B 36 41.77 31.08 2.41
CA LYS B 36 42.52 32.23 2.90
C LYS B 36 43.75 31.78 3.71
N GLY B 37 43.72 30.52 4.16
CA GLY B 37 44.78 29.98 5.00
C GLY B 37 44.37 29.80 6.44
N ILE B 38 43.10 30.08 6.73
CA ILE B 38 42.52 29.84 8.06
C ILE B 38 42.27 28.33 8.26
N LYS B 39 42.75 27.79 9.37
CA LYS B 39 42.46 26.42 9.74
C LYS B 39 41.24 26.42 10.65
N VAL B 40 40.17 25.81 10.15
CA VAL B 40 38.95 25.61 10.92
C VAL B 40 39.00 24.23 11.56
N ILE B 41 38.62 24.17 12.84
CA ILE B 41 38.50 22.88 13.51
C ILE B 41 37.17 22.32 13.02
N ARG B 42 37.24 21.22 12.27
CA ARG B 42 36.07 20.59 11.64
C ARG B 42 35.54 19.51 12.56
N LEU B 43 34.40 19.79 13.16
CA LEU B 43 33.75 18.86 14.09
C LEU B 43 32.41 18.41 13.51
N ASN B 44 32.28 18.63 12.20
CA ASN B 44 31.06 18.35 11.44
C ASN B 44 31.03 16.99 10.73
N ILE B 45 32.19 16.36 10.61
CA ILE B 45 32.35 15.18 9.75
C ILE B 45 32.47 13.88 10.56
N GLY B 46 31.53 12.98 10.32
CA GLY B 46 31.46 11.70 11.01
C GLY B 46 32.35 10.61 10.46
N ASP B 47 33.49 10.97 9.89
CA ASP B 47 34.39 10.01 9.28
C ASP B 47 35.63 9.84 10.20
N PRO B 48 35.72 8.72 10.92
CA PRO B 48 36.82 8.49 11.83
C PRO B 48 38.18 8.47 11.14
N VAL B 49 38.21 8.03 9.88
CA VAL B 49 39.45 7.88 9.13
C VAL B 49 40.05 9.25 8.73
N LYS B 50 39.31 10.34 8.90
CA LYS B 50 39.86 11.69 8.72
C LYS B 50 40.66 12.15 9.96
N PHE B 51 40.59 11.37 11.04
CA PHE B 51 41.34 11.65 12.26
C PHE B 51 42.40 10.56 12.53
N ASP B 52 42.65 10.25 13.80
CA ASP B 52 43.72 9.30 14.12
C ASP B 52 43.23 7.84 14.14
N PHE B 53 42.50 7.47 13.07
CA PHE B 53 41.88 6.14 12.98
C PHE B 53 42.06 5.52 11.59
N GLN B 54 42.33 4.22 11.55
CA GLN B 54 42.57 3.50 10.30
C GLN B 54 42.01 2.10 10.49
N PRO B 55 41.61 1.42 9.42
CA PRO B 55 41.24 -0.01 9.54
C PRO B 55 42.45 -0.79 10.05
N PRO B 56 42.24 -1.80 10.91
CA PRO B 56 43.37 -2.55 11.48
C PRO B 56 44.24 -3.19 10.39
N GLU B 57 45.52 -3.40 10.72
CA GLU B 57 46.51 -3.95 9.81
C GLU B 57 46.09 -5.26 9.12
N HIS B 58 45.49 -6.19 9.87
CA HIS B 58 45.06 -7.47 9.30
C HIS B 58 43.90 -7.34 8.28
N MET B 59 43.17 -6.24 8.34
CA MET B 59 42.13 -5.98 7.33
C MET B 59 42.76 -5.39 6.07
N LYS B 60 43.69 -4.46 6.26
CA LYS B 60 44.47 -3.89 5.15
C LYS B 60 45.23 -4.96 4.36
N GLU B 61 45.86 -5.89 5.09
CA GLU B 61 46.62 -7.01 4.51
C GLU B 61 45.76 -7.93 3.66
N ALA B 62 44.60 -8.31 4.22
CA ALA B 62 43.64 -9.17 3.52
C ALA B 62 43.14 -8.54 2.22
N TYR B 63 42.74 -7.27 2.28
CA TYR B 63 42.30 -6.51 1.11
C TYR B 63 43.40 -6.57 0.04
N CYS B 64 44.60 -6.13 0.40
CA CYS B 64 45.75 -6.16 -0.49
C CYS B 64 46.15 -7.59 -0.98
N LYS B 65 46.09 -8.59 -0.10
CA LYS B 65 46.33 -9.98 -0.51
C LYS B 65 45.26 -10.47 -1.52
N ALA B 66 44.00 -10.12 -1.28
CA ALA B 66 42.90 -10.45 -2.22
C ALA B 66 43.19 -9.97 -3.64
N ILE B 67 43.57 -8.69 -3.77
CA ILE B 67 43.91 -8.06 -5.05
C ILE B 67 45.04 -8.80 -5.77
N LYS B 68 46.20 -8.91 -5.09
CA LYS B 68 47.35 -9.62 -5.60
C LYS B 68 47.06 -11.07 -5.94
N GLU B 69 46.23 -11.73 -5.13
CA GLU B 69 45.86 -13.13 -5.41
C GLU B 69 44.79 -13.37 -6.49
N GLY B 70 44.32 -12.27 -7.09
CA GLY B 70 43.50 -12.38 -8.28
C GLY B 70 42.03 -12.31 -8.04
N HIS B 71 41.62 -11.95 -6.82
CA HIS B 71 40.20 -11.83 -6.45
C HIS B 71 39.63 -10.47 -6.85
N ASN B 72 39.57 -10.28 -8.17
CA ASN B 72 39.25 -9.01 -8.79
C ASN B 72 38.07 -9.09 -9.78
N TYR B 73 37.36 -10.22 -9.71
CA TYR B 73 36.24 -10.58 -10.57
C TYR B 73 34.90 -10.15 -9.93
N TYR B 74 33.82 -10.24 -10.70
CA TYR B 74 32.47 -10.03 -10.15
C TYR B 74 32.16 -11.16 -9.16
N GLY B 75 31.73 -10.81 -7.95
CA GLY B 75 31.29 -11.84 -7.00
C GLY B 75 29.82 -12.14 -7.19
N ASP B 76 29.33 -13.15 -6.47
CA ASP B 76 27.91 -13.49 -6.45
C ASP B 76 27.14 -12.26 -5.93
N SER B 77 25.95 -12.02 -6.49
CA SER B 77 25.16 -10.83 -6.13
C SER B 77 24.74 -10.79 -4.66
N GLU B 78 24.66 -11.97 -4.05
CA GLU B 78 24.38 -12.15 -2.63
C GLU B 78 25.60 -11.86 -1.75
N GLY B 79 26.80 -11.84 -2.36
CA GLY B 79 28.06 -11.68 -1.65
C GLY B 79 28.82 -13.01 -1.54
N LEU B 80 30.08 -12.98 -1.13
CA LEU B 80 30.87 -14.21 -1.12
C LEU B 80 30.36 -15.18 -0.05
N PRO B 81 30.23 -16.47 -0.39
CA PRO B 81 29.73 -17.44 0.57
C PRO B 81 30.51 -17.40 1.90
N GLU B 82 31.84 -17.28 1.81
CA GLU B 82 32.69 -17.28 2.99
C GLU B 82 32.40 -16.07 3.86
N LEU B 83 32.23 -14.88 3.25
CA LEU B 83 31.84 -13.69 4.04
C LEU B 83 30.46 -13.84 4.70
N ARG B 84 29.50 -14.39 3.96
CA ARG B 84 28.19 -14.63 4.53
C ARG B 84 28.26 -15.59 5.72
N LYS B 85 29.09 -16.64 5.62
CA LYS B 85 29.39 -17.55 6.74
C LYS B 85 29.99 -16.78 7.93
N ALA B 86 30.95 -15.91 7.65
CA ALA B 86 31.59 -15.10 8.70
C ALA B 86 30.60 -14.17 9.41
N ILE B 87 29.65 -13.61 8.66
CA ILE B 87 28.65 -12.70 9.23
C ILE B 87 27.74 -13.49 10.19
N VAL B 88 27.34 -14.68 9.77
CA VAL B 88 26.49 -15.56 10.56
C VAL B 88 27.10 -15.79 11.95
N GLU B 89 28.38 -16.18 11.98
CA GLU B 89 29.08 -16.54 13.22
C GLU B 89 29.24 -15.33 14.13
N ARG B 90 29.63 -14.20 13.56
CA ARG B 90 29.75 -12.95 14.30
C ARG B 90 28.41 -12.52 14.92
N GLU B 91 27.33 -12.59 14.14
CA GLU B 91 26.00 -12.20 14.61
C GLU B 91 25.42 -13.21 15.63
N LYS B 92 25.72 -14.50 15.46
CA LYS B 92 25.35 -15.52 16.45
C LYS B 92 26.06 -15.29 17.77
N ARG B 93 27.37 -15.08 17.73
CA ARG B 93 28.14 -14.79 18.95
C ARG B 93 27.62 -13.55 19.65
N LYS B 94 27.44 -12.45 18.90
CA LYS B 94 27.02 -11.18 19.50
C LYS B 94 25.57 -11.10 19.91
N ASN B 95 24.70 -11.52 19.01
CA ASN B 95 23.26 -11.26 19.11
C ASN B 95 22.41 -12.52 19.37
N GLY B 96 23.05 -13.69 19.32
CA GLY B 96 22.39 -14.98 19.56
C GLY B 96 21.29 -15.32 18.57
N VAL B 97 21.25 -14.60 17.45
CA VAL B 97 20.24 -14.83 16.41
C VAL B 97 20.46 -16.14 15.67
N ASP B 98 19.37 -16.83 15.37
CA ASP B 98 19.47 -18.07 14.62
C ASP B 98 19.29 -17.80 13.12
N ILE B 99 20.39 -17.49 12.43
CA ILE B 99 20.38 -17.22 10.99
C ILE B 99 21.31 -18.18 10.23
N THR B 100 21.08 -18.34 8.92
CA THR B 100 21.96 -19.12 8.04
C THR B 100 22.54 -18.16 7.00
N PRO B 101 23.61 -18.56 6.28
CA PRO B 101 24.16 -17.73 5.20
C PRO B 101 23.15 -17.19 4.18
N ASP B 102 22.06 -17.93 3.96
CA ASP B 102 20.99 -17.52 3.04
C ASP B 102 20.09 -16.40 3.56
N ASP B 103 20.32 -16.03 4.82
CA ASP B 103 19.58 -14.96 5.45
C ASP B 103 20.35 -13.66 5.35
N VAL B 104 21.53 -13.71 4.74
CA VAL B 104 22.51 -12.62 4.74
C VAL B 104 22.73 -12.14 3.33
N ARG B 105 22.81 -10.82 3.14
CA ARG B 105 23.19 -10.24 1.84
C ARG B 105 24.27 -9.21 2.02
N VAL B 106 25.36 -9.37 1.28
CA VAL B 106 26.44 -8.40 1.33
C VAL B 106 26.07 -7.24 0.40
N THR B 107 26.33 -6.02 0.88
CA THR B 107 25.98 -4.78 0.19
C THR B 107 27.17 -3.83 0.05
N ALA B 108 27.01 -2.82 -0.80
CA ALA B 108 27.97 -1.73 -0.88
C ALA B 108 27.72 -0.74 0.29
N ALA B 109 28.08 -1.17 1.50
CA ALA B 109 27.89 -0.40 2.72
C ALA B 109 26.41 -0.41 3.17
N VAL B 110 26.13 0.22 4.32
CA VAL B 110 24.75 0.37 4.81
C VAL B 110 23.96 1.21 3.83
N THR B 111 24.64 2.15 3.18
CA THR B 111 23.99 2.96 2.15
C THR B 111 23.23 2.10 1.14
N GLU B 112 23.89 1.09 0.58
CA GLU B 112 23.27 0.24 -0.42
C GLU B 112 22.23 -0.70 0.18
N ALA B 113 22.46 -1.13 1.42
CA ALA B 113 21.44 -1.86 2.18
C ALA B 113 20.13 -1.09 2.16
N LEU B 114 20.18 0.19 2.56
CA LEU B 114 19.00 1.06 2.64
C LEU B 114 18.36 1.21 1.28
N GLN B 115 19.18 1.36 0.24
CA GLN B 115 18.70 1.50 -1.13
C GLN B 115 17.88 0.29 -1.60
N LEU B 116 18.44 -0.90 -1.37
CA LEU B 116 17.78 -2.16 -1.69
C LEU B 116 16.51 -2.34 -0.87
N ILE B 117 16.59 -2.08 0.43
CA ILE B 117 15.44 -2.27 1.33
C ILE B 117 14.29 -1.33 0.98
N PHE B 118 14.57 -0.03 0.90
CA PHE B 118 13.53 0.95 0.52
C PHE B 118 13.02 0.74 -0.90
N GLY B 119 13.91 0.43 -1.85
CA GLY B 119 13.52 0.09 -3.23
C GLY B 119 12.52 -1.06 -3.29
N ALA B 120 12.76 -2.08 -2.46
CA ALA B 120 11.94 -3.29 -2.40
C ALA B 120 10.65 -3.15 -1.59
N LEU B 121 10.65 -2.27 -0.59
CA LEU B 121 9.48 -2.07 0.27
C LEU B 121 8.47 -1.04 -0.23
N LEU B 122 8.95 -0.02 -0.92
CA LEU B 122 8.16 1.19 -1.13
C LEU B 122 7.43 1.31 -2.47
N ASP B 123 6.12 1.53 -2.35
CA ASP B 123 5.25 2.00 -3.42
C ASP B 123 5.02 3.51 -3.18
N PRO B 124 4.60 4.27 -4.18
CA PRO B 124 4.28 5.70 -4.00
C PRO B 124 3.30 5.99 -2.85
N GLY B 125 3.69 6.95 -2.00
CA GLY B 125 2.92 7.34 -0.84
C GLY B 125 3.01 6.45 0.38
N ASP B 126 3.80 5.37 0.30
CA ASP B 126 4.02 4.49 1.46
C ASP B 126 4.90 5.21 2.46
N GLU B 127 4.75 4.88 3.73
CA GLU B 127 5.47 5.60 4.77
C GLU B 127 6.45 4.69 5.51
N ILE B 128 7.50 5.32 6.03
CA ILE B 128 8.47 4.67 6.88
C ILE B 128 8.60 5.59 8.08
N LEU B 129 8.50 5.02 9.28
CA LEU B 129 8.84 5.74 10.49
C LEU B 129 10.37 5.81 10.73
N VAL B 130 10.87 7.03 10.92
CA VAL B 130 12.28 7.29 11.18
C VAL B 130 12.37 8.14 12.45
N PRO B 131 13.46 8.05 13.21
CA PRO B 131 13.58 8.86 14.42
C PRO B 131 13.77 10.35 14.12
N GLY B 132 13.41 11.20 15.07
CA GLY B 132 13.73 12.65 15.02
C GLY B 132 14.34 13.04 16.36
N PRO B 133 15.56 13.60 16.43
CA PRO B 133 16.42 13.99 15.28
C PRO B 133 16.76 12.82 14.36
N SER B 134 16.82 13.15 13.07
CA SER B 134 16.90 12.16 11.99
C SER B 134 18.25 12.10 11.32
N TYR B 135 18.57 10.95 10.75
CA TYR B 135 19.77 10.82 9.96
C TYR B 135 19.38 11.11 8.52
N PRO B 136 19.90 12.21 7.97
CA PRO B 136 19.40 12.77 6.69
C PRO B 136 19.38 11.88 5.44
N PRO B 137 20.37 11.00 5.21
CA PRO B 137 20.28 10.05 4.09
C PRO B 137 19.01 9.19 4.07
N TYR B 138 18.44 8.88 5.22
CA TYR B 138 17.20 8.10 5.29
C TYR B 138 16.05 8.89 4.68
N THR B 139 16.00 10.17 5.02
CA THR B 139 14.98 11.11 4.53
C THR B 139 15.02 11.27 3.03
N GLY B 140 16.22 11.46 2.49
CA GLY B 140 16.43 11.60 1.05
C GLY B 140 16.06 10.32 0.32
N LEU B 141 16.51 9.18 0.83
CA LEU B 141 16.25 7.88 0.20
C LEU B 141 14.78 7.49 0.17
N VAL B 142 14.05 7.74 1.26
CA VAL B 142 12.63 7.37 1.29
C VAL B 142 11.87 8.23 0.27
N LYS B 143 12.16 9.54 0.29
CA LYS B 143 11.59 10.51 -0.64
C LYS B 143 11.86 10.17 -2.09
N PHE B 144 13.09 9.71 -2.36
CA PHE B 144 13.50 9.33 -3.72
C PHE B 144 12.75 8.10 -4.24
N TYR B 145 12.53 7.11 -3.37
CA TYR B 145 11.75 5.94 -3.74
C TYR B 145 10.23 6.17 -3.70
N GLY B 146 9.83 7.43 -3.61
CA GLY B 146 8.38 7.79 -3.65
C GLY B 146 7.64 7.73 -2.33
N GLY B 147 8.35 7.44 -1.24
CA GLY B 147 7.73 7.32 0.08
C GLY B 147 7.68 8.60 0.87
N LYS B 148 7.00 8.55 2.01
CA LYS B 148 6.93 9.69 2.92
C LYS B 148 7.61 9.31 4.24
N PRO B 149 8.74 9.94 4.59
CA PRO B 149 9.41 9.65 5.86
C PRO B 149 8.70 10.39 6.99
N VAL B 150 8.40 9.66 8.07
CA VAL B 150 7.59 10.21 9.17
C VAL B 150 8.43 10.09 10.42
N GLU B 151 8.78 11.25 10.96
CA GLU B 151 9.63 11.32 12.13
C GLU B 151 8.82 11.09 13.37
N TYR B 152 9.30 10.15 14.18
CA TYR B 152 8.76 9.95 15.49
C TYR B 152 9.72 10.60 16.48
N ARG B 153 9.13 11.11 17.55
CA ARG B 153 9.86 11.85 18.53
C ARG B 153 10.78 10.96 19.38
N THR B 154 11.97 11.49 19.63
CA THR B 154 12.86 10.96 20.66
C THR B 154 13.01 12.08 21.71
N ILE B 155 13.24 11.69 22.97
CA ILE B 155 13.12 12.58 24.12
C ILE B 155 14.49 12.96 24.73
N GLU B 156 14.87 14.24 24.61
CA GLU B 156 16.16 14.73 25.13
C GLU B 156 16.38 14.40 26.63
N GLU B 157 15.36 14.65 27.47
CA GLU B 157 15.43 14.36 28.92
C GLU B 157 15.69 12.88 29.27
N GLU B 158 15.41 11.99 28.33
CA GLU B 158 15.62 10.55 28.54
C GLU B 158 16.83 10.07 27.77
N ASP B 159 17.72 11.01 27.43
CA ASP B 159 18.91 10.75 26.61
C ASP B 159 18.51 10.23 25.23
N TRP B 160 17.50 10.89 24.66
CA TRP B 160 17.03 10.65 23.28
C TRP B 160 16.47 9.26 23.00
N GLN B 161 15.73 8.72 23.97
CA GLN B 161 15.03 7.45 23.79
C GLN B 161 13.77 7.79 22.99
N PRO B 162 13.35 6.86 22.11
CA PRO B 162 12.05 6.95 21.43
C PRO B 162 10.85 7.23 22.34
N ASP B 163 9.95 8.05 21.82
CA ASP B 163 8.68 8.35 22.47
C ASP B 163 7.68 7.36 21.83
N ILE B 164 7.39 6.29 22.58
CA ILE B 164 6.56 5.17 22.14
C ILE B 164 5.11 5.57 21.84
N ASP B 165 4.61 6.55 22.56
CA ASP B 165 3.29 7.10 22.28
C ASP B 165 3.33 7.88 20.98
N ASP B 166 4.47 8.53 20.69
CA ASP B 166 4.58 9.25 19.42
C ASP B 166 4.65 8.24 18.26
N ILE B 167 5.35 7.13 18.47
CA ILE B 167 5.40 6.05 17.46
C ILE B 167 3.98 5.52 17.20
N ARG B 168 3.26 5.21 18.26
CA ARG B 168 1.88 4.73 18.20
C ARG B 168 0.99 5.71 17.39
N LYS B 169 1.03 7.01 17.74
CA LYS B 169 0.26 8.07 17.07
C LYS B 169 0.60 8.26 15.57
N LYS B 170 1.88 8.11 15.23
CA LYS B 170 2.38 8.42 13.87
C LYS B 170 2.20 7.25 12.89
N ILE B 171 2.02 6.03 13.42
CA ILE B 171 1.68 4.87 12.58
C ILE B 171 0.40 5.18 11.81
N THR B 172 0.38 4.88 10.51
CA THR B 172 -0.87 4.86 9.76
C THR B 172 -0.89 3.49 9.10
N ASP B 173 -1.94 3.17 8.35
CA ASP B 173 -1.99 1.89 7.64
C ASP B 173 -1.13 1.92 6.37
N ARG B 174 -0.60 3.10 6.02
CA ARG B 174 0.40 3.26 4.94
C ARG B 174 1.87 3.03 5.41
N THR B 175 2.07 2.72 6.70
CA THR B 175 3.42 2.51 7.29
C THR B 175 3.93 1.14 6.90
N LYS B 176 5.08 1.11 6.23
CA LYS B 176 5.67 -0.13 5.74
C LYS B 176 6.85 -0.64 6.57
N ALA B 177 7.42 0.24 7.39
CA ALA B 177 8.45 -0.16 8.36
C ALA B 177 8.68 0.90 9.42
N ILE B 178 9.27 0.47 10.54
CA ILE B 178 9.81 1.36 11.57
C ILE B 178 11.33 1.18 11.54
N ALA B 179 12.04 2.27 11.31
CA ALA B 179 13.50 2.28 11.34
C ALA B 179 13.98 2.62 12.74
N VAL B 180 14.96 1.84 13.18
CA VAL B 180 15.64 2.04 14.46
C VAL B 180 17.12 2.28 14.13
N ILE B 181 17.66 3.39 14.62
CA ILE B 181 19.08 3.75 14.42
C ILE B 181 19.68 3.79 15.81
N ASN B 182 20.35 2.69 16.14
CA ASN B 182 20.79 2.44 17.47
C ASN B 182 22.08 1.60 17.48
N PRO B 183 23.19 2.11 18.06
CA PRO B 183 23.27 3.45 18.66
C PRO B 183 23.01 4.56 17.66
N ASN B 184 22.61 5.72 18.17
CA ASN B 184 22.09 6.78 17.34
C ASN B 184 23.04 7.88 16.86
N ASN B 185 22.83 8.29 15.61
CA ASN B 185 23.41 9.50 15.02
C ASN B 185 22.17 10.32 14.70
N PRO B 186 22.06 11.59 15.15
CA PRO B 186 23.15 12.40 15.76
C PRO B 186 23.28 12.51 17.30
N THR B 187 22.44 11.82 18.07
CA THR B 187 22.33 12.03 19.51
C THR B 187 23.26 11.23 20.39
N GLY B 188 23.69 10.06 19.93
CA GLY B 188 24.48 9.16 20.73
C GLY B 188 23.69 8.28 21.69
N ALA B 189 22.36 8.30 21.59
CA ALA B 189 21.49 7.44 22.41
C ALA B 189 21.79 5.94 22.24
N LEU B 190 21.50 5.17 23.27
CA LEU B 190 21.56 3.73 23.22
C LEU B 190 20.23 3.24 23.75
N TYR B 191 19.47 2.57 22.90
CA TYR B 191 18.15 2.14 23.28
C TYR B 191 18.21 0.91 24.20
N ASP B 192 17.41 0.95 25.25
CA ASP B 192 17.36 -0.17 26.18
C ASP B 192 16.32 -1.18 25.76
N LYS B 193 16.33 -2.32 26.45
CA LYS B 193 15.43 -3.45 26.20
C LYS B 193 13.95 -3.05 26.15
N LYS B 194 13.54 -2.19 27.08
CA LYS B 194 12.16 -1.70 27.19
C LYS B 194 11.67 -0.99 25.90
N THR B 195 12.46 -0.01 25.45
CA THR B 195 12.22 0.75 24.23
C THR B 195 12.08 -0.22 23.06
N LEU B 196 13.06 -1.09 22.91
CA LEU B 196 13.05 -2.06 21.82
C LEU B 196 11.87 -3.00 21.87
N GLU B 197 11.62 -3.60 23.04
CA GLU B 197 10.47 -4.50 23.22
C GLU B 197 9.18 -3.78 22.82
N GLU B 198 9.05 -2.52 23.22
CA GLU B 198 7.83 -1.76 22.94
C GLU B 198 7.63 -1.37 21.48
N ILE B 199 8.72 -1.00 20.80
CA ILE B 199 8.74 -0.74 19.35
C ILE B 199 8.34 -2.00 18.59
N LEU B 200 8.87 -3.14 19.01
CA LEU B 200 8.52 -4.44 18.44
C LEU B 200 7.07 -4.85 18.65
N ASN B 201 6.49 -4.53 19.80
CA ASN B 201 5.08 -4.82 20.04
C ASN B 201 4.21 -4.05 19.06
N ILE B 202 4.45 -2.74 18.94
CA ILE B 202 3.71 -1.87 18.02
C ILE B 202 3.83 -2.35 16.58
N ALA B 203 5.04 -2.71 16.16
CA ALA B 203 5.28 -3.19 14.81
C ALA B 203 4.56 -4.50 14.59
N GLY B 204 4.56 -5.37 15.59
CA GLY B 204 3.83 -6.63 15.55
C GLY B 204 2.31 -6.47 15.41
N GLU B 205 1.74 -5.49 16.13
CA GLU B 205 0.30 -5.19 16.02
C GLU B 205 -0.09 -4.88 14.56
N TYR B 206 0.77 -4.12 13.88
CA TYR B 206 0.46 -3.61 12.57
C TYR B 206 1.10 -4.39 11.47
N GLU B 207 1.75 -5.48 11.87
CA GLU B 207 2.29 -6.48 10.96
C GLU B 207 3.35 -5.89 10.03
N ILE B 208 4.27 -5.09 10.59
CA ILE B 208 5.32 -4.48 9.80
C ILE B 208 6.74 -4.78 10.31
N PRO B 209 7.74 -4.80 9.42
CA PRO B 209 9.11 -5.05 9.84
C PRO B 209 9.76 -3.85 10.51
N VAL B 210 10.73 -4.18 11.34
CA VAL B 210 11.60 -3.21 11.95
C VAL B 210 12.89 -3.27 11.13
N ILE B 211 13.41 -2.10 10.78
CA ILE B 211 14.74 -1.98 10.17
C ILE B 211 15.67 -1.48 11.25
N SER B 212 16.72 -2.22 11.51
CA SER B 212 17.64 -1.88 12.61
C SER B 212 19.02 -1.49 12.08
N ASP B 213 19.38 -0.23 12.26
CA ASP B 213 20.67 0.23 11.77
C ASP B 213 21.66 0.06 12.91
N GLU B 214 22.62 -0.85 12.71
CA GLU B 214 23.51 -1.28 13.80
C GLU B 214 24.98 -0.99 13.51
N ILE B 215 25.23 -0.03 12.62
CA ILE B 215 26.60 0.39 12.24
C ILE B 215 27.54 0.76 13.42
N TYR B 216 27.01 1.39 14.47
CA TYR B 216 27.75 1.80 15.69
C TYR B 216 27.77 0.74 16.80
N ASP B 217 27.33 -0.45 16.44
CA ASP B 217 27.38 -1.68 17.23
C ASP B 217 28.21 -1.67 18.53
N LEU B 218 29.50 -1.85 18.32
CA LEU B 218 30.46 -2.09 19.39
C LEU B 218 31.00 -0.79 19.95
N MET B 219 30.55 0.33 19.39
CA MET B 219 31.02 1.66 19.75
C MET B 219 30.18 2.22 20.91
N THR B 220 30.15 1.48 22.02
CA THR B 220 29.43 1.91 23.24
C THR B 220 30.40 2.18 24.38
N TYR B 221 29.97 3.00 25.33
CA TYR B 221 30.85 3.48 26.40
C TYR B 221 30.60 2.87 27.77
N GLU B 222 29.34 2.74 28.15
CA GLU B 222 28.98 2.01 29.36
C GLU B 222 27.75 1.14 29.11
N GLY B 223 27.95 -0.17 29.11
CA GLY B 223 26.82 -1.06 28.88
C GLY B 223 26.56 -1.34 27.40
N GLU B 224 26.37 -2.62 27.10
CA GLU B 224 26.28 -3.17 25.75
C GLU B 224 25.01 -2.81 24.95
N HIS B 225 25.23 -2.75 23.64
CA HIS B 225 24.18 -2.57 22.65
C HIS B 225 23.30 -3.85 22.65
N ILE B 226 22.01 -3.67 22.39
CA ILE B 226 21.06 -4.77 22.25
C ILE B 226 20.36 -4.59 20.91
N SER B 227 20.37 -5.65 20.11
CA SER B 227 19.72 -5.67 18.80
C SER B 227 18.27 -6.13 18.94
N PRO B 228 17.34 -5.44 18.28
CA PRO B 228 15.95 -5.89 18.21
C PRO B 228 15.78 -7.27 17.57
N GLY B 229 16.75 -7.68 16.75
CA GLY B 229 16.80 -9.06 16.23
C GLY B 229 16.91 -10.14 17.30
N SER B 230 17.48 -9.78 18.45
CA SER B 230 17.67 -10.69 19.59
C SER B 230 16.37 -10.89 20.34
N LEU B 231 15.53 -9.86 20.29
CA LEU B 231 14.39 -9.74 21.15
C LEU B 231 13.08 -10.13 20.48
N THR B 232 13.04 -10.03 19.15
CA THR B 232 11.79 -10.33 18.44
C THR B 232 11.41 -11.79 18.55
N LYS B 233 10.10 -12.02 18.50
CA LYS B 233 9.54 -13.37 18.47
C LYS B 233 8.92 -13.59 17.09
N ASP B 234 7.90 -12.80 16.76
CA ASP B 234 7.21 -12.87 15.46
C ASP B 234 7.62 -11.78 14.46
N VAL B 235 7.85 -10.57 14.95
CA VAL B 235 8.13 -9.39 14.12
C VAL B 235 9.40 -9.61 13.29
N PRO B 236 9.33 -9.44 11.97
CA PRO B 236 10.53 -9.59 11.16
C PRO B 236 11.43 -8.36 11.34
N VAL B 237 12.72 -8.61 11.53
CA VAL B 237 13.72 -7.56 11.67
C VAL B 237 14.70 -7.64 10.51
N ILE B 238 15.03 -6.49 9.94
CA ILE B 238 16.09 -6.40 8.93
C ILE B 238 17.21 -5.63 9.55
N VAL B 239 18.29 -6.36 9.82
CA VAL B 239 19.45 -5.80 10.44
C VAL B 239 20.43 -5.39 9.35
N MET B 240 20.96 -4.18 9.51
CA MET B 240 22.02 -3.65 8.64
C MET B 240 23.26 -3.33 9.46
N ASN B 241 24.43 -3.61 8.90
CA ASN B 241 25.70 -3.33 9.59
C ASN B 241 26.78 -3.24 8.52
N GLY B 242 28.02 -2.94 8.93
CA GLY B 242 29.14 -2.85 8.00
C GLY B 242 30.46 -2.43 8.61
N LEU B 243 31.44 -2.18 7.72
CA LEU B 243 32.83 -1.90 8.14
C LEU B 243 33.16 -0.43 8.35
N SER B 244 32.23 0.45 8.02
CA SER B 244 32.54 1.89 8.02
C SER B 244 32.98 2.47 9.37
N LYS B 245 32.27 2.12 10.44
CA LYS B 245 32.50 2.80 11.72
C LYS B 245 33.29 1.96 12.74
N VAL B 246 32.77 0.78 13.05
CA VAL B 246 33.38 -0.17 13.99
C VAL B 246 34.74 -0.69 13.51
N TYR B 247 34.92 -0.73 12.19
CA TYR B 247 36.16 -1.24 11.55
C TYR B 247 36.91 -0.15 10.80
N PHE B 248 36.48 1.09 10.99
CA PHE B 248 37.14 2.31 10.48
C PHE B 248 37.53 2.22 9.02
N ALA B 249 36.57 1.82 8.18
CA ALA B 249 36.78 1.53 6.76
C ALA B 249 35.67 2.16 5.92
N THR B 250 35.50 3.46 6.14
CA THR B 250 34.48 4.27 5.49
C THR B 250 34.61 4.32 3.94
N GLY B 251 35.84 4.46 3.45
CA GLY B 251 36.11 4.55 2.01
C GLY B 251 36.12 3.25 1.24
N TRP B 252 35.87 2.14 1.93
CA TRP B 252 35.84 0.79 1.36
C TRP B 252 34.44 0.34 0.95
N ARG B 253 33.43 1.05 1.44
CA ARG B 253 32.04 0.92 0.96
C ARG B 253 31.53 -0.53 1.02
N LEU B 254 31.63 -1.13 2.19
CA LEU B 254 31.22 -2.52 2.34
C LEU B 254 30.38 -2.75 3.61
N GLY B 255 29.33 -3.54 3.46
CA GLY B 255 28.41 -3.77 4.55
C GLY B 255 27.56 -4.99 4.26
N TYR B 256 26.50 -5.14 5.04
CA TYR B 256 25.59 -6.25 4.89
C TYR B 256 24.26 -6.00 5.53
N MET B 257 23.32 -6.87 5.23
CA MET B 257 22.03 -6.91 5.89
C MET B 257 21.67 -8.39 6.17
N TYR B 258 20.82 -8.61 7.16
CA TYR B 258 20.31 -9.95 7.38
C TYR B 258 18.89 -9.90 7.92
N PHE B 259 18.18 -11.00 7.74
CA PHE B 259 16.78 -11.06 8.12
C PHE B 259 16.60 -11.98 9.31
N VAL B 260 15.95 -11.46 10.35
CA VAL B 260 15.47 -12.27 11.48
C VAL B 260 13.97 -12.32 11.25
N ASP B 261 13.51 -13.47 10.79
CA ASP B 261 12.17 -13.64 10.28
C ASP B 261 11.83 -15.13 10.33
N PRO B 262 11.63 -15.70 11.51
CA PRO B 262 11.34 -17.15 11.61
C PRO B 262 10.08 -17.60 10.82
N GLU B 263 8.98 -16.84 10.90
CA GLU B 263 7.72 -17.15 10.18
C GLU B 263 7.74 -16.86 8.66
N ASN B 264 8.91 -16.54 8.11
CA ASN B 264 9.09 -16.23 6.68
C ASN B 264 8.10 -15.19 6.09
N LYS B 265 7.77 -14.19 6.92
CA LYS B 265 6.86 -13.10 6.53
C LYS B 265 7.41 -12.16 5.46
N LEU B 266 8.74 -12.07 5.34
CA LEU B 266 9.38 -11.21 4.34
C LEU B 266 9.78 -11.88 3.04
N SER B 267 9.27 -13.10 2.77
CA SER B 267 9.76 -13.83 1.57
C SER B 267 9.55 -13.11 0.24
N GLU B 268 8.42 -12.40 0.10
CA GLU B 268 8.19 -11.55 -1.08
C GLU B 268 9.19 -10.37 -1.12
N VAL B 269 9.33 -9.64 -0.03
CA VAL B 269 10.32 -8.56 0.08
C VAL B 269 11.76 -9.06 -0.21
N ARG B 270 12.12 -10.22 0.31
CA ARG B 270 13.47 -10.77 0.10
C ARG B 270 13.68 -11.06 -1.38
N GLU B 271 12.64 -11.63 -2.01
CA GLU B 271 12.66 -11.89 -3.45
C GLU B 271 12.81 -10.59 -4.26
N ALA B 272 12.14 -9.53 -3.82
CA ALA B 272 12.30 -8.21 -4.43
C ALA B 272 13.75 -7.68 -4.24
N ILE B 273 14.29 -7.83 -3.04
CA ILE B 273 15.68 -7.43 -2.76
C ILE B 273 16.67 -8.16 -3.68
N ASP B 274 16.46 -9.46 -3.86
CA ASP B 274 17.27 -10.27 -4.78
C ASP B 274 17.26 -9.86 -6.26
N ARG B 275 16.11 -9.45 -6.78
CA ARG B 275 15.98 -8.90 -8.15
C ARG B 275 16.79 -7.61 -8.32
N LEU B 276 16.65 -6.70 -7.36
CA LEU B 276 17.40 -5.45 -7.33
C LEU B 276 18.90 -5.66 -7.18
N ALA B 277 19.30 -6.58 -6.31
CA ALA B 277 20.71 -6.98 -6.17
C ALA B 277 21.30 -7.56 -7.45
N ARG B 278 20.54 -8.37 -8.18
CA ARG B 278 21.05 -9.06 -9.38
C ARG B 278 21.37 -8.10 -10.50
N ILE B 279 20.47 -7.14 -10.71
CA ILE B 279 20.60 -6.18 -11.79
C ILE B 279 21.75 -5.20 -11.58
N ARG B 280 22.09 -4.94 -10.32
CA ARG B 280 23.18 -4.05 -9.92
C ARG B 280 24.55 -4.80 -9.90
N LEU B 281 24.49 -6.10 -10.17
CA LEU B 281 25.66 -7.01 -10.29
C LEU B 281 26.21 -7.49 -8.93
N CYS B 282 27.10 -6.71 -8.30
CA CYS B 282 27.68 -7.08 -7.00
C CYS B 282 28.38 -5.91 -6.27
N PRO B 283 28.72 -6.08 -4.98
CA PRO B 283 29.59 -5.11 -4.33
C PRO B 283 31.08 -5.40 -4.61
N ASN B 284 31.98 -4.64 -4.00
CA ASN B 284 33.42 -4.80 -4.20
C ASN B 284 33.90 -6.21 -3.78
N THR B 285 34.60 -6.91 -4.66
CA THR B 285 35.12 -8.24 -4.32
C THR B 285 36.25 -8.25 -3.27
N PRO B 286 37.42 -7.63 -3.53
CA PRO B 286 38.54 -7.72 -2.60
C PRO B 286 38.24 -7.19 -1.19
N ALA B 287 37.38 -6.16 -1.09
CA ALA B 287 36.97 -5.62 0.23
C ALA B 287 36.29 -6.68 1.10
N GLN B 288 35.67 -7.67 0.46
CA GLN B 288 34.97 -8.75 1.16
C GLN B 288 35.93 -9.75 1.83
N PHE B 289 37.17 -9.80 1.37
CA PHE B 289 38.24 -10.54 2.07
C PHE B 289 38.70 -9.77 3.28
N ALA B 290 38.76 -8.44 3.14
CA ALA B 290 39.07 -7.54 4.25
C ALA B 290 38.00 -7.67 5.35
N ALA B 291 36.74 -7.81 4.94
CA ALA B 291 35.61 -7.97 5.83
C ALA B 291 35.66 -9.30 6.58
N ILE B 292 36.04 -10.37 5.89
CA ILE B 292 36.25 -11.69 6.54
C ILE B 292 37.32 -11.53 7.64
N ALA B 293 38.41 -10.85 7.31
CA ALA B 293 39.49 -10.58 8.27
C ALA B 293 39.03 -9.76 9.49
N GLY B 294 38.21 -8.73 9.27
CA GLY B 294 37.65 -7.91 10.36
C GLY B 294 36.67 -8.64 11.27
N LEU B 295 35.82 -9.46 10.64
CA LEU B 295 34.81 -10.21 11.35
C LEU B 295 35.33 -11.42 12.14
N THR B 296 36.27 -12.17 11.54
CA THR B 296 36.90 -13.34 12.18
C THR B 296 38.27 -13.05 12.85
N GLY B 297 38.70 -11.81 12.86
CA GLY B 297 40.04 -11.49 13.35
C GLY B 297 40.06 -11.01 14.78
N PRO B 298 41.25 -10.63 15.27
CA PRO B 298 41.38 -10.12 16.64
C PRO B 298 40.82 -8.72 16.81
N MET B 299 40.06 -8.52 17.89
CA MET B 299 39.39 -7.24 18.13
C MET B 299 40.20 -6.27 19.01
N ASP B 300 41.51 -6.49 19.10
CA ASP B 300 42.41 -5.69 19.95
C ASP B 300 42.50 -4.25 19.53
N TYR B 301 42.52 -4.04 18.21
CA TYR B 301 42.46 -2.72 17.60
C TYR B 301 41.31 -1.86 18.20
N LEU B 302 40.14 -2.48 18.38
CA LEU B 302 38.92 -1.78 18.81
C LEU B 302 39.00 -1.35 20.28
N LYS B 303 39.45 -2.27 21.13
CA LYS B 303 39.74 -2.01 22.55
C LYS B 303 40.53 -0.68 22.72
N GLU B 304 41.58 -0.52 21.92
CA GLU B 304 42.48 0.63 21.96
C GLU B 304 41.82 1.91 21.45
N TYR B 305 41.06 1.82 20.35
CA TYR B 305 40.31 2.98 19.82
C TYR B 305 39.19 3.45 20.74
N MET B 306 38.47 2.48 21.32
CA MET B 306 37.40 2.76 22.26
C MET B 306 37.87 3.50 23.50
N LYS B 307 39.07 3.15 24.00
CA LYS B 307 39.69 3.79 25.16
C LYS B 307 39.81 5.30 24.95
N LYS B 308 40.47 5.68 23.86
CA LYS B 308 40.67 7.09 23.51
C LYS B 308 39.35 7.79 23.18
N LEU B 309 38.44 7.08 22.50
CA LEU B 309 37.11 7.62 22.19
C LEU B 309 36.27 7.92 23.43
N LYS B 310 36.31 7.02 24.42
CA LYS B 310 35.67 7.26 25.72
C LYS B 310 36.24 8.48 26.42
N GLU B 311 37.57 8.64 26.41
CA GLU B 311 38.28 9.84 26.94
C GLU B 311 37.76 11.13 26.27
N ARG B 312 37.51 11.04 24.96
CA ARG B 312 37.09 12.19 24.13
C ARG B 312 35.61 12.54 24.38
N ARG B 313 34.81 11.49 24.60
CA ARG B 313 33.41 11.63 24.98
C ARG B 313 33.33 12.37 26.32
N ASP B 314 34.02 11.83 27.33
CA ASP B 314 34.04 12.41 28.67
C ASP B 314 34.49 13.86 28.61
N TYR B 315 35.55 14.13 27.85
CA TYR B 315 36.08 15.48 27.73
C TYR B 315 35.11 16.47 27.12
N ILE B 316 34.63 16.21 25.91
CA ILE B 316 33.71 17.16 25.26
C ILE B 316 32.39 17.35 26.06
N TYR B 317 31.89 16.28 26.70
CA TYR B 317 30.67 16.36 27.52
C TYR B 317 30.90 17.31 28.69
N LYS B 318 32.03 17.11 29.38
CA LYS B 318 32.45 17.93 30.50
C LYS B 318 32.62 19.39 30.10
N ARG B 319 33.26 19.64 28.97
CA ARG B 319 33.49 21.00 28.48
C ARG B 319 32.21 21.72 28.07
N LEU B 320 31.34 21.04 27.33
CA LEU B 320 30.07 21.63 26.88
C LEU B 320 29.11 21.98 28.01
N ASN B 321 29.07 21.15 29.07
CA ASN B 321 28.17 21.41 30.22
C ASN B 321 28.63 22.50 31.19
N GLU B 322 29.92 22.81 31.17
CA GLU B 322 30.43 23.89 31.99
C GLU B 322 30.39 25.24 31.24
N ILE B 323 29.85 25.23 30.01
CA ILE B 323 29.59 26.47 29.27
C ILE B 323 28.13 26.90 29.51
N PRO B 324 27.96 28.06 30.15
CA PRO B 324 26.63 28.64 30.38
C PRO B 324 25.90 28.94 29.07
N GLY B 325 24.62 28.59 29.00
CA GLY B 325 23.84 28.72 27.76
C GLY B 325 23.86 27.50 26.84
N ILE B 326 24.56 26.44 27.26
CA ILE B 326 24.65 25.17 26.54
C ILE B 326 24.45 24.02 27.53
N SER B 327 23.64 23.04 27.12
CA SER B 327 23.48 21.79 27.86
C SER B 327 23.48 20.64 26.87
N THR B 328 23.82 19.44 27.34
CA THR B 328 23.81 18.26 26.50
C THR B 328 23.74 16.96 27.29
N THR B 329 23.16 15.95 26.66
CA THR B 329 23.22 14.58 27.17
C THR B 329 24.62 14.01 27.04
N LYS B 330 24.85 12.93 27.75
CA LYS B 330 26.04 12.15 27.64
C LYS B 330 25.78 11.05 26.62
N PRO B 331 26.48 11.05 25.47
CA PRO B 331 26.31 10.01 24.45
C PRO B 331 26.73 8.65 24.98
N GLN B 332 25.93 7.63 24.72
CA GLN B 332 26.27 6.28 25.16
C GLN B 332 26.90 5.48 24.06
N GLY B 333 26.75 5.95 22.82
CA GLY B 333 27.29 5.26 21.65
C GLY B 333 27.67 6.21 20.54
N ALA B 334 28.25 5.63 19.47
CA ALA B 334 28.73 6.37 18.30
C ALA B 334 29.76 7.43 18.72
N PHE B 335 29.97 8.45 17.91
CA PHE B 335 30.94 9.47 18.27
C PHE B 335 30.46 10.89 18.08
N TYR B 336 29.16 11.11 18.36
CA TYR B 336 28.51 12.42 18.23
C TYR B 336 27.99 12.84 19.60
N ILE B 337 27.91 14.16 19.81
CA ILE B 337 27.21 14.79 20.94
C ILE B 337 26.29 15.84 20.33
N PHE B 338 25.11 16.06 20.92
CA PHE B 338 24.05 16.87 20.29
C PHE B 338 23.49 17.99 21.23
N PRO B 339 24.31 18.99 21.56
CA PRO B 339 23.92 19.98 22.55
C PRO B 339 22.75 20.88 22.19
N LYS B 340 22.08 21.38 23.22
CA LYS B 340 21.00 22.34 23.12
C LYS B 340 21.57 23.74 23.32
N ILE B 341 21.16 24.66 22.46
CA ILE B 341 21.51 26.07 22.62
C ILE B 341 20.37 26.65 23.46
N GLU B 342 20.59 26.65 24.78
CA GLU B 342 19.61 27.07 25.77
C GLU B 342 19.17 28.55 25.66
N VAL B 343 20.12 29.43 25.38
CA VAL B 343 19.86 30.89 25.32
C VAL B 343 20.79 31.59 24.30
N GLY B 344 20.31 32.66 23.67
CA GLY B 344 21.16 33.47 22.77
C GLY B 344 20.48 34.32 21.69
N PRO B 345 21.24 35.24 21.09
CA PRO B 345 20.72 36.21 20.12
C PRO B 345 20.24 35.67 18.77
N TRP B 346 20.70 34.47 18.40
CA TRP B 346 20.38 33.84 17.12
C TRP B 346 18.89 33.50 16.90
N LYS B 347 18.43 33.75 15.68
CA LYS B 347 17.05 33.46 15.25
C LYS B 347 16.82 31.95 15.13
N ASN B 348 17.86 31.22 14.71
CA ASN B 348 17.82 29.78 14.48
C ASN B 348 19.21 29.17 14.64
N ASP B 349 19.30 27.83 14.63
CA ASP B 349 20.58 27.13 14.80
C ASP B 349 21.51 27.19 13.58
N LYS B 350 20.95 27.48 12.42
CA LYS B 350 21.71 27.68 11.19
C LYS B 350 22.61 28.92 11.33
N GLU B 351 21.99 30.04 11.74
CA GLU B 351 22.67 31.30 11.98
C GLU B 351 23.73 31.19 13.08
N PHE B 352 23.41 30.43 14.14
CA PHE B 352 24.34 30.11 15.25
C PHE B 352 25.64 29.43 14.79
N VAL B 353 25.50 28.41 13.94
CA VAL B 353 26.62 27.62 13.45
C VAL B 353 27.54 28.45 12.53
N LEU B 354 26.92 29.32 11.75
CA LEU B 354 27.66 30.25 10.90
C LEU B 354 28.39 31.30 11.73
N ASP B 355 27.80 31.70 12.86
CA ASP B 355 28.43 32.59 13.81
C ASP B 355 29.70 31.98 14.41
N VAL B 356 29.59 30.71 14.84
CA VAL B 356 30.71 29.98 15.44
C VAL B 356 31.82 29.74 14.40
N LEU B 357 31.42 29.47 13.17
CA LEU B 357 32.36 29.25 12.08
C LEU B 357 33.20 30.53 11.84
N HIS B 358 32.53 31.65 11.59
CA HIS B 358 33.20 32.90 11.24
C HIS B 358 34.06 33.48 12.35
N ASN B 359 33.60 33.34 13.59
CA ASN B 359 34.21 34.00 14.73
C ASN B 359 35.02 33.12 15.69
N ALA B 360 34.69 31.84 15.75
CA ALA B 360 35.48 30.91 16.56
C ALA B 360 36.29 29.94 15.70
N HIS B 361 36.08 29.95 14.38
CA HIS B 361 36.75 29.03 13.45
C HIS B 361 36.61 27.55 13.86
N VAL B 362 35.39 27.19 14.29
CA VAL B 362 35.00 25.83 14.67
C VAL B 362 33.74 25.51 13.89
N LEU B 363 33.70 24.32 13.28
CA LEU B 363 32.57 23.95 12.43
C LEU B 363 31.73 22.84 13.05
N PHE B 364 30.47 23.16 13.35
CA PHE B 364 29.48 22.17 13.78
C PHE B 364 28.51 21.88 12.65
N VAL B 365 27.49 21.06 12.92
CA VAL B 365 26.33 20.91 12.02
C VAL B 365 25.11 21.47 12.77
N HIS B 366 24.33 22.32 12.09
CA HIS B 366 23.10 22.89 12.67
C HIS B 366 22.06 21.81 12.96
N GLY B 367 21.57 21.78 14.19
CA GLY B 367 20.61 20.79 14.64
C GLY B 367 19.43 20.59 13.71
N SER B 368 18.91 21.68 13.15
CA SER B 368 17.71 21.61 12.32
C SER B 368 17.93 20.88 10.99
N GLY B 369 19.19 20.61 10.66
CA GLY B 369 19.54 19.74 9.53
C GLY B 369 19.26 18.28 9.83
N PHE B 370 18.85 18.00 11.06
CA PHE B 370 18.40 16.66 11.48
C PHE B 370 16.89 16.67 11.77
N GLY B 371 16.15 17.46 10.99
CA GLY B 371 14.70 17.62 11.15
C GLY B 371 14.25 18.50 12.31
N GLU B 372 12.93 18.63 12.45
CA GLU B 372 12.28 19.50 13.44
C GLU B 372 12.69 19.28 14.91
N TYR B 373 12.93 18.03 15.29
CA TYR B 373 13.37 17.72 16.66
C TYR B 373 14.83 18.07 16.92
N GLY B 374 15.57 18.38 15.84
CA GLY B 374 16.93 18.87 15.94
C GLY B 374 17.04 20.38 16.09
N ALA B 375 16.00 21.15 15.76
CA ALA B 375 16.05 22.64 15.90
C ALA B 375 16.54 23.09 17.28
N GLY B 376 17.28 24.19 17.31
CA GLY B 376 17.82 24.73 18.57
C GLY B 376 18.90 23.85 19.17
N HIS B 377 19.46 22.96 18.35
CA HIS B 377 20.58 22.12 18.75
C HIS B 377 21.73 22.21 17.76
N PHE B 378 22.86 21.60 18.11
CA PHE B 378 23.90 21.42 17.12
C PHE B 378 24.53 20.06 17.28
N ARG B 379 25.21 19.57 16.25
CA ARG B 379 25.91 18.28 16.37
C ARG B 379 27.44 18.46 16.26
N ALA B 380 28.15 17.91 17.24
CA ALA B 380 29.61 17.92 17.23
C ALA B 380 30.11 16.49 17.28
N VAL B 381 31.23 16.25 16.61
CA VAL B 381 31.92 14.98 16.65
C VAL B 381 33.06 15.07 17.69
N PHE B 382 33.28 14.00 18.47
CA PHE B 382 34.44 13.97 19.39
C PHE B 382 35.56 13.05 18.93
N LEU B 383 35.69 12.94 17.61
CA LEU B 383 36.74 12.16 16.98
C LEU B 383 38.19 12.73 17.11
N PRO B 384 38.38 14.05 17.14
CA PRO B 384 39.74 14.62 17.27
C PRO B 384 40.33 14.35 18.64
N PRO B 385 41.66 14.32 18.75
CA PRO B 385 42.33 14.20 20.07
C PRO B 385 41.96 15.32 21.03
N ILE B 386 42.10 15.03 22.33
CA ILE B 386 41.77 15.97 23.41
C ILE B 386 42.35 17.37 23.16
N GLU B 387 43.61 17.43 22.68
CA GLU B 387 44.29 18.69 22.35
C GLU B 387 43.50 19.53 21.34
N ILE B 388 42.95 18.88 20.33
CA ILE B 388 42.14 19.59 19.33
C ILE B 388 40.79 20.01 19.93
N LEU B 389 40.15 19.12 20.70
CA LEU B 389 38.89 19.42 21.41
C LEU B 389 39.03 20.57 22.41
N GLU B 390 40.15 20.56 23.16
CA GLU B 390 40.49 21.62 24.12
C GLU B 390 40.57 22.96 23.43
N GLU B 391 41.26 23.02 22.29
CA GLU B 391 41.35 24.27 21.55
C GLU B 391 39.96 24.71 21.06
N ALA B 392 39.23 23.77 20.47
CA ALA B 392 37.87 23.98 19.99
C ALA B 392 36.95 24.48 21.11
N MET B 393 36.98 23.80 22.25
CA MET B 393 36.13 24.19 23.38
C MET B 393 36.51 25.50 24.05
N ASP B 394 37.81 25.83 24.08
CA ASP B 394 38.29 27.11 24.63
C ASP B 394 37.74 28.27 23.82
N ARG B 395 37.88 28.15 22.50
CA ARG B 395 37.35 29.14 21.55
C ARG B 395 35.84 29.29 21.64
N PHE B 396 35.13 28.16 21.69
CA PHE B 396 33.68 28.13 21.77
C PHE B 396 33.17 28.69 23.10
N GLU B 397 33.85 28.35 24.19
CA GLU B 397 33.59 28.95 25.51
C GLU B 397 33.74 30.49 25.48
N LYS B 398 34.82 30.97 24.87
CA LYS B 398 35.07 32.41 24.68
C LYS B 398 33.97 33.07 23.86
N PHE B 399 33.58 32.40 22.77
CA PHE B 399 32.56 32.89 21.85
C PHE B 399 31.19 33.04 22.52
N MET B 400 30.87 32.11 23.42
CA MET B 400 29.59 32.06 24.09
C MET B 400 29.49 33.11 25.20
N LYS B 401 30.60 33.33 25.89
CA LYS B 401 30.70 34.31 26.97
C LYS B 401 30.46 35.71 26.44
N GLU B 402 31.01 35.99 25.25
CA GLU B 402 30.82 37.29 24.59
C GLU B 402 29.37 37.53 24.12
N ARG B 403 28.75 36.52 23.51
CA ARG B 403 27.45 36.66 22.82
C ARG B 403 26.22 36.98 23.68
N ARG C 11 -8.72 6.80 20.69
CA ARG C 11 -7.92 6.26 19.55
C ARG C 11 -8.70 5.43 18.53
N ALA C 12 -8.90 6.03 17.35
CA ALA C 12 -9.63 5.37 16.28
C ALA C 12 -8.79 4.38 15.50
N SER C 13 -9.46 3.55 14.73
CA SER C 13 -8.85 2.64 13.78
C SER C 13 -7.97 3.38 12.79
N LYS C 14 -6.81 2.82 12.49
CA LYS C 14 -5.93 3.43 11.49
C LYS C 14 -6.60 3.35 10.14
N ARG C 15 -7.12 2.17 9.80
CA ARG C 15 -7.78 1.99 8.50
C ARG C 15 -9.01 2.87 8.28
N ALA C 16 -9.85 3.05 9.30
CA ALA C 16 -11.01 3.94 9.21
C ALA C 16 -10.62 5.39 8.99
N LEU C 17 -9.55 5.85 9.65
CA LEU C 17 -9.06 7.23 9.53
C LEU C 17 -8.44 7.52 8.16
N SER C 18 -8.02 6.48 7.47
CA SER C 18 -7.42 6.61 6.13
C SER C 18 -8.45 6.57 4.98
N VAL C 19 -9.72 6.39 5.32
CA VAL C 19 -10.78 6.30 4.33
C VAL C 19 -11.06 7.70 3.76
N GLU C 20 -10.79 7.86 2.47
CA GLU C 20 -10.90 9.15 1.79
C GLU C 20 -12.17 9.23 0.94
N TYR C 21 -12.65 10.45 0.71
CA TYR C 21 -13.78 10.68 -0.18
C TYR C 21 -13.72 12.11 -0.75
N ALA C 22 -12.74 12.33 -1.64
CA ALA C 22 -12.40 13.66 -2.17
C ALA C 22 -13.49 14.29 -3.05
N ILE C 23 -14.24 13.45 -3.76
CA ILE C 23 -15.39 13.89 -4.58
C ILE C 23 -16.30 14.90 -3.83
N ARG C 24 -16.67 14.57 -2.59
CA ARG C 24 -17.48 15.44 -1.74
C ARG C 24 -16.67 16.60 -1.13
N ASP C 25 -15.34 16.47 -1.14
CA ASP C 25 -14.42 17.49 -0.62
C ASP C 25 -14.42 18.73 -1.54
N VAL C 26 -15.61 19.29 -1.74
CA VAL C 26 -15.86 20.50 -2.53
C VAL C 26 -17.23 21.11 -2.21
N VAL C 27 -18.09 20.32 -1.54
CA VAL C 27 -19.46 20.73 -1.18
C VAL C 27 -19.57 21.86 -0.13
N LEU C 28 -18.56 21.97 0.73
CA LEU C 28 -18.48 23.02 1.76
C LEU C 28 -18.39 24.45 1.19
N PRO C 29 -17.43 24.74 0.30
CA PRO C 29 -17.36 26.07 -0.36
C PRO C 29 -18.66 26.53 -1.04
N ALA C 30 -19.43 25.59 -1.58
CA ALA C 30 -20.71 25.90 -2.23
C ALA C 30 -21.81 26.33 -1.26
N ARG C 31 -21.85 25.70 -0.08
CA ARG C 31 -22.79 26.05 0.98
C ARG C 31 -22.52 27.45 1.56
N GLU C 32 -21.23 27.83 1.57
CA GLU C 32 -20.78 29.15 2.02
C GLU C 32 -21.23 30.28 1.07
N LEU C 33 -21.17 30.04 -0.24
CA LEU C 33 -21.67 31.00 -1.25
C LEU C 33 -23.18 31.22 -1.15
N GLU C 34 -23.92 30.13 -0.97
CA GLU C 34 -25.39 30.20 -0.83
C GLU C 34 -25.83 30.99 0.41
N LYS C 35 -25.06 30.87 1.49
CA LYS C 35 -25.26 31.64 2.72
C LYS C 35 -25.19 33.15 2.44
N LYS C 36 -24.33 33.53 1.48
CA LYS C 36 -24.19 34.93 1.01
C LYS C 36 -25.28 35.32 0.00
N GLY C 37 -26.27 34.43 -0.20
CA GLY C 37 -27.36 34.65 -1.15
C GLY C 37 -26.99 34.44 -2.62
N ILE C 38 -25.82 33.86 -2.87
CA ILE C 38 -25.38 33.54 -4.24
C ILE C 38 -25.91 32.13 -4.61
N LYS C 39 -26.67 32.03 -5.70
CA LYS C 39 -27.22 30.75 -6.14
C LYS C 39 -26.19 29.98 -6.95
N VAL C 40 -26.15 28.67 -6.72
CA VAL C 40 -25.18 27.78 -7.36
C VAL C 40 -25.87 26.69 -8.14
N ILE C 41 -25.35 26.39 -9.32
CA ILE C 41 -25.84 25.24 -10.07
C ILE C 41 -24.93 24.05 -9.75
N ARG C 42 -25.54 22.99 -9.22
CA ARG C 42 -24.84 21.81 -8.77
C ARG C 42 -24.83 20.76 -9.88
N LEU C 43 -23.64 20.55 -10.45
CA LEU C 43 -23.46 19.57 -11.50
C LEU C 43 -22.54 18.43 -10.99
N ASN C 44 -22.43 18.33 -9.66
CA ASN C 44 -21.49 17.43 -8.99
C ASN C 44 -22.09 16.14 -8.37
N ILE C 45 -23.42 16.08 -8.26
CA ILE C 45 -24.09 14.97 -7.60
C ILE C 45 -24.87 14.08 -8.59
N GLY C 46 -24.52 12.81 -8.59
CA GLY C 46 -25.13 11.83 -9.48
C GLY C 46 -26.44 11.31 -8.95
N ASP C 47 -27.32 12.19 -8.49
CA ASP C 47 -28.59 11.74 -7.95
C ASP C 47 -29.75 12.29 -8.79
N PRO C 48 -30.33 11.43 -9.65
CA PRO C 48 -31.40 11.86 -10.55
C PRO C 48 -32.64 12.37 -9.80
N VAL C 49 -32.93 11.81 -8.63
CA VAL C 49 -34.09 12.19 -7.82
C VAL C 49 -34.01 13.63 -7.25
N LYS C 50 -32.81 14.22 -7.24
CA LYS C 50 -32.65 15.64 -6.91
C LYS C 50 -33.14 16.55 -8.05
N PHE C 51 -33.36 15.96 -9.23
CA PHE C 51 -33.85 16.70 -10.40
C PHE C 51 -35.27 16.29 -10.78
N ASP C 52 -35.61 16.18 -12.06
CA ASP C 52 -37.00 15.85 -12.42
C ASP C 52 -37.21 14.37 -12.75
N PHE C 53 -36.74 13.51 -11.86
CA PHE C 53 -36.84 12.05 -12.04
C PHE C 53 -37.34 11.46 -10.75
N GLN C 54 -38.28 10.53 -10.86
CA GLN C 54 -38.82 9.85 -9.72
C GLN C 54 -38.93 8.37 -10.07
N PRO C 55 -38.92 7.48 -9.07
CA PRO C 55 -39.24 6.08 -9.34
C PRO C 55 -40.66 6.00 -9.91
N PRO C 56 -40.91 5.13 -10.89
CA PRO C 56 -42.20 5.11 -11.56
C PRO C 56 -43.32 4.78 -10.58
N GLU C 57 -44.52 5.23 -10.92
CA GLU C 57 -45.72 5.09 -10.08
C GLU C 57 -46.02 3.67 -9.64
N HIS C 58 -45.88 2.71 -10.53
CA HIS C 58 -46.16 1.32 -10.16
C HIS C 58 -45.21 0.76 -9.09
N MET C 59 -43.99 1.29 -9.00
CA MET C 59 -42.99 0.90 -7.97
C MET C 59 -43.29 1.54 -6.60
N LYS C 60 -43.55 2.85 -6.61
CA LYS C 60 -44.07 3.58 -5.45
C LYS C 60 -45.30 2.89 -4.80
N GLU C 61 -46.30 2.58 -5.63
CA GLU C 61 -47.55 1.97 -5.20
C GLU C 61 -47.32 0.60 -4.55
N ALA C 62 -46.48 -0.23 -5.20
CA ALA C 62 -46.09 -1.55 -4.63
C ALA C 62 -45.38 -1.39 -3.28
N TYR C 63 -44.55 -0.35 -3.15
CA TYR C 63 -43.84 -0.03 -1.90
C TYR C 63 -44.86 0.26 -0.79
N CYS C 64 -45.73 1.25 -1.03
CA CYS C 64 -46.80 1.64 -0.11
C CYS C 64 -47.74 0.49 0.21
N LYS C 65 -48.09 -0.28 -0.82
CA LYS C 65 -48.93 -1.46 -0.66
C LYS C 65 -48.29 -2.47 0.30
N ALA C 66 -47.00 -2.74 0.13
CA ALA C 66 -46.25 -3.64 1.01
C ALA C 66 -46.30 -3.22 2.49
N ILE C 67 -46.12 -1.93 2.76
CA ILE C 67 -46.22 -1.38 4.11
C ILE C 67 -47.62 -1.62 4.72
N LYS C 68 -48.66 -1.17 4.01
CA LYS C 68 -50.05 -1.31 4.48
C LYS C 68 -50.45 -2.77 4.68
N GLU C 69 -49.97 -3.65 3.80
CA GLU C 69 -50.27 -5.08 3.92
C GLU C 69 -49.37 -5.83 4.93
N GLY C 70 -48.65 -5.08 5.75
CA GLY C 70 -47.89 -5.65 6.86
C GLY C 70 -46.55 -6.29 6.56
N HIS C 71 -45.97 -6.00 5.40
CA HIS C 71 -44.67 -6.58 5.04
C HIS C 71 -43.50 -5.76 5.62
N ASN C 72 -43.46 -5.71 6.95
CA ASN C 72 -42.59 -4.82 7.73
C ASN C 72 -41.67 -5.52 8.72
N TYR C 73 -41.57 -6.84 8.56
CA TYR C 73 -40.70 -7.73 9.34
C TYR C 73 -39.30 -7.95 8.71
N TYR C 74 -38.40 -8.58 9.45
CA TYR C 74 -37.10 -9.02 8.91
C TYR C 74 -37.37 -10.05 7.81
N GLY C 75 -36.76 -9.87 6.64
CA GLY C 75 -36.85 -10.86 5.59
C GLY C 75 -35.69 -11.82 5.75
N ASP C 76 -35.71 -12.91 4.99
CA ASP C 76 -34.56 -13.79 4.90
C ASP C 76 -33.33 -12.95 4.49
N SER C 77 -32.18 -13.32 5.03
CA SER C 77 -30.95 -12.58 4.84
C SER C 77 -30.46 -12.58 3.38
N GLU C 78 -30.86 -13.58 2.61
CA GLU C 78 -30.56 -13.69 1.17
C GLU C 78 -31.48 -12.86 0.29
N GLY C 79 -32.57 -12.36 0.88
CA GLY C 79 -33.60 -11.55 0.20
C GLY C 79 -34.83 -12.39 -0.07
N LEU C 80 -35.97 -11.74 -0.25
CA LEU C 80 -37.24 -12.46 -0.44
C LEU C 80 -37.17 -13.32 -1.69
N PRO C 81 -37.62 -14.58 -1.58
CA PRO C 81 -37.55 -15.53 -2.69
C PRO C 81 -38.26 -15.02 -3.94
N GLU C 82 -39.35 -14.24 -3.77
CA GLU C 82 -40.08 -13.67 -4.91
C GLU C 82 -39.20 -12.65 -5.65
N LEU C 83 -38.39 -11.89 -4.89
CA LEU C 83 -37.47 -10.93 -5.50
C LEU C 83 -36.35 -11.67 -6.23
N ARG C 84 -35.78 -12.69 -5.62
CA ARG C 84 -34.73 -13.48 -6.26
C ARG C 84 -35.19 -14.15 -7.59
N LYS C 85 -36.44 -14.61 -7.60
CA LYS C 85 -37.10 -15.19 -8.79
C LYS C 85 -37.31 -14.13 -9.90
N ALA C 86 -37.76 -12.93 -9.52
CA ALA C 86 -37.93 -11.81 -10.44
C ALA C 86 -36.60 -11.38 -11.08
N ILE C 87 -35.53 -11.35 -10.28
CA ILE C 87 -34.18 -11.05 -10.75
C ILE C 87 -33.74 -12.10 -11.77
N VAL C 88 -33.94 -13.38 -11.43
CA VAL C 88 -33.63 -14.49 -12.31
C VAL C 88 -34.24 -14.31 -13.70
N GLU C 89 -35.52 -13.94 -13.74
CA GLU C 89 -36.22 -13.80 -15.01
C GLU C 89 -35.74 -12.54 -15.74
N ARG C 90 -35.62 -11.43 -15.00
CA ARG C 90 -35.11 -10.16 -15.58
C ARG C 90 -33.73 -10.29 -16.24
N GLU C 91 -32.81 -10.96 -15.57
CA GLU C 91 -31.45 -11.17 -16.09
C GLU C 91 -31.41 -12.17 -17.24
N LYS C 92 -32.40 -13.06 -17.29
CA LYS C 92 -32.57 -14.04 -18.38
C LYS C 92 -32.98 -13.28 -19.63
N ARG C 93 -34.03 -12.47 -19.52
CA ARG C 93 -34.49 -11.61 -20.61
C ARG C 93 -33.41 -10.71 -21.15
N LYS C 94 -32.80 -9.89 -20.29
CA LYS C 94 -31.79 -8.94 -20.74
C LYS C 94 -30.47 -9.57 -21.13
N ASN C 95 -29.98 -10.52 -20.34
CA ASN C 95 -28.60 -10.99 -20.49
C ASN C 95 -28.44 -12.44 -20.99
N GLY C 96 -29.57 -13.14 -21.19
CA GLY C 96 -29.55 -14.54 -21.70
C GLY C 96 -28.85 -15.51 -20.77
N VAL C 97 -28.59 -15.03 -19.56
CA VAL C 97 -27.85 -15.75 -18.54
C VAL C 97 -28.77 -16.76 -17.84
N ASP C 98 -28.23 -17.94 -17.52
CA ASP C 98 -29.02 -19.02 -16.87
C ASP C 98 -28.68 -19.20 -15.40
N ILE C 99 -29.55 -18.71 -14.53
CA ILE C 99 -29.30 -18.68 -13.10
C ILE C 99 -30.57 -19.08 -12.35
N THR C 100 -30.40 -19.57 -11.12
CA THR C 100 -31.52 -19.93 -10.24
C THR C 100 -31.54 -18.94 -9.09
N PRO C 101 -32.67 -18.81 -8.39
CA PRO C 101 -32.77 -17.92 -7.22
C PRO C 101 -31.67 -18.07 -6.18
N ASP C 102 -31.05 -19.25 -6.09
CA ASP C 102 -29.96 -19.47 -5.15
C ASP C 102 -28.62 -18.88 -5.60
N ASP C 103 -28.58 -18.37 -6.84
CA ASP C 103 -27.41 -17.66 -7.35
C ASP C 103 -27.54 -16.18 -7.10
N VAL C 104 -28.67 -15.74 -6.55
CA VAL C 104 -28.99 -14.32 -6.34
C VAL C 104 -28.97 -13.97 -4.87
N ARG C 105 -28.44 -12.79 -4.54
CA ARG C 105 -28.53 -12.22 -3.18
C ARG C 105 -28.95 -10.75 -3.22
N VAL C 106 -30.04 -10.44 -2.52
CA VAL C 106 -30.53 -9.07 -2.39
C VAL C 106 -29.72 -8.31 -1.33
N THR C 107 -29.34 -7.08 -1.67
CA THR C 107 -28.45 -6.31 -0.80
C THR C 107 -29.01 -4.92 -0.55
N ALA C 108 -28.42 -4.22 0.41
CA ALA C 108 -28.77 -2.84 0.73
C ALA C 108 -28.07 -1.96 -0.31
N ALA C 109 -28.51 -2.10 -1.56
CA ALA C 109 -27.96 -1.36 -2.70
C ALA C 109 -26.64 -1.99 -3.18
N VAL C 110 -26.08 -1.45 -4.25
CA VAL C 110 -24.77 -1.88 -4.77
C VAL C 110 -23.66 -1.67 -3.74
N THR C 111 -23.79 -0.59 -2.99
CA THR C 111 -22.86 -0.24 -1.94
C THR C 111 -22.60 -1.43 -1.03
N GLU C 112 -23.67 -2.03 -0.52
CA GLU C 112 -23.54 -3.19 0.36
C GLU C 112 -23.04 -4.43 -0.38
N ALA C 113 -23.40 -4.59 -1.66
CA ALA C 113 -22.87 -5.71 -2.45
C ALA C 113 -21.36 -5.64 -2.47
N LEU C 114 -20.83 -4.44 -2.70
CA LEU C 114 -19.40 -4.21 -2.72
C LEU C 114 -18.72 -4.49 -1.39
N GLN C 115 -19.33 -4.03 -0.29
CA GLN C 115 -18.85 -4.34 1.05
C GLN C 115 -18.81 -5.84 1.32
N LEU C 116 -19.83 -6.56 0.87
CA LEU C 116 -19.91 -8.04 1.05
C LEU C 116 -18.88 -8.81 0.23
N ILE C 117 -18.71 -8.38 -1.02
CA ILE C 117 -17.83 -9.03 -1.96
C ILE C 117 -16.40 -8.77 -1.60
N PHE C 118 -16.03 -7.51 -1.38
CA PHE C 118 -14.67 -7.17 -1.00
C PHE C 118 -14.35 -7.71 0.38
N GLY C 119 -15.30 -7.61 1.31
CA GLY C 119 -15.17 -8.18 2.64
C GLY C 119 -14.89 -9.68 2.59
N ALA C 120 -15.57 -10.39 1.69
CA ALA C 120 -15.46 -11.84 1.55
C ALA C 120 -14.28 -12.36 0.72
N LEU C 121 -13.67 -11.49 -0.07
CA LEU C 121 -12.65 -11.84 -1.04
C LEU C 121 -11.22 -11.39 -0.67
N LEU C 122 -11.11 -10.30 0.07
CA LEU C 122 -9.81 -9.66 0.23
C LEU C 122 -9.11 -9.91 1.54
N ASP C 123 -7.91 -10.45 1.43
CA ASP C 123 -6.98 -10.45 2.55
C ASP C 123 -6.10 -9.21 2.43
N PRO C 124 -5.53 -8.73 3.55
CA PRO C 124 -4.56 -7.65 3.45
C PRO C 124 -3.45 -8.00 2.47
N GLY C 125 -3.16 -7.06 1.59
CA GLY C 125 -2.10 -7.23 0.59
C GLY C 125 -2.59 -7.71 -0.76
N ASP C 126 -3.80 -8.25 -0.83
CA ASP C 126 -4.43 -8.63 -2.10
C ASP C 126 -4.71 -7.42 -2.99
N GLU C 127 -4.61 -7.64 -4.30
CA GLU C 127 -4.88 -6.62 -5.29
C GLU C 127 -6.25 -6.86 -5.93
N ILE C 128 -6.88 -5.78 -6.39
CA ILE C 128 -8.06 -5.84 -7.28
C ILE C 128 -7.78 -4.87 -8.43
N LEU C 129 -7.98 -5.32 -9.66
CA LEU C 129 -7.84 -4.41 -10.76
C LEU C 129 -9.14 -3.60 -10.90
N VAL C 130 -8.99 -2.27 -10.89
CA VAL C 130 -10.11 -1.35 -11.02
C VAL C 130 -9.82 -0.32 -12.12
N PRO C 131 -10.83 0.24 -12.78
CA PRO C 131 -10.58 1.22 -13.85
C PRO C 131 -9.98 2.53 -13.34
N GLY C 132 -9.28 3.25 -14.23
CA GLY C 132 -8.83 4.62 -13.96
C GLY C 132 -9.18 5.47 -15.17
N PRO C 133 -9.97 6.55 -15.02
CA PRO C 133 -10.48 7.06 -13.74
C PRO C 133 -11.39 6.09 -12.97
N SER C 134 -11.23 6.11 -11.66
CA SER C 134 -11.90 5.18 -10.76
C SER C 134 -13.12 5.80 -10.08
N TYR C 135 -14.03 4.95 -9.62
CA TYR C 135 -15.16 5.38 -8.82
C TYR C 135 -14.70 5.22 -7.37
N PRO C 136 -14.66 6.34 -6.63
CA PRO C 136 -14.10 6.41 -5.26
C PRO C 136 -14.46 5.33 -4.21
N PRO C 137 -15.74 4.93 -4.08
CA PRO C 137 -16.08 3.80 -3.20
C PRO C 137 -15.26 2.53 -3.41
N TYR C 138 -14.96 2.16 -4.65
CA TYR C 138 -14.09 1.02 -4.94
C TYR C 138 -12.76 1.18 -4.22
N THR C 139 -12.04 2.25 -4.52
CA THR C 139 -10.79 2.62 -3.87
C THR C 139 -10.85 2.53 -2.33
N GLY C 140 -11.77 3.32 -1.74
CA GLY C 140 -11.99 3.41 -0.29
C GLY C 140 -12.31 2.09 0.40
N LEU C 141 -13.18 1.29 -0.22
CA LEU C 141 -13.52 -0.03 0.30
C LEU C 141 -12.43 -1.06 0.17
N VAL C 142 -11.74 -1.07 -0.97
CA VAL C 142 -10.62 -2.02 -1.18
C VAL C 142 -9.50 -1.76 -0.12
N LYS C 143 -9.12 -0.49 0.04
CA LYS C 143 -8.10 -0.09 1.00
C LYS C 143 -8.51 -0.39 2.46
N PHE C 144 -9.77 -0.12 2.82
CA PHE C 144 -10.27 -0.41 4.17
C PHE C 144 -10.06 -1.89 4.54
N TYR C 145 -10.20 -2.76 3.54
CA TYR C 145 -9.98 -4.20 3.75
C TYR C 145 -8.54 -4.66 3.62
N GLY C 146 -7.59 -3.73 3.53
CA GLY C 146 -6.17 -4.08 3.45
C GLY C 146 -5.69 -4.39 2.05
N GLY C 147 -6.62 -4.28 1.07
CA GLY C 147 -6.32 -4.55 -0.32
C GLY C 147 -5.71 -3.35 -1.05
N LYS C 148 -5.10 -3.63 -2.20
CA LYS C 148 -4.52 -2.64 -3.06
C LYS C 148 -5.39 -2.48 -4.30
N PRO C 149 -5.96 -1.29 -4.51
CA PRO C 149 -6.75 -1.07 -5.71
C PRO C 149 -5.78 -0.70 -6.83
N VAL C 150 -5.54 -1.62 -7.76
CA VAL C 150 -4.62 -1.35 -8.87
C VAL C 150 -5.43 -0.83 -10.06
N GLU C 151 -5.20 0.43 -10.43
CA GLU C 151 -5.89 1.07 -11.52
C GLU C 151 -5.34 0.75 -12.89
N TYR C 152 -6.24 0.25 -13.77
CA TYR C 152 -5.87 0.06 -15.16
C TYR C 152 -6.33 1.26 -15.97
N ARG C 153 -5.54 1.57 -17.00
CA ARG C 153 -5.80 2.69 -17.88
C ARG C 153 -7.07 2.46 -18.70
N THR C 154 -7.81 3.56 -18.91
CA THR C 154 -8.86 3.65 -19.90
C THR C 154 -8.46 4.83 -20.80
N ILE C 155 -8.87 4.78 -22.05
CA ILE C 155 -8.26 5.62 -23.08
C ILE C 155 -9.27 6.66 -23.60
N GLU C 156 -9.06 7.91 -23.23
CA GLU C 156 -9.92 9.04 -23.62
C GLU C 156 -10.16 9.10 -25.14
N GLU C 157 -9.11 8.85 -25.89
CA GLU C 157 -9.11 8.87 -27.35
C GLU C 157 -10.05 7.83 -27.94
N GLU C 158 -10.23 6.71 -27.22
CA GLU C 158 -11.17 5.63 -27.60
C GLU C 158 -12.46 5.69 -26.82
N ASP C 159 -12.79 6.88 -26.31
CA ASP C 159 -13.99 7.14 -25.50
C ASP C 159 -13.96 6.35 -24.18
N TRP C 160 -12.76 6.26 -23.59
CA TRP C 160 -12.55 5.66 -22.26
C TRP C 160 -12.79 4.12 -22.12
N GLN C 161 -12.53 3.39 -23.21
CA GLN C 161 -12.50 1.93 -23.18
C GLN C 161 -11.25 1.47 -22.42
N PRO C 162 -11.33 0.34 -21.70
CA PRO C 162 -10.15 -0.21 -21.04
C PRO C 162 -8.94 -0.35 -21.98
N ASP C 163 -7.76 -0.12 -21.44
CA ASP C 163 -6.49 -0.40 -22.11
C ASP C 163 -6.09 -1.84 -21.76
N ILE C 164 -6.32 -2.76 -22.69
CA ILE C 164 -6.08 -4.19 -22.46
C ILE C 164 -4.61 -4.54 -22.22
N ASP C 165 -3.70 -3.85 -22.91
CA ASP C 165 -2.28 -4.04 -22.70
C ASP C 165 -1.92 -3.64 -21.26
N ASP C 166 -2.51 -2.56 -20.78
CA ASP C 166 -2.29 -2.09 -19.41
C ASP C 166 -2.81 -3.09 -18.38
N ILE C 167 -3.96 -3.71 -18.63
CA ILE C 167 -4.46 -4.79 -17.76
C ILE C 167 -3.46 -5.98 -17.73
N ARG C 168 -2.88 -6.34 -18.88
CA ARG C 168 -1.88 -7.40 -18.95
C ARG C 168 -0.61 -7.06 -18.17
N LYS C 169 -0.20 -5.78 -18.21
CA LYS C 169 0.97 -5.31 -17.46
C LYS C 169 0.72 -5.19 -15.95
N LYS C 170 -0.49 -4.80 -15.55
CA LYS C 170 -0.79 -4.56 -14.12
C LYS C 170 -1.33 -5.77 -13.31
N ILE C 171 -1.65 -6.86 -13.98
CA ILE C 171 -2.13 -8.08 -13.32
C ILE C 171 -0.96 -8.88 -12.73
N THR C 172 -1.16 -9.46 -11.54
CA THR C 172 -0.15 -10.29 -10.86
C THR C 172 -0.79 -11.52 -10.27
N ASP C 173 0.04 -12.39 -9.67
CA ASP C 173 -0.44 -13.56 -8.95
C ASP C 173 -1.18 -13.19 -7.67
N ARG C 174 -1.13 -11.90 -7.28
CA ARG C 174 -1.83 -11.44 -6.07
C ARG C 174 -3.18 -10.74 -6.33
N THR C 175 -3.55 -10.61 -7.61
CA THR C 175 -4.81 -10.02 -8.07
C THR C 175 -5.91 -11.03 -7.78
N LYS C 176 -6.93 -10.59 -7.05
CA LYS C 176 -8.04 -11.48 -6.70
C LYS C 176 -9.25 -11.34 -7.62
N ALA C 177 -9.37 -10.22 -8.33
CA ALA C 177 -10.50 -9.99 -9.26
C ALA C 177 -10.26 -8.80 -10.19
N ILE C 178 -11.05 -8.71 -11.26
CA ILE C 178 -11.03 -7.55 -12.13
C ILE C 178 -12.42 -6.96 -12.09
N ALA C 179 -12.50 -5.71 -11.61
CA ALA C 179 -13.74 -4.95 -11.54
C ALA C 179 -13.97 -4.24 -12.87
N VAL C 180 -15.18 -4.39 -13.40
CA VAL C 180 -15.59 -3.73 -14.63
C VAL C 180 -16.76 -2.84 -14.24
N ILE C 181 -16.62 -1.53 -14.46
CA ILE C 181 -17.72 -0.60 -14.19
C ILE C 181 -18.27 -0.10 -15.53
N ASN C 182 -19.37 -0.69 -15.95
CA ASN C 182 -19.91 -0.53 -17.29
C ASN C 182 -21.46 -0.60 -17.39
N PRO C 183 -22.17 0.47 -17.82
CA PRO C 183 -21.60 1.79 -18.20
C PRO C 183 -20.83 2.50 -17.08
N ASN C 184 -19.96 3.41 -17.47
CA ASN C 184 -18.95 3.94 -16.56
C ASN C 184 -19.22 5.31 -15.89
N ASN C 185 -18.87 5.35 -14.60
CA ASN C 185 -18.76 6.55 -13.77
C ASN C 185 -17.26 6.65 -13.44
N PRO C 186 -16.58 7.76 -13.77
CA PRO C 186 -17.17 9.06 -14.20
C PRO C 186 -17.26 9.42 -15.72
N THR C 187 -16.82 8.53 -16.61
CA THR C 187 -16.64 8.85 -18.04
C THR C 187 -17.83 8.76 -18.97
N GLY C 188 -18.84 7.97 -18.58
CA GLY C 188 -19.93 7.64 -19.46
C GLY C 188 -19.59 6.63 -20.54
N ALA C 189 -18.44 5.97 -20.45
CA ALA C 189 -18.05 4.94 -21.44
C ALA C 189 -18.98 3.74 -21.39
N LEU C 190 -19.20 3.16 -22.57
CA LEU C 190 -19.88 1.90 -22.73
C LEU C 190 -18.87 0.95 -23.38
N TYR C 191 -18.57 -0.17 -22.72
CA TYR C 191 -17.53 -1.06 -23.24
C TYR C 191 -18.01 -1.99 -24.36
N ASP C 192 -17.17 -2.13 -25.39
CA ASP C 192 -17.49 -2.99 -26.52
C ASP C 192 -17.26 -4.47 -26.19
N LYS C 193 -17.80 -5.35 -27.04
CA LYS C 193 -17.60 -6.79 -26.93
C LYS C 193 -16.09 -7.14 -26.95
N LYS C 194 -15.31 -6.39 -27.72
CA LYS C 194 -13.87 -6.58 -27.79
C LYS C 194 -13.17 -6.48 -26.43
N THR C 195 -13.30 -5.35 -25.72
CA THR C 195 -12.66 -5.21 -24.41
C THR C 195 -13.18 -6.24 -23.43
N LEU C 196 -14.50 -6.42 -23.40
CA LEU C 196 -15.15 -7.37 -22.48
C LEU C 196 -14.65 -8.80 -22.63
N GLU C 197 -14.52 -9.22 -23.88
CA GLU C 197 -14.00 -10.51 -24.27
C GLU C 197 -12.54 -10.68 -23.85
N GLU C 198 -11.73 -9.62 -24.00
CA GLU C 198 -10.31 -9.67 -23.68
C GLU C 198 -10.04 -9.62 -22.17
N ILE C 199 -10.88 -8.88 -21.43
CA ILE C 199 -10.89 -8.89 -19.98
C ILE C 199 -11.20 -10.31 -19.44
N LEU C 200 -12.22 -10.96 -20.01
CA LEU C 200 -12.54 -12.34 -19.61
C LEU C 200 -11.39 -13.28 -19.91
N ASN C 201 -10.74 -13.07 -21.06
CA ASN C 201 -9.55 -13.84 -21.43
C ASN C 201 -8.42 -13.70 -20.41
N ILE C 202 -8.14 -12.49 -19.95
CA ILE C 202 -7.11 -12.27 -18.91
C ILE C 202 -7.53 -12.91 -17.57
N ALA C 203 -8.78 -12.68 -17.16
CA ALA C 203 -9.33 -13.31 -15.96
C ALA C 203 -9.21 -14.83 -16.01
N GLY C 204 -9.55 -15.43 -17.15
CA GLY C 204 -9.47 -16.89 -17.34
C GLY C 204 -8.05 -17.41 -17.22
N GLU C 205 -7.10 -16.68 -17.79
CA GLU C 205 -5.68 -17.02 -17.73
C GLU C 205 -5.10 -17.05 -16.30
N TYR C 206 -5.52 -16.10 -15.47
CA TYR C 206 -5.10 -16.01 -14.07
C TYR C 206 -6.06 -16.68 -13.09
N GLU C 207 -7.12 -17.28 -13.63
CA GLU C 207 -8.14 -18.01 -12.86
C GLU C 207 -8.84 -17.20 -11.75
N ILE C 208 -9.18 -15.95 -12.06
CA ILE C 208 -9.82 -15.03 -11.12
C ILE C 208 -11.19 -14.64 -11.65
N PRO C 209 -12.13 -14.22 -10.79
CA PRO C 209 -13.43 -13.76 -11.27
C PRO C 209 -13.40 -12.34 -11.86
N VAL C 210 -14.48 -12.02 -12.60
CA VAL C 210 -14.77 -10.67 -13.00
C VAL C 210 -15.91 -10.21 -12.08
N ILE C 211 -15.80 -8.97 -11.60
CA ILE C 211 -16.88 -8.29 -10.91
C ILE C 211 -17.41 -7.21 -11.86
N SER C 212 -18.72 -7.20 -12.08
CA SER C 212 -19.30 -6.35 -13.09
C SER C 212 -20.37 -5.45 -12.48
N ASP C 213 -20.05 -4.17 -12.38
CA ASP C 213 -20.98 -3.18 -11.87
C ASP C 213 -21.88 -2.70 -13.02
N GLU C 214 -23.13 -3.14 -12.99
CA GLU C 214 -24.09 -2.86 -14.09
C GLU C 214 -25.26 -1.96 -13.68
N ILE C 215 -25.08 -1.19 -12.61
CA ILE C 215 -26.11 -0.25 -12.14
C ILE C 215 -26.69 0.71 -13.21
N TYR C 216 -25.90 1.09 -14.23
CA TYR C 216 -26.34 1.97 -15.35
C TYR C 216 -26.75 1.17 -16.62
N ASP C 217 -26.75 -0.15 -16.47
CA ASP C 217 -27.43 -1.12 -17.31
C ASP C 217 -28.05 -0.54 -18.57
N LEU C 218 -29.29 -0.08 -18.39
CA LEU C 218 -30.19 0.35 -19.43
C LEU C 218 -30.10 1.85 -19.72
N MET C 219 -29.20 2.55 -19.04
CA MET C 219 -29.06 4.00 -19.24
C MET C 219 -28.02 4.29 -20.31
N THR C 220 -28.37 3.94 -21.55
CA THR C 220 -27.48 4.06 -22.72
C THR C 220 -28.15 4.84 -23.84
N TYR C 221 -27.35 5.51 -24.70
CA TYR C 221 -27.89 6.42 -25.71
C TYR C 221 -27.83 5.80 -27.10
N GLU C 222 -26.64 5.35 -27.47
CA GLU C 222 -26.48 4.48 -28.63
C GLU C 222 -25.53 3.36 -28.18
N GLY C 223 -25.66 2.20 -28.83
CA GLY C 223 -24.92 1.03 -28.42
C GLY C 223 -25.74 0.21 -27.44
N GLU C 224 -25.33 -1.04 -27.23
CA GLU C 224 -26.05 -1.91 -26.30
C GLU C 224 -25.11 -2.16 -25.17
N HIS C 225 -25.64 -2.19 -23.95
CA HIS C 225 -24.88 -2.65 -22.82
C HIS C 225 -24.80 -4.16 -22.98
N ILE C 226 -23.59 -4.69 -22.81
CA ILE C 226 -23.33 -6.11 -22.83
C ILE C 226 -22.71 -6.46 -21.48
N SER C 227 -23.28 -7.45 -20.80
CA SER C 227 -22.75 -7.91 -19.53
C SER C 227 -21.72 -9.00 -19.77
N PRO C 228 -20.58 -8.96 -19.06
CA PRO C 228 -19.58 -10.05 -19.18
C PRO C 228 -20.16 -11.40 -18.72
N GLY C 229 -21.25 -11.38 -17.96
CA GLY C 229 -21.97 -12.60 -17.58
C GLY C 229 -22.52 -13.32 -18.80
N SER C 230 -22.96 -12.54 -19.80
CA SER C 230 -23.41 -13.05 -21.08
C SER C 230 -22.33 -13.73 -21.91
N LEU C 231 -21.07 -13.31 -21.72
CA LEU C 231 -20.01 -13.66 -22.65
C LEU C 231 -19.08 -14.75 -22.13
N THR C 232 -19.07 -14.92 -20.82
CA THR C 232 -18.12 -15.82 -20.19
C THR C 232 -18.32 -17.28 -20.58
N LYS C 233 -17.20 -18.00 -20.68
CA LYS C 233 -17.19 -19.45 -20.89
C LYS C 233 -16.82 -20.14 -19.58
N ASP C 234 -15.57 -19.98 -19.16
CA ASP C 234 -15.01 -20.63 -17.98
C ASP C 234 -14.91 -19.73 -16.73
N VAL C 235 -14.99 -18.42 -16.92
CA VAL C 235 -14.70 -17.54 -15.78
C VAL C 235 -15.95 -17.16 -14.97
N PRO C 236 -15.83 -17.24 -13.64
CA PRO C 236 -16.92 -16.82 -12.77
C PRO C 236 -17.11 -15.30 -12.82
N VAL C 237 -18.38 -14.88 -12.90
CA VAL C 237 -18.72 -13.47 -12.98
C VAL C 237 -19.66 -13.14 -11.85
N ILE C 238 -19.28 -12.09 -11.09
CA ILE C 238 -20.14 -11.56 -10.06
C ILE C 238 -20.73 -10.27 -10.59
N VAL C 239 -22.05 -10.28 -10.80
CA VAL C 239 -22.79 -9.15 -11.34
C VAL C 239 -23.51 -8.40 -10.24
N MET C 240 -23.41 -7.07 -10.27
CA MET C 240 -24.08 -6.22 -9.30
C MET C 240 -25.02 -5.25 -10.01
N ASN C 241 -26.19 -5.07 -9.43
CA ASN C 241 -27.16 -4.13 -9.99
C ASN C 241 -28.12 -3.67 -8.90
N GLY C 242 -29.02 -2.76 -9.24
CA GLY C 242 -29.96 -2.27 -8.26
C GLY C 242 -30.94 -1.25 -8.79
N LEU C 243 -31.64 -0.64 -7.83
CA LEU C 243 -32.73 0.29 -8.08
C LEU C 243 -32.31 1.73 -8.22
N SER C 244 -31.12 2.06 -7.73
CA SER C 244 -30.72 3.46 -7.59
C SER C 244 -30.78 4.31 -8.85
N LYS C 245 -30.28 3.81 -9.96
CA LYS C 245 -30.12 4.67 -11.14
C LYS C 245 -31.14 4.45 -12.24
N VAL C 246 -31.20 3.23 -12.78
CA VAL C 246 -32.15 2.84 -13.84
C VAL C 246 -33.62 2.96 -13.40
N TYR C 247 -33.86 2.80 -12.09
CA TYR C 247 -35.19 2.85 -11.54
C TYR C 247 -35.42 4.10 -10.70
N PHE C 248 -34.39 4.95 -10.61
CA PHE C 248 -34.51 6.29 -9.98
C PHE C 248 -34.94 6.23 -8.51
N ALA C 249 -34.34 5.30 -7.75
CA ALA C 249 -34.69 5.03 -6.37
C ALA C 249 -33.44 5.01 -5.50
N THR C 250 -32.65 6.08 -5.61
CA THR C 250 -31.40 6.24 -4.87
C THR C 250 -31.61 6.11 -3.37
N GLY C 251 -32.67 6.74 -2.86
CA GLY C 251 -32.96 6.74 -1.44
C GLY C 251 -33.57 5.48 -0.88
N TRP C 252 -33.92 4.53 -1.75
CA TRP C 252 -34.54 3.27 -1.30
C TRP C 252 -33.53 2.26 -0.83
N ARG C 253 -32.27 2.47 -1.22
CA ARG C 253 -31.12 1.65 -0.80
C ARG C 253 -31.37 0.16 -1.02
N LEU C 254 -31.68 -0.21 -2.26
CA LEU C 254 -31.92 -1.61 -2.61
C LEU C 254 -31.20 -1.99 -3.89
N GLY C 255 -30.57 -3.17 -3.84
CA GLY C 255 -29.84 -3.68 -4.99
C GLY C 255 -29.71 -5.17 -4.91
N TYR C 256 -28.82 -5.73 -5.72
CA TYR C 256 -28.56 -7.17 -5.69
C TYR C 256 -27.27 -7.56 -6.35
N MET C 257 -26.87 -8.79 -6.08
CA MET C 257 -25.75 -9.40 -6.77
C MET C 257 -26.18 -10.79 -7.20
N TYR C 258 -25.49 -11.34 -8.20
CA TYR C 258 -25.70 -12.72 -8.57
C TYR C 258 -24.43 -13.33 -9.12
N PHE C 259 -24.40 -14.65 -9.24
CA PHE C 259 -23.20 -15.35 -9.66
C PHE C 259 -23.48 -16.11 -10.94
N VAL C 260 -22.60 -15.88 -11.93
CA VAL C 260 -22.53 -16.66 -13.17
C VAL C 260 -21.28 -17.53 -13.00
N ASP C 261 -21.50 -18.75 -12.53
CA ASP C 261 -20.45 -19.59 -11.91
C ASP C 261 -20.94 -21.04 -11.83
N PRO C 262 -21.20 -21.69 -12.98
CA PRO C 262 -21.89 -23.00 -12.97
C PRO C 262 -21.07 -24.15 -12.38
N GLU C 263 -19.77 -23.95 -12.25
CA GLU C 263 -18.86 -24.95 -11.66
C GLU C 263 -18.59 -24.68 -10.19
N ASN C 264 -19.26 -23.64 -9.65
CA ASN C 264 -19.11 -23.20 -8.25
C ASN C 264 -17.67 -22.96 -7.84
N LYS C 265 -16.93 -22.29 -8.73
CA LYS C 265 -15.56 -21.88 -8.48
C LYS C 265 -15.52 -20.91 -7.27
N LEU C 266 -16.64 -20.24 -7.02
CA LEU C 266 -16.72 -19.24 -5.95
C LEU C 266 -17.45 -19.76 -4.71
N SER C 267 -17.61 -21.08 -4.60
CA SER C 267 -18.38 -21.68 -3.50
C SER C 267 -17.93 -21.16 -2.14
N GLU C 268 -16.61 -21.13 -1.92
CA GLU C 268 -16.04 -20.60 -0.67
C GLU C 268 -16.34 -19.12 -0.46
N VAL C 269 -16.21 -18.32 -1.52
CA VAL C 269 -16.49 -16.87 -1.45
C VAL C 269 -17.98 -16.65 -1.15
N ARG C 270 -18.83 -17.36 -1.88
CA ARG C 270 -20.29 -17.36 -1.71
C ARG C 270 -20.72 -17.77 -0.29
N GLU C 271 -20.11 -18.82 0.26
CA GLU C 271 -20.42 -19.21 1.64
C GLU C 271 -20.06 -18.08 2.61
N ALA C 272 -18.88 -17.49 2.42
CA ALA C 272 -18.42 -16.32 3.21
C ALA C 272 -19.37 -15.12 3.12
N ILE C 273 -19.78 -14.76 1.89
CA ILE C 273 -20.78 -13.69 1.68
C ILE C 273 -22.08 -13.96 2.49
N ASP C 274 -22.54 -15.21 2.46
CA ASP C 274 -23.75 -15.60 3.18
C ASP C 274 -23.65 -15.43 4.69
N ARG C 275 -22.48 -15.72 5.26
CA ARG C 275 -22.21 -15.51 6.68
C ARG C 275 -22.23 -14.03 7.05
N LEU C 276 -21.60 -13.20 6.22
CA LEU C 276 -21.59 -11.76 6.42
C LEU C 276 -23.00 -11.19 6.29
N ALA C 277 -23.75 -11.67 5.30
CA ALA C 277 -25.17 -11.34 5.11
C ALA C 277 -26.02 -11.70 6.34
N ARG C 278 -25.74 -12.85 6.94
CA ARG C 278 -26.47 -13.36 8.11
C ARG C 278 -26.34 -12.45 9.34
N ILE C 279 -25.13 -12.01 9.68
CA ILE C 279 -24.94 -11.14 10.85
C ILE C 279 -25.57 -9.74 10.73
N ARG C 280 -25.68 -9.24 9.50
CA ARG C 280 -26.29 -7.94 9.22
C ARG C 280 -27.84 -8.01 9.16
N LEU C 281 -28.38 -9.21 9.38
CA LEU C 281 -29.81 -9.50 9.34
C LEU C 281 -30.41 -9.55 7.92
N CYS C 282 -30.66 -8.38 7.31
CA CYS C 282 -31.35 -8.31 6.01
C CYS C 282 -31.39 -6.88 5.47
N PRO C 283 -31.63 -6.71 4.16
CA PRO C 283 -31.90 -5.38 3.61
C PRO C 283 -33.36 -4.99 3.91
N ASN C 284 -33.78 -3.82 3.45
CA ASN C 284 -35.16 -3.31 3.67
C ASN C 284 -36.22 -4.27 3.09
N THR C 285 -37.27 -4.55 3.84
CA THR C 285 -38.30 -5.49 3.40
C THR C 285 -39.29 -4.87 2.40
N PRO C 286 -40.07 -3.82 2.79
CA PRO C 286 -41.05 -3.24 1.85
C PRO C 286 -40.46 -2.81 0.49
N ALA C 287 -39.23 -2.31 0.48
CA ALA C 287 -38.62 -1.87 -0.80
C ALA C 287 -38.47 -3.03 -1.77
N GLN C 288 -38.37 -4.25 -1.24
CA GLN C 288 -38.24 -5.46 -2.07
C GLN C 288 -39.48 -5.77 -2.90
N PHE C 289 -40.65 -5.40 -2.41
CA PHE C 289 -41.90 -5.48 -3.19
C PHE C 289 -41.98 -4.43 -4.32
N ALA C 290 -41.49 -3.23 -4.03
CA ALA C 290 -41.23 -2.19 -5.05
C ALA C 290 -40.26 -2.68 -6.13
N ALA C 291 -39.19 -3.36 -5.72
CA ALA C 291 -38.20 -3.94 -6.63
C ALA C 291 -38.81 -4.94 -7.58
N ILE C 292 -39.66 -5.82 -7.04
CA ILE C 292 -40.43 -6.81 -7.82
C ILE C 292 -41.29 -6.10 -8.89
N ALA C 293 -41.98 -5.03 -8.51
CA ALA C 293 -42.77 -4.24 -9.48
C ALA C 293 -41.91 -3.66 -10.62
N GLY C 294 -40.71 -3.20 -10.29
CA GLY C 294 -39.77 -2.69 -11.30
C GLY C 294 -39.25 -3.75 -12.25
N LEU C 295 -38.80 -4.86 -11.67
CA LEU C 295 -38.17 -5.96 -12.41
C LEU C 295 -39.13 -6.73 -13.29
N THR C 296 -40.35 -6.99 -12.80
CA THR C 296 -41.37 -7.74 -13.58
C THR C 296 -42.23 -6.84 -14.49
N GLY C 297 -42.15 -5.53 -14.30
CA GLY C 297 -43.00 -4.59 -15.04
C GLY C 297 -42.48 -4.12 -16.40
N PRO C 298 -43.32 -3.40 -17.14
CA PRO C 298 -42.89 -2.76 -18.38
C PRO C 298 -41.93 -1.60 -18.12
N MET C 299 -40.99 -1.42 -19.04
CA MET C 299 -39.92 -0.43 -18.90
C MET C 299 -40.21 0.88 -19.63
N ASP C 300 -41.50 1.12 -19.93
CA ASP C 300 -41.99 2.35 -20.60
C ASP C 300 -41.58 3.64 -19.91
N TYR C 301 -41.66 3.65 -18.58
CA TYR C 301 -41.30 4.80 -17.76
C TYR C 301 -39.89 5.32 -18.09
N LEU C 302 -38.99 4.38 -18.43
CA LEU C 302 -37.58 4.67 -18.70
C LEU C 302 -37.41 5.33 -20.07
N LYS C 303 -38.29 4.98 -21.02
CA LYS C 303 -38.27 5.56 -22.37
C LYS C 303 -38.36 7.07 -22.34
N GLU C 304 -39.28 7.58 -21.52
CA GLU C 304 -39.52 9.03 -21.40
C GLU C 304 -38.37 9.77 -20.74
N TYR C 305 -37.73 9.12 -19.76
CA TYR C 305 -36.61 9.70 -19.01
C TYR C 305 -35.35 9.72 -19.87
N MET C 306 -35.14 8.64 -20.60
CA MET C 306 -34.01 8.51 -21.52
C MET C 306 -34.02 9.55 -22.64
N LYS C 307 -35.22 9.92 -23.11
CA LYS C 307 -35.38 10.99 -24.10
C LYS C 307 -34.85 12.32 -23.58
N LYS C 308 -35.28 12.69 -22.36
CA LYS C 308 -34.79 13.90 -21.65
C LYS C 308 -33.27 13.87 -21.41
N LEU C 309 -32.77 12.73 -20.92
CA LEU C 309 -31.34 12.55 -20.67
C LEU C 309 -30.51 12.61 -21.96
N LYS C 310 -30.98 11.98 -23.05
CA LYS C 310 -30.28 12.08 -24.34
C LYS C 310 -30.18 13.51 -24.84
N GLU C 311 -31.26 14.30 -24.73
CA GLU C 311 -31.17 15.71 -25.16
C GLU C 311 -30.24 16.53 -24.27
N ARG C 312 -30.23 16.25 -22.96
CA ARG C 312 -29.28 16.88 -22.03
C ARG C 312 -27.84 16.44 -22.28
N ARG C 313 -27.64 15.16 -22.60
CA ARG C 313 -26.33 14.64 -23.01
C ARG C 313 -25.86 15.41 -24.25
N ASP C 314 -26.71 15.43 -25.30
CA ASP C 314 -26.39 16.10 -26.57
C ASP C 314 -26.06 17.56 -26.36
N TYR C 315 -26.87 18.24 -25.54
CA TYR C 315 -26.70 19.65 -25.28
C TYR C 315 -25.40 20.05 -24.55
N ILE C 316 -25.04 19.31 -23.50
CA ILE C 316 -23.86 19.67 -22.72
C ILE C 316 -22.58 19.30 -23.46
N TYR C 317 -22.62 18.20 -24.23
CA TYR C 317 -21.49 17.76 -25.04
C TYR C 317 -21.17 18.84 -26.09
N LYS C 318 -22.25 19.32 -26.72
CA LYS C 318 -22.23 20.40 -27.70
C LYS C 318 -21.70 21.71 -27.10
N ARG C 319 -22.26 22.15 -25.98
CA ARG C 319 -21.80 23.35 -25.32
C ARG C 319 -20.35 23.24 -24.82
N LEU C 320 -20.00 22.10 -24.22
CA LEU C 320 -18.64 21.92 -23.68
C LEU C 320 -17.56 22.00 -24.76
N ASN C 321 -17.77 21.30 -25.87
CA ASN C 321 -16.84 21.31 -27.00
C ASN C 321 -16.72 22.60 -27.80
N GLU C 322 -17.69 23.51 -27.68
CA GLU C 322 -17.57 24.80 -28.36
C GLU C 322 -16.94 25.89 -27.48
N ILE C 323 -16.31 25.47 -26.38
CA ILE C 323 -15.60 26.37 -25.45
C ILE C 323 -14.10 26.09 -25.61
N PRO C 324 -13.31 27.09 -26.05
CA PRO C 324 -11.86 26.90 -26.22
C PRO C 324 -11.22 26.58 -24.86
N GLY C 325 -10.27 25.66 -24.87
CA GLY C 325 -9.65 25.20 -23.62
C GLY C 325 -10.30 23.97 -23.00
N ILE C 326 -11.46 23.58 -23.54
CA ILE C 326 -12.25 22.44 -23.08
C ILE C 326 -12.57 21.48 -24.26
N SER C 327 -12.24 20.19 -24.09
CA SER C 327 -12.72 19.13 -24.99
C SER C 327 -13.29 17.96 -24.18
N THR C 328 -14.19 17.19 -24.78
CA THR C 328 -14.80 16.05 -24.09
C THR C 328 -15.25 14.93 -25.05
N THR C 329 -15.26 13.69 -24.54
CA THR C 329 -15.87 12.59 -25.30
C THR C 329 -17.39 12.67 -25.12
N LYS C 330 -18.13 12.04 -26.03
CA LYS C 330 -19.57 11.90 -25.93
C LYS C 330 -19.92 10.64 -25.12
N PRO C 331 -20.53 10.82 -23.94
CA PRO C 331 -20.93 9.68 -23.07
C PRO C 331 -21.95 8.78 -23.76
N GLN C 332 -21.72 7.47 -23.66
CA GLN C 332 -22.61 6.48 -24.27
C GLN C 332 -23.58 5.87 -23.25
N GLY C 333 -23.30 6.11 -21.97
CA GLY C 333 -24.16 5.67 -20.88
C GLY C 333 -24.07 6.54 -19.63
N ALA C 334 -24.88 6.22 -18.64
CA ALA C 334 -24.98 6.93 -17.36
C ALA C 334 -25.34 8.41 -17.58
N PHE C 335 -25.04 9.27 -16.61
CA PHE C 335 -25.38 10.70 -16.81
C PHE C 335 -24.27 11.68 -16.44
N TYR C 336 -23.05 11.28 -16.75
CA TYR C 336 -21.86 12.05 -16.44
C TYR C 336 -21.13 12.35 -17.73
N ILE C 337 -20.38 13.45 -17.71
CA ILE C 337 -19.46 13.81 -18.76
C ILE C 337 -18.14 14.20 -18.06
N PHE C 338 -17.02 13.87 -18.70
CA PHE C 338 -15.71 13.99 -18.09
C PHE C 338 -14.75 14.82 -18.98
N PRO C 339 -14.94 16.15 -19.06
CA PRO C 339 -14.15 16.99 -19.94
C PRO C 339 -12.71 17.20 -19.54
N LYS C 340 -11.88 17.41 -20.57
CA LYS C 340 -10.47 17.73 -20.42
C LYS C 340 -10.31 19.26 -20.28
N ILE C 341 -9.43 19.68 -19.37
CA ILE C 341 -9.02 21.07 -19.23
C ILE C 341 -7.72 21.15 -20.01
N GLU C 342 -7.81 21.63 -21.24
CA GLU C 342 -6.68 21.64 -22.17
C GLU C 342 -5.69 22.76 -21.85
N VAL C 343 -6.18 24.00 -21.84
CA VAL C 343 -5.33 25.16 -21.48
C VAL C 343 -5.90 25.95 -20.31
N GLY C 344 -5.02 26.65 -19.59
CA GLY C 344 -5.42 27.55 -18.52
C GLY C 344 -4.37 27.87 -17.48
N PRO C 345 -4.67 28.83 -16.60
CA PRO C 345 -3.74 29.26 -15.55
C PRO C 345 -3.56 28.29 -14.38
N TRP C 346 -4.48 27.34 -14.23
CA TRP C 346 -4.52 26.50 -13.03
C TRP C 346 -3.40 25.46 -12.96
N LYS C 347 -2.93 25.18 -11.74
CA LYS C 347 -1.87 24.19 -11.54
C LYS C 347 -2.37 22.73 -11.49
N ASN C 348 -3.68 22.56 -11.22
CA ASN C 348 -4.32 21.25 -11.06
C ASN C 348 -5.84 21.38 -11.18
N ASP C 349 -6.55 20.27 -11.26
CA ASP C 349 -8.01 20.32 -11.46
C ASP C 349 -8.84 20.73 -10.24
N LYS C 350 -8.27 20.56 -9.05
CA LYS C 350 -8.89 21.00 -7.80
C LYS C 350 -9.00 22.53 -7.80
N GLU C 351 -7.88 23.19 -8.08
CA GLU C 351 -7.80 24.65 -8.23
C GLU C 351 -8.80 25.15 -9.29
N PHE C 352 -8.83 24.49 -10.45
CA PHE C 352 -9.78 24.80 -11.51
C PHE C 352 -11.23 24.73 -11.02
N VAL C 353 -11.56 23.64 -10.35
CA VAL C 353 -12.94 23.40 -9.90
C VAL C 353 -13.42 24.45 -8.88
N LEU C 354 -12.53 24.84 -7.97
CA LEU C 354 -12.85 25.86 -6.95
C LEU C 354 -13.03 27.27 -7.56
N ASP C 355 -12.22 27.61 -8.55
CA ASP C 355 -12.29 28.90 -9.24
C ASP C 355 -13.60 29.01 -10.02
N VAL C 356 -13.99 27.92 -10.71
CA VAL C 356 -15.27 27.87 -11.42
C VAL C 356 -16.42 28.11 -10.46
N LEU C 357 -16.43 27.34 -9.37
CA LEU C 357 -17.44 27.49 -8.33
C LEU C 357 -17.56 28.93 -7.88
N HIS C 358 -16.42 29.52 -7.51
CA HIS C 358 -16.40 30.86 -6.93
C HIS C 358 -16.94 31.93 -7.89
N ASN C 359 -16.57 31.82 -9.16
CA ASN C 359 -16.91 32.81 -10.18
C ASN C 359 -18.15 32.50 -11.02
N ALA C 360 -18.16 31.35 -11.66
CA ALA C 360 -19.31 30.97 -12.51
C ALA C 360 -20.47 30.42 -11.69
N HIS C 361 -20.22 30.16 -10.39
CA HIS C 361 -21.26 29.63 -9.47
C HIS C 361 -21.88 28.33 -10.00
N VAL C 362 -21.02 27.49 -10.54
CA VAL C 362 -21.35 26.17 -11.10
C VAL C 362 -20.42 25.18 -10.41
N LEU C 363 -21.00 24.09 -9.90
CA LEU C 363 -20.23 23.08 -9.18
C LEU C 363 -19.95 21.78 -9.99
N PHE C 364 -18.67 21.56 -10.32
CA PHE C 364 -18.19 20.29 -10.88
C PHE C 364 -17.46 19.49 -9.80
N VAL C 365 -17.02 18.28 -10.16
CA VAL C 365 -16.13 17.49 -9.31
C VAL C 365 -14.79 17.45 -10.04
N HIS C 366 -13.71 17.74 -9.31
CA HIS C 366 -12.36 17.63 -9.86
C HIS C 366 -11.99 16.20 -10.28
N GLY C 367 -11.37 16.09 -11.46
CA GLY C 367 -11.00 14.83 -12.08
C GLY C 367 -10.05 13.95 -11.28
N SER C 368 -9.09 14.57 -10.58
CA SER C 368 -8.16 13.81 -9.76
C SER C 368 -8.83 13.22 -8.48
N GLY C 369 -10.07 13.59 -8.21
CA GLY C 369 -10.84 12.93 -7.15
C GLY C 369 -11.21 11.52 -7.57
N PHE C 370 -10.96 11.23 -8.85
CA PHE C 370 -11.16 9.93 -9.47
C PHE C 370 -9.79 9.29 -9.82
N GLY C 371 -8.78 9.59 -9.03
CA GLY C 371 -7.46 9.03 -9.25
C GLY C 371 -6.68 9.69 -10.37
N GLU C 372 -5.39 9.33 -10.48
CA GLU C 372 -4.43 9.95 -11.39
C GLU C 372 -4.81 9.98 -12.86
N TYR C 373 -5.61 9.01 -13.30
CA TYR C 373 -6.03 9.01 -14.70
C TYR C 373 -7.13 10.07 -14.94
N GLY C 374 -7.68 10.61 -13.85
CA GLY C 374 -8.65 11.70 -13.93
C GLY C 374 -8.08 13.10 -13.87
N ALA C 375 -6.78 13.24 -13.59
CA ALA C 375 -6.11 14.55 -13.47
C ALA C 375 -6.19 15.34 -14.77
N GLY C 376 -6.44 16.65 -14.65
CA GLY C 376 -6.57 17.53 -15.82
C GLY C 376 -7.98 17.48 -16.41
N HIS C 377 -8.90 16.87 -15.66
CA HIS C 377 -10.26 16.66 -16.08
C HIS C 377 -11.20 17.06 -14.97
N PHE C 378 -12.47 17.06 -15.27
CA PHE C 378 -13.50 17.23 -14.26
C PHE C 378 -14.72 16.42 -14.68
N ARG C 379 -15.59 16.16 -13.71
CA ARG C 379 -16.84 15.50 -13.98
C ARG C 379 -18.04 16.44 -13.78
N ALA C 380 -18.97 16.38 -14.73
CA ALA C 380 -20.27 17.07 -14.61
C ALA C 380 -21.44 16.09 -14.84
N VAL C 381 -22.56 16.36 -14.16
CA VAL C 381 -23.79 15.66 -14.50
C VAL C 381 -24.63 16.47 -15.51
N PHE C 382 -25.33 15.77 -16.40
CA PHE C 382 -26.27 16.44 -17.27
C PHE C 382 -27.71 16.10 -16.87
N LEU C 383 -27.89 15.79 -15.58
CA LEU C 383 -29.21 15.57 -14.99
C LEU C 383 -30.20 16.78 -15.01
N PRO C 384 -29.75 18.03 -14.80
CA PRO C 384 -30.67 19.18 -14.84
C PRO C 384 -31.34 19.39 -16.20
N PRO C 385 -32.55 19.96 -16.22
CA PRO C 385 -33.17 20.35 -17.50
C PRO C 385 -32.28 21.26 -18.34
N ILE C 386 -32.48 21.25 -19.67
CA ILE C 386 -31.79 22.12 -20.64
C ILE C 386 -31.69 23.58 -20.20
N GLU C 387 -32.80 24.13 -19.67
CA GLU C 387 -32.87 25.52 -19.15
C GLU C 387 -31.77 25.81 -18.14
N ILE C 388 -31.59 24.88 -17.20
CA ILE C 388 -30.55 25.00 -16.18
C ILE C 388 -29.15 24.79 -16.80
N LEU C 389 -29.02 23.76 -17.63
CA LEU C 389 -27.75 23.50 -18.33
C LEU C 389 -27.30 24.69 -19.18
N GLU C 390 -28.26 25.37 -19.81
CA GLU C 390 -27.98 26.58 -20.60
C GLU C 390 -27.42 27.68 -19.72
N GLU C 391 -28.14 27.98 -18.63
CA GLU C 391 -27.68 28.93 -17.62
C GLU C 391 -26.25 28.59 -17.16
N ALA C 392 -26.04 27.33 -16.76
CA ALA C 392 -24.74 26.81 -16.31
C ALA C 392 -23.60 26.97 -17.33
N MET C 393 -23.87 26.57 -18.58
CA MET C 393 -22.83 26.60 -19.61
C MET C 393 -22.47 28.01 -20.07
N ASP C 394 -23.45 28.92 -20.03
CA ASP C 394 -23.23 30.35 -20.34
C ASP C 394 -22.25 30.97 -19.35
N ARG C 395 -22.50 30.80 -18.04
CA ARG C 395 -21.61 31.32 -16.99
C ARG C 395 -20.20 30.75 -17.10
N PHE C 396 -20.11 29.43 -17.29
CA PHE C 396 -18.82 28.72 -17.43
C PHE C 396 -18.05 29.16 -18.68
N GLU C 397 -18.77 29.38 -19.77
CA GLU C 397 -18.15 29.88 -21.01
C GLU C 397 -17.60 31.30 -20.82
N LYS C 398 -18.37 32.17 -20.15
CA LYS C 398 -17.90 33.53 -19.77
C LYS C 398 -16.63 33.45 -18.92
N PHE C 399 -16.65 32.57 -17.91
CA PHE C 399 -15.51 32.34 -17.01
C PHE C 399 -14.25 31.87 -17.75
N MET C 400 -14.42 30.93 -18.67
CA MET C 400 -13.31 30.38 -19.46
C MET C 400 -12.70 31.44 -20.40
N LYS C 401 -13.57 32.21 -21.05
CA LYS C 401 -13.18 33.33 -21.92
C LYS C 401 -12.35 34.33 -21.09
N GLU C 402 -12.88 34.68 -19.91
CA GLU C 402 -12.18 35.56 -18.96
C GLU C 402 -10.79 35.06 -18.54
N ARG C 403 -10.65 33.76 -18.33
CA ARG C 403 -9.42 33.17 -17.77
C ARG C 403 -8.24 32.93 -18.73
N ILE D 10 -10.05 -20.23 -5.62
CA ILE D 10 -10.42 -18.90 -5.05
C ILE D 10 -10.82 -19.06 -3.58
N ARG D 11 -9.99 -18.51 -2.70
CA ARG D 11 -10.18 -18.59 -1.25
C ARG D 11 -10.90 -17.36 -0.68
N ALA D 12 -11.75 -17.59 0.32
CA ALA D 12 -12.41 -16.50 1.01
C ALA D 12 -11.44 -15.85 2.00
N SER D 13 -11.67 -14.59 2.33
CA SER D 13 -10.83 -13.88 3.30
C SER D 13 -10.77 -14.54 4.69
N LYS D 14 -9.66 -14.30 5.39
CA LYS D 14 -9.48 -14.72 6.78
C LYS D 14 -10.60 -14.17 7.70
N ARG D 15 -10.85 -12.85 7.64
CA ARG D 15 -11.84 -12.21 8.49
C ARG D 15 -13.23 -12.82 8.31
N ALA D 16 -13.64 -13.05 7.06
CA ALA D 16 -14.94 -13.64 6.74
C ALA D 16 -15.03 -15.14 7.08
N LEU D 17 -13.87 -15.79 7.17
CA LEU D 17 -13.79 -17.19 7.60
C LEU D 17 -14.16 -17.27 9.09
N SER D 18 -13.54 -16.39 9.87
CA SER D 18 -13.74 -16.28 11.32
C SER D 18 -15.17 -15.91 11.80
N VAL D 19 -16.15 -15.81 10.89
CA VAL D 19 -17.52 -15.39 11.25
C VAL D 19 -18.46 -16.60 11.36
N GLU D 20 -18.75 -17.00 12.59
CA GLU D 20 -19.61 -18.16 12.86
C GLU D 20 -21.10 -17.80 12.99
N PRO D 29 -33.49 -28.42 9.23
CA PRO D 29 -33.91 -29.13 10.46
C PRO D 29 -35.42 -28.98 10.76
N ALA D 30 -35.85 -27.76 11.07
CA ALA D 30 -37.26 -27.43 11.29
C ALA D 30 -37.99 -27.24 9.95
N ARG D 31 -37.24 -26.96 8.89
CA ARG D 31 -37.76 -26.82 7.53
C ARG D 31 -38.22 -28.17 7.00
N GLU D 32 -37.40 -29.20 7.24
CA GLU D 32 -37.74 -30.60 6.93
C GLU D 32 -39.07 -31.07 7.59
N LEU D 33 -39.39 -30.54 8.77
CA LEU D 33 -40.68 -30.83 9.42
C LEU D 33 -41.81 -30.02 8.80
N GLU D 34 -41.58 -28.71 8.63
CA GLU D 34 -42.55 -27.81 7.99
C GLU D 34 -42.97 -28.25 6.58
N LYS D 35 -42.02 -28.86 5.85
CA LYS D 35 -42.25 -29.43 4.52
C LYS D 35 -43.23 -30.62 4.50
N LYS D 36 -43.21 -31.43 5.57
CA LYS D 36 -44.20 -32.51 5.77
C LYS D 36 -45.60 -31.92 6.02
N GLY D 37 -45.63 -30.64 6.41
CA GLY D 37 -46.87 -29.98 6.79
C GLY D 37 -47.02 -29.84 8.30
N ILE D 38 -45.97 -30.18 9.05
CA ILE D 38 -45.97 -30.03 10.50
C ILE D 38 -45.80 -28.56 10.88
N LYS D 39 -46.71 -28.03 11.70
CA LYS D 39 -46.58 -26.65 12.19
C LYS D 39 -45.83 -26.67 13.51
N VAL D 40 -44.55 -26.32 13.46
CA VAL D 40 -43.77 -26.14 14.67
C VAL D 40 -44.11 -24.76 15.25
N ILE D 41 -44.20 -24.66 16.58
CA ILE D 41 -44.35 -23.35 17.20
C ILE D 41 -42.95 -22.76 17.30
N ARG D 42 -42.72 -21.65 16.62
CA ARG D 42 -41.42 -20.99 16.57
C ARG D 42 -41.32 -19.92 17.66
N LEU D 43 -40.50 -20.20 18.66
CA LEU D 43 -40.26 -19.33 19.82
C LEU D 43 -38.79 -18.90 19.81
N ASN D 44 -38.17 -19.07 18.64
CA ASN D 44 -36.76 -18.85 18.39
C ASN D 44 -36.42 -17.51 17.74
N ILE D 45 -37.42 -16.78 17.25
CA ILE D 45 -37.18 -15.53 16.53
C ILE D 45 -37.76 -14.31 17.21
N GLY D 46 -36.89 -13.33 17.44
CA GLY D 46 -37.22 -12.08 18.11
C GLY D 46 -37.83 -11.00 17.25
N ASP D 47 -38.52 -11.37 16.18
CA ASP D 47 -39.15 -10.39 15.31
C ASP D 47 -40.66 -10.24 15.66
N PRO D 48 -41.03 -9.15 16.35
CA PRO D 48 -42.42 -8.95 16.78
C PRO D 48 -43.42 -8.76 15.61
N VAL D 49 -42.93 -8.31 14.46
CA VAL D 49 -43.77 -8.15 13.26
C VAL D 49 -44.18 -9.52 12.65
N LYS D 50 -43.52 -10.61 13.08
CA LYS D 50 -43.90 -11.97 12.67
C LYS D 50 -45.11 -12.50 13.46
N PHE D 51 -45.46 -11.79 14.52
CA PHE D 51 -46.61 -12.12 15.36
C PHE D 51 -47.68 -11.02 15.24
N ASP D 52 -48.45 -10.77 16.30
CA ASP D 52 -49.55 -9.81 16.21
C ASP D 52 -49.12 -8.35 16.46
N PHE D 53 -48.04 -7.92 15.78
CA PHE D 53 -47.49 -6.55 15.96
C PHE D 53 -47.11 -5.88 14.64
N GLN D 54 -47.39 -4.59 14.53
CA GLN D 54 -47.13 -3.77 13.34
C GLN D 54 -46.67 -2.40 13.82
N PRO D 55 -45.88 -1.66 13.03
CA PRO D 55 -45.57 -0.27 13.41
C PRO D 55 -46.89 0.51 13.43
N PRO D 56 -47.02 1.50 14.31
CA PRO D 56 -48.24 2.27 14.39
C PRO D 56 -48.59 2.93 13.06
N GLU D 57 -49.89 3.15 12.87
CA GLU D 57 -50.46 3.67 11.64
C GLU D 57 -49.85 5.01 11.18
N HIS D 58 -49.59 5.92 12.11
CA HIS D 58 -49.00 7.22 11.79
C HIS D 58 -47.56 7.12 11.21
N MET D 59 -46.86 6.05 11.58
CA MET D 59 -45.51 5.76 11.05
C MET D 59 -45.61 5.23 9.62
N LYS D 60 -46.48 4.25 9.41
CA LYS D 60 -46.79 3.74 8.08
C LYS D 60 -47.22 4.86 7.10
N GLU D 61 -48.08 5.76 7.60
CA GLU D 61 -48.62 6.89 6.83
C GLU D 61 -47.54 7.90 6.45
N ALA D 62 -46.63 8.20 7.38
CA ALA D 62 -45.48 9.08 7.08
C ALA D 62 -44.52 8.45 6.04
N TYR D 63 -44.26 7.15 6.16
CA TYR D 63 -43.41 6.41 5.20
C TYR D 63 -44.02 6.49 3.80
N CYS D 64 -45.26 6.08 3.69
CA CYS D 64 -45.98 6.09 2.43
C CYS D 64 -46.10 7.51 1.84
N LYS D 65 -46.34 8.51 2.70
CA LYS D 65 -46.44 9.90 2.26
C LYS D 65 -45.10 10.42 1.72
N ALA D 66 -44.00 10.08 2.41
CA ALA D 66 -42.64 10.46 2.00
C ALA D 66 -42.32 10.01 0.58
N ILE D 67 -42.67 8.77 0.25
CA ILE D 67 -42.52 8.18 -1.09
C ILE D 67 -43.34 8.92 -2.16
N LYS D 68 -44.61 9.19 -1.86
CA LYS D 68 -45.51 9.94 -2.73
C LYS D 68 -45.08 11.39 -2.93
N GLU D 69 -44.59 12.02 -1.86
CA GLU D 69 -44.14 13.42 -1.97
C GLU D 69 -42.74 13.57 -2.56
N GLY D 70 -42.15 12.43 -2.92
CA GLY D 70 -40.92 12.40 -3.70
C GLY D 70 -39.64 12.41 -2.91
N HIS D 71 -39.70 12.01 -1.64
CA HIS D 71 -38.50 11.91 -0.80
C HIS D 71 -37.79 10.57 -1.00
N ASN D 72 -37.17 10.43 -2.17
CA ASN D 72 -36.68 9.14 -2.66
C ASN D 72 -35.24 9.21 -3.20
N TYR D 73 -34.59 10.32 -2.84
CA TYR D 73 -33.22 10.68 -3.17
C TYR D 73 -32.27 10.24 -2.03
N TYR D 74 -30.96 10.30 -2.27
CA TYR D 74 -29.96 10.14 -1.21
C TYR D 74 -30.06 11.29 -0.20
N GLY D 75 -30.23 10.98 1.08
CA GLY D 75 -30.10 12.02 2.11
C GLY D 75 -28.65 12.23 2.48
N ASP D 76 -28.39 13.14 3.42
CA ASP D 76 -27.05 13.38 3.97
C ASP D 76 -26.58 12.11 4.67
N SER D 77 -25.27 11.81 4.58
CA SER D 77 -24.73 10.62 5.25
C SER D 77 -24.98 10.56 6.77
N GLU D 78 -25.13 11.73 7.40
CA GLU D 78 -25.45 11.87 8.84
C GLU D 78 -26.94 11.62 9.16
N GLY D 79 -27.77 11.52 8.13
CA GLY D 79 -29.22 11.40 8.27
C GLY D 79 -29.88 12.75 8.02
N LEU D 80 -31.20 12.78 7.93
CA LEU D 80 -31.94 14.03 7.69
C LEU D 80 -31.91 14.94 8.92
N PRO D 81 -31.59 16.23 8.73
CA PRO D 81 -31.52 17.19 9.85
C PRO D 81 -32.75 17.19 10.77
N GLU D 82 -33.94 17.03 10.18
CA GLU D 82 -35.19 17.00 10.92
C GLU D 82 -35.33 15.71 11.76
N LEU D 83 -34.75 14.61 11.29
CA LEU D 83 -34.72 13.41 12.10
C LEU D 83 -33.69 13.52 13.23
N ARG D 84 -32.51 14.06 12.91
CA ARG D 84 -31.53 14.32 13.97
C ARG D 84 -32.04 15.24 15.09
N LYS D 85 -32.81 16.27 14.74
CA LYS D 85 -33.46 17.18 15.69
C LYS D 85 -34.50 16.45 16.59
N ALA D 86 -35.28 15.54 15.99
CA ALA D 86 -36.27 14.72 16.68
C ALA D 86 -35.66 13.69 17.62
N ILE D 87 -34.56 13.08 17.22
CA ILE D 87 -33.79 12.17 18.11
C ILE D 87 -33.36 12.94 19.37
N VAL D 88 -32.80 14.15 19.15
CA VAL D 88 -32.34 15.05 20.22
C VAL D 88 -33.44 15.36 21.26
N GLU D 89 -34.65 15.74 20.78
CA GLU D 89 -35.78 16.05 21.67
C GLU D 89 -36.20 14.83 22.48
N ARG D 90 -36.29 13.69 21.80
CA ARG D 90 -36.73 12.42 22.40
C ARG D 90 -35.74 11.93 23.47
N GLU D 91 -34.45 12.05 23.18
CA GLU D 91 -33.38 11.62 24.09
C GLU D 91 -33.20 12.62 25.24
N LYS D 92 -33.46 13.90 24.98
CA LYS D 92 -33.47 14.92 26.04
C LYS D 92 -34.61 14.64 26.99
N ARG D 93 -35.81 14.43 26.44
CA ARG D 93 -36.99 14.08 27.24
C ARG D 93 -36.83 12.78 28.06
N LYS D 94 -36.34 11.70 27.46
CA LYS D 94 -36.24 10.41 28.18
C LYS D 94 -35.06 10.30 29.11
N ASN D 95 -33.91 10.78 28.64
CA ASN D 95 -32.63 10.50 29.30
C ASN D 95 -31.96 11.74 29.89
N GLY D 96 -32.55 12.91 29.60
CA GLY D 96 -32.06 14.19 30.11
C GLY D 96 -30.65 14.57 29.70
N VAL D 97 -30.17 13.99 28.59
CA VAL D 97 -28.80 14.24 28.10
C VAL D 97 -28.68 15.54 27.33
N ASP D 98 -27.52 16.18 27.43
CA ASP D 98 -27.28 17.46 26.76
C ASP D 98 -26.53 17.24 25.45
N ILE D 99 -27.28 17.03 24.36
CA ILE D 99 -26.72 16.76 23.02
C ILE D 99 -27.33 17.71 21.99
N THR D 100 -26.67 17.85 20.84
CA THR D 100 -27.24 18.63 19.73
C THR D 100 -27.37 17.71 18.50
N PRO D 101 -28.03 18.18 17.44
CA PRO D 101 -28.11 17.40 16.20
C PRO D 101 -26.76 16.90 15.66
N ASP D 102 -25.70 17.65 15.90
CA ASP D 102 -24.36 17.24 15.48
C ASP D 102 -23.74 16.07 16.24
N ASP D 103 -24.36 15.70 17.37
CA ASP D 103 -23.90 14.56 18.16
C ASP D 103 -24.66 13.30 17.78
N VAL D 104 -25.47 13.40 16.72
CA VAL D 104 -26.39 12.35 16.29
C VAL D 104 -26.04 11.89 14.87
N ARG D 105 -26.04 10.56 14.65
CA ARG D 105 -25.89 9.97 13.31
C ARG D 105 -27.00 8.95 13.05
N VAL D 106 -27.75 9.14 11.97
CA VAL D 106 -28.77 8.16 11.57
C VAL D 106 -28.11 6.99 10.84
N THR D 107 -28.53 5.77 11.16
CA THR D 107 -27.92 4.58 10.59
C THR D 107 -28.96 3.63 10.01
N ALA D 108 -28.49 2.68 9.24
CA ALA D 108 -29.30 1.59 8.74
C ALA D 108 -29.49 0.58 9.87
N ALA D 109 -30.27 0.96 10.88
CA ALA D 109 -30.59 0.10 12.02
C ALA D 109 -29.43 0.09 13.03
N VAL D 110 -29.63 -0.56 14.16
CA VAL D 110 -28.57 -0.70 15.15
C VAL D 110 -27.44 -1.50 14.53
N THR D 111 -27.77 -2.47 13.67
CA THR D 111 -26.75 -3.27 12.98
C THR D 111 -25.67 -2.37 12.30
N GLU D 112 -26.08 -1.34 11.57
CA GLU D 112 -25.11 -0.45 10.94
C GLU D 112 -24.40 0.44 11.96
N ALA D 113 -25.12 0.89 12.99
CA ALA D 113 -24.47 1.59 14.12
C ALA D 113 -23.24 0.81 14.60
N LEU D 114 -23.43 -0.48 14.88
CA LEU D 114 -22.36 -1.38 15.30
C LEU D 114 -21.22 -1.51 14.30
N GLN D 115 -21.54 -1.67 13.00
CA GLN D 115 -20.55 -1.79 11.94
C GLN D 115 -19.66 -0.55 11.87
N LEU D 116 -20.31 0.61 11.92
CA LEU D 116 -19.64 1.90 11.96
C LEU D 116 -18.78 2.07 13.23
N ILE D 117 -19.33 1.72 14.39
CA ILE D 117 -18.60 1.89 15.65
C ILE D 117 -17.40 0.95 15.74
N PHE D 118 -17.61 -0.33 15.41
CA PHE D 118 -16.51 -1.32 15.39
C PHE D 118 -15.45 -1.04 14.29
N GLY D 119 -15.88 -0.68 13.08
CA GLY D 119 -14.95 -0.30 12.02
C GLY D 119 -14.02 0.83 12.43
N ALA D 120 -14.60 1.86 13.05
CA ALA D 120 -13.92 3.10 13.43
C ALA D 120 -13.00 2.98 14.64
N LEU D 121 -13.26 1.98 15.49
CA LEU D 121 -12.57 1.79 16.75
C LEU D 121 -11.46 0.76 16.72
N LEU D 122 -11.65 -0.32 15.96
CA LEU D 122 -10.78 -1.49 16.05
C LEU D 122 -9.54 -1.51 15.17
N ASP D 123 -8.37 -1.52 15.84
CA ASP D 123 -7.11 -1.91 15.20
C ASP D 123 -6.99 -3.44 15.44
N PRO D 124 -6.11 -4.15 14.72
CA PRO D 124 -6.02 -5.62 14.89
C PRO D 124 -5.63 -6.00 16.32
N GLY D 125 -6.42 -6.90 16.93
CA GLY D 125 -6.14 -7.39 18.29
C GLY D 125 -6.74 -6.54 19.40
N ASP D 126 -7.39 -5.44 19.02
CA ASP D 126 -8.12 -4.65 19.99
C ASP D 126 -9.29 -5.47 20.54
N GLU D 127 -9.63 -5.25 21.80
CA GLU D 127 -10.67 -6.01 22.45
C GLU D 127 -11.91 -5.18 22.73
N ILE D 128 -13.05 -5.85 22.72
CA ILE D 128 -14.31 -5.27 23.15
C ILE D 128 -14.88 -6.22 24.21
N LEU D 129 -15.21 -5.65 25.36
CA LEU D 129 -15.92 -6.39 26.38
C LEU D 129 -17.42 -6.43 26.04
N VAL D 130 -17.97 -7.64 25.93
CA VAL D 130 -19.40 -7.88 25.67
C VAL D 130 -19.98 -8.75 26.79
N PRO D 131 -21.27 -8.64 27.10
CA PRO D 131 -21.84 -9.49 28.15
C PRO D 131 -21.88 -10.97 27.75
N GLY D 132 -21.90 -11.85 28.76
CA GLY D 132 -22.16 -13.28 28.58
C GLY D 132 -23.27 -13.72 29.56
N PRO D 133 -24.39 -14.29 29.09
CA PRO D 133 -24.70 -14.63 27.68
C PRO D 133 -24.73 -13.45 26.69
N SER D 134 -24.28 -13.73 25.47
CA SER D 134 -24.00 -12.71 24.46
C SER D 134 -25.03 -12.60 23.34
N TYR D 135 -25.13 -11.40 22.77
CA TYR D 135 -25.90 -11.25 21.57
C TYR D 135 -24.92 -11.54 20.42
N PRO D 136 -25.16 -12.63 19.68
CA PRO D 136 -24.18 -13.14 18.68
C PRO D 136 -23.59 -12.15 17.63
N PRO D 137 -24.39 -11.26 17.02
CA PRO D 137 -23.80 -10.29 16.07
C PRO D 137 -22.60 -9.48 16.61
N TYR D 138 -22.58 -9.18 17.90
CA TYR D 138 -21.44 -8.49 18.52
C TYR D 138 -20.14 -9.30 18.31
N THR D 139 -20.17 -10.58 18.70
CA THR D 139 -19.10 -11.55 18.48
C THR D 139 -18.61 -11.56 17.03
N GLY D 140 -19.53 -11.81 16.10
CA GLY D 140 -19.24 -11.82 14.66
C GLY D 140 -18.60 -10.54 14.17
N LEU D 141 -19.23 -9.40 14.49
CA LEU D 141 -18.76 -8.10 14.02
C LEU D 141 -17.44 -7.65 14.61
N VAL D 142 -17.23 -7.85 15.92
CA VAL D 142 -15.90 -7.56 16.50
C VAL D 142 -14.83 -8.38 15.77
N LYS D 143 -15.06 -9.68 15.61
CA LYS D 143 -14.14 -10.57 14.90
C LYS D 143 -13.90 -10.16 13.44
N PHE D 144 -14.97 -9.83 12.71
CA PHE D 144 -14.85 -9.40 11.32
C PHE D 144 -13.90 -8.21 11.15
N TYR D 145 -14.01 -7.22 12.04
CA TYR D 145 -13.17 -6.03 12.01
C TYR D 145 -11.79 -6.24 12.66
N GLY D 146 -11.43 -7.50 12.89
CA GLY D 146 -10.09 -7.84 13.38
C GLY D 146 -9.91 -7.70 14.87
N GLY D 147 -11.01 -7.59 15.61
CA GLY D 147 -10.94 -7.50 17.07
C GLY D 147 -11.14 -8.81 17.79
N LYS D 148 -10.99 -8.76 19.13
CA LYS D 148 -11.27 -9.90 19.99
C LYS D 148 -12.40 -9.57 20.99
N PRO D 149 -13.58 -10.19 20.82
CA PRO D 149 -14.68 -10.04 21.78
C PRO D 149 -14.37 -10.85 23.06
N VAL D 150 -14.55 -10.19 24.21
CA VAL D 150 -14.21 -10.77 25.49
C VAL D 150 -15.49 -10.66 26.31
N GLU D 151 -16.02 -11.82 26.66
CA GLU D 151 -17.26 -11.92 27.40
C GLU D 151 -17.01 -11.75 28.88
N TYR D 152 -17.74 -10.83 29.47
CA TYR D 152 -17.78 -10.73 30.89
C TYR D 152 -19.03 -11.45 31.38
N ARG D 153 -18.90 -12.05 32.56
CA ARG D 153 -19.98 -12.78 33.21
C ARG D 153 -21.14 -11.87 33.65
N THR D 154 -22.35 -12.37 33.44
CA THR D 154 -23.54 -11.83 34.09
C THR D 154 -24.12 -12.95 34.95
N ILE D 155 -24.81 -12.59 36.02
CA ILE D 155 -25.14 -13.53 37.10
C ILE D 155 -26.63 -13.90 37.19
N GLU D 156 -26.94 -15.14 36.85
CA GLU D 156 -28.35 -15.61 36.89
C GLU D 156 -29.10 -15.34 38.21
N GLU D 157 -28.47 -15.67 39.36
CA GLU D 157 -29.10 -15.41 40.68
C GLU D 157 -29.44 -13.93 40.92
N GLU D 158 -28.82 -13.04 40.15
CA GLU D 158 -29.11 -11.62 40.28
C GLU D 158 -29.98 -11.09 39.16
N ASP D 159 -30.63 -12.02 38.44
CA ASP D 159 -31.45 -11.73 37.27
C ASP D 159 -30.57 -11.21 36.14
N TRP D 160 -29.45 -11.90 35.95
CA TRP D 160 -28.45 -11.61 34.94
C TRP D 160 -27.87 -10.19 34.90
N GLN D 161 -27.47 -9.69 36.07
CA GLN D 161 -26.76 -8.41 36.18
C GLN D 161 -25.29 -8.72 35.93
N PRO D 162 -24.55 -7.78 35.32
CA PRO D 162 -23.09 -7.93 35.14
C PRO D 162 -22.29 -8.22 36.42
N ASP D 163 -21.28 -9.08 36.28
CA ASP D 163 -20.34 -9.39 37.34
C ASP D 163 -19.22 -8.38 37.19
N ILE D 164 -19.26 -7.37 38.07
CA ILE D 164 -18.32 -6.26 38.04
C ILE D 164 -16.87 -6.67 38.35
N ASP D 165 -16.71 -7.67 39.23
CA ASP D 165 -15.38 -8.25 39.46
C ASP D 165 -14.86 -8.95 38.21
N ASP D 166 -15.73 -9.68 37.52
CA ASP D 166 -15.36 -10.30 36.24
C ASP D 166 -14.98 -9.26 35.18
N ILE D 167 -15.70 -8.12 35.09
CA ILE D 167 -15.34 -7.02 34.16
C ILE D 167 -13.92 -6.49 34.47
N ARG D 168 -13.65 -6.20 35.75
CA ARG D 168 -12.33 -5.74 36.23
C ARG D 168 -11.22 -6.71 35.86
N LYS D 169 -11.47 -7.99 36.11
CA LYS D 169 -10.57 -9.08 35.78
C LYS D 169 -10.28 -9.18 34.27
N LYS D 170 -11.32 -9.09 33.43
CA LYS D 170 -11.22 -9.35 31.97
C LYS D 170 -10.68 -8.18 31.12
N ILE D 171 -10.74 -6.98 31.68
CA ILE D 171 -10.28 -5.77 31.01
C ILE D 171 -8.76 -5.82 30.87
N THR D 172 -8.23 -5.37 29.73
CA THR D 172 -6.76 -5.33 29.54
C THR D 172 -6.41 -4.02 28.89
N ASP D 173 -5.11 -3.81 28.65
CA ASP D 173 -4.67 -2.59 27.97
C ASP D 173 -5.00 -2.60 26.47
N ARG D 174 -5.54 -3.72 25.98
CA ARG D 174 -6.01 -3.82 24.59
C ARG D 174 -7.50 -3.55 24.45
N THR D 175 -8.20 -3.34 25.58
CA THR D 175 -9.66 -3.03 25.59
C THR D 175 -9.96 -1.64 25.02
N LYS D 176 -10.83 -1.60 24.03
CA LYS D 176 -11.22 -0.36 23.38
C LYS D 176 -12.58 0.20 23.82
N ALA D 177 -13.49 -0.66 24.29
CA ALA D 177 -14.83 -0.28 24.75
C ALA D 177 -15.47 -1.39 25.59
N ILE D 178 -16.42 -1.01 26.45
CA ILE D 178 -17.30 -1.96 27.15
C ILE D 178 -18.68 -1.81 26.51
N ALA D 179 -19.22 -2.89 25.98
CA ALA D 179 -20.59 -2.87 25.46
C ALA D 179 -21.57 -3.24 26.58
N VAL D 180 -22.67 -2.51 26.61
CA VAL D 180 -23.78 -2.71 27.55
C VAL D 180 -25.06 -2.91 26.72
N ILE D 181 -25.67 -4.10 26.84
CA ILE D 181 -26.89 -4.43 26.12
C ILE D 181 -28.02 -4.47 27.15
N ASN D 182 -28.81 -3.38 27.17
CA ASN D 182 -29.76 -3.11 28.25
C ASN D 182 -31.01 -2.29 27.80
N PRO D 183 -32.24 -2.83 27.91
CA PRO D 183 -32.54 -4.20 28.35
C PRO D 183 -31.87 -5.28 27.52
N ASN D 184 -31.59 -6.41 28.16
CA ASN D 184 -30.76 -7.46 27.57
C ASN D 184 -31.45 -8.56 26.76
N ASN D 185 -30.80 -8.91 25.63
CA ASN D 185 -31.07 -10.10 24.82
C ASN D 185 -29.79 -10.92 24.99
N PRO D 186 -29.85 -12.21 25.40
CA PRO D 186 -31.09 -13.03 25.51
C PRO D 186 -31.82 -13.16 26.84
N THR D 187 -31.36 -12.51 27.91
CA THR D 187 -31.82 -12.79 29.28
C THR D 187 -33.00 -11.95 29.75
N GLY D 188 -33.17 -10.76 29.20
CA GLY D 188 -34.27 -9.89 29.62
C GLY D 188 -33.96 -9.04 30.83
N ALA D 189 -32.69 -8.99 31.22
CA ALA D 189 -32.23 -8.22 32.37
C ALA D 189 -32.40 -6.73 32.14
N LEU D 190 -32.60 -6.00 33.23
CA LEU D 190 -32.62 -4.55 33.23
C LEU D 190 -31.57 -4.11 34.22
N TYR D 191 -30.57 -3.38 33.75
CA TYR D 191 -29.48 -2.97 34.59
C TYR D 191 -29.91 -1.76 35.39
N ASP D 192 -29.48 -1.71 36.65
CA ASP D 192 -29.88 -0.62 37.50
C ASP D 192 -28.70 0.32 37.67
N LYS D 193 -28.96 1.41 38.39
CA LYS D 193 -28.02 2.48 38.60
C LYS D 193 -26.69 2.01 39.17
N LYS D 194 -26.76 1.11 40.16
CA LYS D 194 -25.59 0.54 40.79
C LYS D 194 -24.67 -0.08 39.76
N THR D 195 -25.21 -1.00 38.94
CA THR D 195 -24.46 -1.70 37.89
C THR D 195 -23.83 -0.71 36.93
N LEU D 196 -24.65 0.25 36.52
CA LEU D 196 -24.23 1.20 35.49
C LEU D 196 -23.13 2.10 35.98
N GLU D 197 -23.25 2.61 37.20
CA GLU D 197 -22.24 3.47 37.81
C GLU D 197 -20.90 2.75 37.95
N GLU D 198 -20.96 1.47 38.35
CA GLU D 198 -19.76 0.66 38.48
C GLU D 198 -19.07 0.33 37.15
N ILE D 199 -19.86 0.10 36.09
CA ILE D 199 -19.32 -0.12 34.73
C ILE D 199 -18.66 1.15 34.21
N LEU D 200 -19.31 2.30 34.46
CA LEU D 200 -18.75 3.62 34.14
C LEU D 200 -17.45 3.96 34.89
N ASN D 201 -17.36 3.59 36.16
CA ASN D 201 -16.14 3.85 36.95
C ASN D 201 -14.94 3.15 36.37
N ILE D 202 -15.12 1.86 36.08
CA ILE D 202 -14.14 1.01 35.40
C ILE D 202 -13.73 1.59 34.05
N ALA D 203 -14.72 1.93 33.21
CA ALA D 203 -14.46 2.54 31.90
C ALA D 203 -13.67 3.84 32.05
N GLY D 204 -13.98 4.61 33.09
CA GLY D 204 -13.31 5.87 33.38
C GLY D 204 -11.87 5.65 33.80
N GLU D 205 -11.67 4.67 34.69
CA GLU D 205 -10.34 4.26 35.16
C GLU D 205 -9.37 3.88 34.03
N TYR D 206 -9.87 3.08 33.07
CA TYR D 206 -9.10 2.57 31.91
C TYR D 206 -9.15 3.47 30.66
N GLU D 207 -9.85 4.59 30.77
CA GLU D 207 -9.96 5.60 29.70
C GLU D 207 -10.54 5.05 28.37
N ILE D 208 -11.69 4.40 28.49
CA ILE D 208 -12.39 3.80 27.36
C ILE D 208 -13.87 4.18 27.38
N PRO D 209 -14.51 4.23 26.21
CA PRO D 209 -15.94 4.49 26.17
C PRO D 209 -16.81 3.28 26.54
N VAL D 210 -18.07 3.58 26.87
CA VAL D 210 -19.13 2.61 26.98
C VAL D 210 -19.99 2.73 25.73
N ILE D 211 -20.34 1.59 25.12
CA ILE D 211 -21.31 1.56 24.02
C ILE D 211 -22.60 1.02 24.64
N SER D 212 -23.69 1.77 24.54
CA SER D 212 -24.97 1.39 25.15
C SER D 212 -26.04 1.04 24.09
N ASP D 213 -26.40 -0.25 24.03
CA ASP D 213 -27.43 -0.70 23.11
C ASP D 213 -28.79 -0.61 23.84
N GLU D 214 -29.64 0.31 23.36
CA GLU D 214 -30.89 0.67 24.04
C GLU D 214 -32.11 0.47 23.18
N ILE D 215 -32.00 -0.46 22.22
CA ILE D 215 -33.08 -0.83 21.31
C ILE D 215 -34.42 -1.26 22.02
N TYR D 216 -34.33 -1.89 23.20
CA TYR D 216 -35.49 -2.31 24.03
C TYR D 216 -35.84 -1.32 25.14
N ASP D 217 -35.18 -0.16 25.14
CA ASP D 217 -35.55 1.02 25.90
C ASP D 217 -36.86 1.01 26.73
N LEU D 218 -37.96 1.15 26.01
CA LEU D 218 -39.28 1.37 26.58
C LEU D 218 -40.00 0.07 26.82
N MET D 219 -39.37 -1.03 26.46
CA MET D 219 -39.95 -2.34 26.54
C MET D 219 -39.63 -2.95 27.90
N THR D 220 -40.05 -2.26 28.96
CA THR D 220 -39.82 -2.69 30.33
C THR D 220 -41.17 -3.01 31.00
N TYR D 221 -41.14 -3.87 32.01
CA TYR D 221 -42.37 -4.34 32.65
C TYR D 221 -42.66 -3.72 34.02
N GLU D 222 -41.65 -3.69 34.88
CA GLU D 222 -41.76 -3.00 36.16
C GLU D 222 -40.55 -2.09 36.36
N GLY D 223 -40.77 -0.79 36.40
CA GLY D 223 -39.63 0.10 36.62
C GLY D 223 -38.87 0.43 35.35
N GLU D 224 -38.36 1.66 35.28
CA GLU D 224 -37.85 2.25 34.06
C GLU D 224 -36.40 1.93 33.71
N HIS D 225 -36.14 1.92 32.42
CA HIS D 225 -34.78 1.76 31.90
C HIS D 225 -33.98 3.02 32.23
N ILE D 226 -32.73 2.81 32.61
CA ILE D 226 -31.81 3.89 32.89
C ILE D 226 -30.67 3.76 31.88
N SER D 227 -30.37 4.88 31.22
CA SER D 227 -29.26 4.95 30.26
C SER D 227 -27.96 5.42 30.91
N PRO D 228 -26.84 4.73 30.64
CA PRO D 228 -25.54 5.20 31.11
C PRO D 228 -25.20 6.62 30.61
N GLY D 229 -25.80 7.05 29.50
CA GLY D 229 -25.69 8.44 29.06
C GLY D 229 -26.18 9.49 30.07
N SER D 230 -27.21 9.14 30.85
CA SER D 230 -27.74 10.01 31.91
C SER D 230 -26.76 10.09 33.06
N LEU D 231 -26.01 9.00 33.26
CA LEU D 231 -25.23 8.85 34.48
C LEU D 231 -23.80 9.36 34.37
N THR D 232 -23.23 9.28 33.18
CA THR D 232 -21.82 9.63 32.96
C THR D 232 -21.53 11.08 33.33
N LYS D 233 -20.29 11.34 33.76
CA LYS D 233 -19.79 12.70 33.96
C LYS D 233 -18.65 12.95 32.97
N ASP D 234 -17.66 12.06 33.00
CA ASP D 234 -16.41 12.14 32.23
C ASP D 234 -16.38 11.12 31.07
N VAL D 235 -16.91 9.92 31.34
CA VAL D 235 -16.85 8.75 30.44
C VAL D 235 -17.68 8.97 29.16
N PRO D 236 -17.06 8.80 27.99
CA PRO D 236 -17.81 8.93 26.75
C PRO D 236 -18.74 7.74 26.55
N VAL D 237 -19.99 8.02 26.22
CA VAL D 237 -20.96 6.98 25.93
C VAL D 237 -21.45 7.12 24.49
N ILE D 238 -21.44 6.00 23.78
CA ILE D 238 -22.09 5.95 22.49
C ILE D 238 -23.36 5.15 22.66
N VAL D 239 -24.48 5.83 22.47
CA VAL D 239 -25.81 5.24 22.59
C VAL D 239 -26.33 4.86 21.22
N MET D 240 -26.87 3.64 21.14
CA MET D 240 -27.50 3.13 19.91
C MET D 240 -28.96 2.81 20.16
N ASN D 241 -29.80 3.12 19.19
CA ASN D 241 -31.22 2.85 19.28
C ASN D 241 -31.83 2.75 17.88
N GLY D 242 -33.13 2.53 17.78
CA GLY D 242 -33.77 2.38 16.48
C GLY D 242 -35.25 2.11 16.50
N LEU D 243 -35.77 1.87 15.32
CA LEU D 243 -37.20 1.63 15.10
C LEU D 243 -37.58 0.18 15.23
N SER D 244 -36.60 -0.72 15.19
CA SER D 244 -36.89 -2.14 15.06
C SER D 244 -37.81 -2.74 16.13
N LYS D 245 -37.56 -2.43 17.41
CA LYS D 245 -38.21 -3.18 18.48
C LYS D 245 -39.37 -2.41 19.13
N VAL D 246 -39.03 -1.24 19.70
CA VAL D 246 -39.95 -0.33 20.39
C VAL D 246 -41.03 0.23 19.43
N TYR D 247 -40.69 0.29 18.14
CA TYR D 247 -41.60 0.81 17.13
C TYR D 247 -41.99 -0.26 16.13
N PHE D 248 -41.61 -1.50 16.41
CA PHE D 248 -42.08 -2.69 15.67
C PHE D 248 -41.95 -2.53 14.16
N ALA D 249 -40.75 -2.16 13.71
CA ALA D 249 -40.46 -1.92 12.29
C ALA D 249 -39.07 -2.47 11.99
N THR D 250 -38.93 -3.76 12.24
CA THR D 250 -37.72 -4.51 12.01
C THR D 250 -37.32 -4.52 10.54
N GLY D 251 -38.30 -4.61 9.64
CA GLY D 251 -38.02 -4.66 8.20
C GLY D 251 -37.65 -3.35 7.56
N TRP D 252 -37.77 -2.24 8.30
CA TRP D 252 -37.44 -0.90 7.80
C TRP D 252 -35.96 -0.48 7.92
N ARG D 253 -35.19 -1.21 8.73
CA ARG D 253 -33.73 -1.07 8.81
C ARG D 253 -33.33 0.37 9.10
N LEU D 254 -33.79 0.88 10.24
CA LEU D 254 -33.53 2.26 10.58
C LEU D 254 -33.28 2.41 12.07
N GLY D 255 -32.26 3.21 12.37
CA GLY D 255 -31.87 3.51 13.70
C GLY D 255 -30.94 4.71 13.77
N TYR D 256 -30.26 4.81 14.91
CA TYR D 256 -29.35 5.91 15.15
C TYR D 256 -28.36 5.64 16.26
N MET D 257 -27.30 6.44 16.28
CA MET D 257 -26.36 6.46 17.37
C MET D 257 -26.17 7.93 17.79
N TYR D 258 -25.81 8.14 19.04
CA TYR D 258 -25.41 9.48 19.47
C TYR D 258 -24.31 9.41 20.51
N PHE D 259 -23.64 10.53 20.73
CA PHE D 259 -22.50 10.57 21.59
C PHE D 259 -22.74 11.49 22.79
N VAL D 260 -22.52 10.95 23.99
CA VAL D 260 -22.54 11.72 25.23
C VAL D 260 -21.08 11.76 25.67
N ASP D 261 -20.47 12.93 25.54
CA ASP D 261 -19.03 13.05 25.61
C ASP D 261 -18.67 14.52 25.86
N PRO D 262 -18.95 15.02 27.07
CA PRO D 262 -18.69 16.43 27.39
C PRO D 262 -17.23 16.85 27.10
N GLU D 263 -16.27 16.02 27.51
CA GLU D 263 -14.84 16.33 27.35
C GLU D 263 -14.30 16.08 25.92
N ASN D 264 -15.18 15.80 24.97
CA ASN D 264 -14.80 15.53 23.57
C ASN D 264 -13.65 14.52 23.41
N LYS D 265 -13.71 13.44 24.19
CA LYS D 265 -12.71 12.36 24.13
C LYS D 265 -12.87 11.48 22.88
N LEU D 266 -14.03 11.55 22.24
CA LEU D 266 -14.32 10.76 21.03
C LEU D 266 -14.05 11.47 19.69
N SER D 267 -13.36 12.62 19.71
CA SER D 267 -13.24 13.45 18.48
C SER D 267 -12.63 12.70 17.27
N GLU D 268 -11.66 11.85 17.56
CA GLU D 268 -11.03 10.99 16.55
C GLU D 268 -11.94 9.85 16.06
N VAL D 269 -12.65 9.21 16.99
CA VAL D 269 -13.62 8.15 16.68
C VAL D 269 -14.77 8.71 15.81
N ARG D 270 -15.18 9.94 16.09
CA ARG D 270 -16.26 10.59 15.34
C ARG D 270 -15.83 10.94 13.92
N GLU D 271 -14.58 11.38 13.76
CA GLU D 271 -13.98 11.59 12.45
C GLU D 271 -13.97 10.28 11.66
N ALA D 272 -13.55 9.19 12.31
CA ALA D 272 -13.49 7.88 11.68
C ALA D 272 -14.88 7.35 11.30
N ILE D 273 -15.87 7.52 12.18
CA ILE D 273 -17.25 7.12 11.92
C ILE D 273 -17.79 7.88 10.71
N ASP D 274 -17.58 9.20 10.69
CA ASP D 274 -17.94 10.05 9.54
C ASP D 274 -17.29 9.65 8.21
N ARG D 275 -15.99 9.35 8.20
CA ARG D 275 -15.32 8.80 7.01
C ARG D 275 -15.98 7.50 6.50
N LEU D 276 -16.33 6.62 7.44
CA LEU D 276 -16.97 5.34 7.09
C LEU D 276 -18.40 5.54 6.61
N ALA D 277 -19.13 6.44 7.26
CA ALA D 277 -20.51 6.78 6.90
C ALA D 277 -20.63 7.40 5.49
N ARG D 278 -19.68 8.26 5.12
CA ARG D 278 -19.72 8.95 3.82
C ARG D 278 -19.63 8.01 2.64
N ILE D 279 -18.75 7.02 2.74
CA ILE D 279 -18.53 6.13 1.61
C ILE D 279 -19.62 5.08 1.40
N ARG D 280 -20.44 4.83 2.42
CA ARG D 280 -21.62 3.95 2.26
C ARG D 280 -22.86 4.75 1.81
N LEU D 281 -22.67 6.05 1.67
CA LEU D 281 -23.66 7.01 1.13
C LEU D 281 -24.68 7.44 2.18
N CYS D 282 -25.68 6.61 2.47
CA CYS D 282 -26.73 7.00 3.38
C CYS D 282 -27.65 5.83 3.75
N PRO D 283 -28.44 5.99 4.81
CA PRO D 283 -29.52 5.04 5.11
C PRO D 283 -30.76 5.33 4.21
N ASN D 284 -31.80 4.52 4.34
CA ASN D 284 -33.07 4.71 3.59
C ASN D 284 -33.64 6.10 3.88
N THR D 285 -34.02 6.82 2.83
CA THR D 285 -34.61 8.15 2.97
C THR D 285 -36.06 8.20 3.50
N PRO D 286 -37.07 7.59 2.82
CA PRO D 286 -38.45 7.66 3.32
C PRO D 286 -38.69 7.09 4.73
N ALA D 287 -37.92 6.05 5.13
CA ALA D 287 -38.02 5.48 6.48
C ALA D 287 -37.77 6.53 7.53
N GLN D 288 -36.91 7.50 7.21
CA GLN D 288 -36.55 8.58 8.13
C GLN D 288 -37.71 9.52 8.40
N PHE D 289 -38.61 9.64 7.44
CA PHE D 289 -39.86 10.38 7.65
C PHE D 289 -40.78 9.62 8.59
N ALA D 290 -40.88 8.30 8.39
CA ALA D 290 -41.59 7.42 9.32
C ALA D 290 -40.98 7.52 10.73
N ALA D 291 -39.65 7.59 10.81
CA ALA D 291 -38.95 7.69 12.09
C ALA D 291 -39.28 8.97 12.85
N ILE D 292 -39.34 10.11 12.14
CA ILE D 292 -39.84 11.38 12.71
C ILE D 292 -41.26 11.21 13.29
N ALA D 293 -42.16 10.54 12.55
CA ALA D 293 -43.53 10.30 13.04
C ALA D 293 -43.57 9.43 14.28
N GLY D 294 -42.65 8.47 14.39
CA GLY D 294 -42.59 7.60 15.57
C GLY D 294 -42.03 8.31 16.80
N LEU D 295 -40.98 9.11 16.60
CA LEU D 295 -40.27 9.77 17.70
C LEU D 295 -41.01 10.95 18.29
N THR D 296 -41.81 11.65 17.47
CA THR D 296 -42.60 12.83 17.86
C THR D 296 -44.12 12.57 17.89
N GLY D 297 -44.55 11.37 17.50
CA GLY D 297 -45.97 11.04 17.45
C GLY D 297 -46.49 10.46 18.74
N PRO D 298 -47.79 10.10 18.77
CA PRO D 298 -48.42 9.57 19.99
C PRO D 298 -47.93 8.16 20.33
N MET D 299 -47.73 7.92 21.63
CA MET D 299 -47.18 6.65 22.12
C MET D 299 -48.26 5.67 22.62
N ASP D 300 -49.52 6.00 22.31
CA ASP D 300 -50.69 5.18 22.62
C ASP D 300 -50.55 3.72 22.18
N TYR D 301 -49.96 3.52 20.99
CA TYR D 301 -49.78 2.18 20.39
C TYR D 301 -48.95 1.26 21.29
N LEU D 302 -48.01 1.87 22.00
CA LEU D 302 -47.02 1.15 22.80
C LEU D 302 -47.62 0.69 24.12
N LYS D 303 -48.46 1.53 24.71
CA LYS D 303 -49.22 1.24 25.94
C LYS D 303 -49.98 -0.07 25.76
N GLU D 304 -50.68 -0.17 24.64
CA GLU D 304 -51.51 -1.33 24.34
C GLU D 304 -50.69 -2.57 24.10
N TYR D 305 -49.54 -2.40 23.43
CA TYR D 305 -48.66 -3.53 23.11
C TYR D 305 -47.91 -4.07 24.34
N MET D 306 -47.46 -3.15 25.20
CA MET D 306 -46.78 -3.49 26.44
C MET D 306 -47.65 -4.31 27.35
N LYS D 307 -48.94 -3.92 27.42
CA LYS D 307 -50.00 -4.58 28.20
C LYS D 307 -50.07 -6.06 27.85
N LYS D 308 -50.26 -6.34 26.58
CA LYS D 308 -50.28 -7.71 26.04
C LYS D 308 -48.94 -8.43 26.29
N LEU D 309 -47.81 -7.72 26.08
CA LEU D 309 -46.49 -8.34 26.27
C LEU D 309 -46.21 -8.75 27.73
N LYS D 310 -46.60 -7.89 28.66
CA LYS D 310 -46.52 -8.16 30.10
C LYS D 310 -47.32 -9.39 30.51
N GLU D 311 -48.55 -9.49 29.99
CA GLU D 311 -49.42 -10.67 30.21
C GLU D 311 -48.73 -11.95 29.72
N ARG D 312 -48.02 -11.87 28.59
CA ARG D 312 -47.29 -13.00 27.99
C ARG D 312 -46.01 -13.33 28.77
N ARG D 313 -45.31 -12.28 29.25
CA ARG D 313 -44.15 -12.42 30.15
C ARG D 313 -44.57 -13.21 31.38
N ASP D 314 -45.60 -12.70 32.07
CA ASP D 314 -46.14 -13.29 33.29
C ASP D 314 -46.54 -14.72 33.04
N TYR D 315 -47.21 -14.95 31.90
CA TYR D 315 -47.67 -16.29 31.56
C TYR D 315 -46.55 -17.28 31.36
N ILE D 316 -45.59 -17.01 30.46
CA ILE D 316 -44.51 -17.97 30.18
C ILE D 316 -43.61 -18.21 31.40
N TYR D 317 -43.40 -17.15 32.19
CA TYR D 317 -42.61 -17.22 33.42
C TYR D 317 -43.27 -18.19 34.39
N LYS D 318 -44.58 -18.03 34.58
CA LYS D 318 -45.38 -18.88 35.45
C LYS D 318 -45.31 -20.33 34.97
N ARG D 319 -45.59 -20.55 33.69
CA ARG D 319 -45.54 -21.88 33.10
C ARG D 319 -44.18 -22.57 33.21
N LEU D 320 -43.11 -21.88 32.80
CA LEU D 320 -41.74 -22.44 32.90
C LEU D 320 -41.31 -22.81 34.32
N ASN D 321 -41.63 -21.98 35.31
CA ASN D 321 -41.32 -22.27 36.72
C ASN D 321 -42.16 -23.37 37.38
N GLU D 322 -43.29 -23.72 36.78
CA GLU D 322 -44.05 -24.87 37.26
C GLU D 322 -43.71 -26.18 36.50
N ILE D 323 -42.69 -26.15 35.65
CA ILE D 323 -42.21 -27.36 35.00
C ILE D 323 -40.98 -27.84 35.78
N PRO D 324 -41.09 -29.00 36.44
CA PRO D 324 -39.94 -29.60 37.13
C PRO D 324 -38.78 -29.84 36.14
N GLY D 325 -37.56 -29.60 36.61
CA GLY D 325 -36.38 -29.66 35.75
C GLY D 325 -36.02 -28.35 35.05
N ILE D 326 -36.86 -27.33 35.19
CA ILE D 326 -36.68 -26.00 34.57
C ILE D 326 -36.81 -24.87 35.59
N SER D 327 -35.90 -23.91 35.50
CA SER D 327 -35.98 -22.67 36.28
C SER D 327 -35.61 -21.51 35.37
N THR D 328 -36.11 -20.33 35.71
CA THR D 328 -35.84 -19.13 34.95
C THR D 328 -36.09 -17.89 35.78
N THR D 329 -35.37 -16.82 35.42
CA THR D 329 -35.59 -15.51 36.00
C THR D 329 -36.83 -14.89 35.36
N LYS D 330 -37.32 -13.84 36.00
CA LYS D 330 -38.38 -13.04 35.48
C LYS D 330 -37.76 -11.91 34.66
N PRO D 331 -37.96 -11.89 33.34
CA PRO D 331 -37.42 -10.84 32.49
C PRO D 331 -38.03 -9.48 32.85
N GLN D 332 -37.18 -8.48 32.99
CA GLN D 332 -37.63 -7.12 33.29
C GLN D 332 -37.76 -6.28 32.03
N GLY D 333 -37.21 -6.79 30.93
CA GLY D 333 -37.24 -6.09 29.64
C GLY D 333 -37.15 -6.97 28.41
N ALA D 334 -37.33 -6.35 27.24
CA ALA D 334 -37.31 -7.03 25.94
C ALA D 334 -38.42 -8.10 25.88
N PHE D 335 -38.31 -9.11 25.02
CA PHE D 335 -39.35 -10.14 24.96
C PHE D 335 -38.82 -11.58 24.92
N TYR D 336 -37.71 -11.80 25.64
CA TYR D 336 -37.04 -13.10 25.71
C TYR D 336 -37.09 -13.59 27.14
N ILE D 337 -37.09 -14.91 27.31
CA ILE D 337 -36.91 -15.55 28.63
C ILE D 337 -35.80 -16.56 28.41
N PHE D 338 -34.92 -16.73 29.42
CA PHE D 338 -33.70 -17.56 29.26
C PHE D 338 -33.57 -18.75 30.26
N PRO D 339 -34.49 -19.73 30.21
CA PRO D 339 -34.57 -20.78 31.25
C PRO D 339 -33.38 -21.69 31.37
N LYS D 340 -33.05 -22.07 32.61
CA LYS D 340 -32.01 -23.05 32.89
C LYS D 340 -32.59 -24.47 32.79
N ILE D 341 -31.88 -25.34 32.06
CA ILE D 341 -32.20 -26.75 32.03
C ILE D 341 -31.50 -27.39 33.23
N GLU D 342 -32.20 -27.44 34.35
CA GLU D 342 -31.67 -27.93 35.62
C GLU D 342 -31.23 -29.41 35.57
N VAL D 343 -32.09 -30.28 35.06
CA VAL D 343 -31.83 -31.73 35.03
C VAL D 343 -32.26 -32.37 33.70
N GLY D 344 -31.67 -33.52 33.37
CA GLY D 344 -32.10 -34.26 32.19
C GLY D 344 -31.02 -35.06 31.47
N PRO D 345 -31.44 -35.92 30.53
CA PRO D 345 -30.53 -36.86 29.85
C PRO D 345 -29.57 -36.28 28.81
N TRP D 346 -29.87 -35.06 28.35
CA TRP D 346 -29.10 -34.39 27.27
C TRP D 346 -27.64 -34.10 27.64
N LYS D 347 -26.73 -34.27 26.67
CA LYS D 347 -25.30 -34.00 26.84
C LYS D 347 -25.02 -32.49 26.84
N ASN D 348 -25.81 -31.75 26.06
CA ASN D 348 -25.70 -30.30 25.95
C ASN D 348 -27.06 -29.67 25.62
N ASP D 349 -27.13 -28.34 25.61
CA ASP D 349 -28.37 -27.62 25.30
C ASP D 349 -28.79 -27.74 23.84
N LYS D 350 -27.83 -28.01 22.96
CA LYS D 350 -28.11 -28.18 21.53
C LYS D 350 -29.00 -29.40 21.35
N GLU D 351 -28.53 -30.55 21.86
CA GLU D 351 -29.23 -31.83 21.86
C GLU D 351 -30.65 -31.69 22.37
N PHE D 352 -30.79 -31.03 23.52
CA PHE D 352 -32.08 -30.70 24.13
C PHE D 352 -33.02 -29.94 23.17
N VAL D 353 -32.49 -28.89 22.52
CA VAL D 353 -33.30 -28.02 21.65
C VAL D 353 -33.85 -28.79 20.45
N LEU D 354 -33.02 -29.65 19.87
CA LEU D 354 -33.40 -30.53 18.75
C LEU D 354 -34.41 -31.60 19.17
N ASP D 355 -34.27 -32.10 20.40
CA ASP D 355 -35.16 -33.10 20.97
C ASP D 355 -36.53 -32.49 21.16
N VAL D 356 -36.56 -31.25 21.64
CA VAL D 356 -37.80 -30.49 21.82
C VAL D 356 -38.48 -30.20 20.48
N LEU D 357 -37.67 -29.94 19.46
CA LEU D 357 -38.14 -29.72 18.12
C LEU D 357 -38.84 -30.98 17.55
N HIS D 358 -38.09 -32.08 17.46
CA HIS D 358 -38.56 -33.31 16.85
C HIS D 358 -39.75 -33.94 17.59
N ASN D 359 -39.80 -33.76 18.91
CA ASN D 359 -40.78 -34.44 19.75
C ASN D 359 -41.90 -33.60 20.36
N ALA D 360 -41.64 -32.31 20.58
CA ALA D 360 -42.69 -31.39 21.05
C ALA D 360 -43.16 -30.42 19.97
N HIS D 361 -42.48 -30.41 18.83
CA HIS D 361 -42.75 -29.45 17.75
C HIS D 361 -42.80 -27.99 18.25
N VAL D 362 -41.80 -27.64 19.05
CA VAL D 362 -41.62 -26.30 19.61
C VAL D 362 -40.16 -25.96 19.41
N LEU D 363 -39.88 -24.78 18.86
CA LEU D 363 -38.52 -24.40 18.52
C LEU D 363 -37.98 -23.26 19.40
N PHE D 364 -36.93 -23.59 20.17
CA PHE D 364 -36.23 -22.62 21.01
C PHE D 364 -34.89 -22.29 20.34
N VAL D 365 -34.09 -21.44 20.98
CA VAL D 365 -32.66 -21.33 20.63
C VAL D 365 -31.86 -21.90 21.81
N HIS D 366 -30.86 -22.74 21.49
CA HIS D 366 -29.95 -23.31 22.50
C HIS D 366 -29.08 -22.21 23.12
N GLY D 367 -28.99 -22.23 24.45
CA GLY D 367 -28.28 -21.22 25.22
C GLY D 367 -26.81 -21.05 24.88
N SER D 368 -26.14 -22.11 24.44
CA SER D 368 -24.72 -22.01 24.13
C SER D 368 -24.47 -21.29 22.81
N GLY D 369 -25.56 -20.99 22.09
CA GLY D 369 -25.50 -20.11 20.91
C GLY D 369 -25.19 -18.69 21.33
N PHE D 370 -25.39 -18.41 22.62
CA PHE D 370 -25.13 -17.11 23.24
C PHE D 370 -23.86 -17.16 24.13
N GLY D 371 -22.86 -17.91 23.66
CA GLY D 371 -21.59 -18.09 24.36
C GLY D 371 -21.65 -19.02 25.57
N GLU D 372 -20.51 -19.19 26.24
CA GLU D 372 -20.31 -20.16 27.32
C GLU D 372 -21.22 -20.01 28.52
N TYR D 373 -21.55 -18.77 28.88
CA TYR D 373 -22.42 -18.48 30.01
C TYR D 373 -23.89 -18.82 29.72
N GLY D 374 -24.19 -19.11 28.45
CA GLY D 374 -25.50 -19.58 28.04
C GLY D 374 -25.63 -21.12 28.02
N ALA D 375 -24.52 -21.85 28.13
CA ALA D 375 -24.58 -23.34 28.24
C ALA D 375 -25.60 -23.80 29.26
N GLY D 376 -26.30 -24.89 28.94
CA GLY D 376 -27.31 -25.46 29.84
C GLY D 376 -28.57 -24.62 30.02
N HIS D 377 -28.81 -23.69 29.09
CA HIS D 377 -30.04 -22.84 29.08
C HIS D 377 -30.65 -22.90 27.70
N PHE D 378 -31.84 -22.35 27.54
CA PHE D 378 -32.39 -22.13 26.21
C PHE D 378 -33.04 -20.76 26.16
N ARG D 379 -33.21 -20.19 24.97
CA ARG D 379 -33.91 -18.90 24.84
C ARG D 379 -35.25 -19.05 24.14
N ALA D 380 -36.30 -18.57 24.79
CA ALA D 380 -37.64 -18.53 24.23
C ALA D 380 -38.11 -17.10 24.18
N VAL D 381 -38.91 -16.82 23.15
CA VAL D 381 -39.57 -15.55 22.94
C VAL D 381 -41.00 -15.67 23.51
N PHE D 382 -41.55 -14.60 24.07
CA PHE D 382 -42.95 -14.59 24.49
C PHE D 382 -43.82 -13.62 23.67
N LEU D 383 -43.43 -13.42 22.43
CA LEU D 383 -44.19 -12.61 21.46
C LEU D 383 -45.57 -13.17 21.05
N PRO D 384 -45.74 -14.50 20.92
CA PRO D 384 -47.04 -15.04 20.47
C PRO D 384 -48.13 -14.79 21.50
N PRO D 385 -49.40 -14.79 21.10
CA PRO D 385 -50.50 -14.72 22.08
C PRO D 385 -50.50 -15.91 23.04
N ILE D 386 -51.06 -15.70 24.24
CA ILE D 386 -51.17 -16.72 25.29
C ILE D 386 -51.68 -18.10 24.83
N GLU D 387 -52.65 -18.15 23.91
CA GLU D 387 -53.16 -19.43 23.39
C GLU D 387 -52.04 -20.26 22.79
N ILE D 388 -51.16 -19.59 22.04
CA ILE D 388 -50.02 -20.25 21.42
C ILE D 388 -48.99 -20.65 22.47
N LEU D 389 -48.70 -19.74 23.41
CA LEU D 389 -47.82 -20.02 24.56
C LEU D 389 -48.33 -21.17 25.44
N GLU D 390 -49.65 -21.17 25.69
CA GLU D 390 -50.34 -22.26 26.40
C GLU D 390 -50.11 -23.61 25.75
N GLU D 391 -50.29 -23.67 24.43
CA GLU D 391 -50.15 -24.90 23.67
C GLU D 391 -48.69 -25.35 23.67
N ALA D 392 -47.78 -24.38 23.47
CA ALA D 392 -46.35 -24.66 23.45
C ALA D 392 -45.86 -25.17 24.80
N MET D 393 -46.35 -24.55 25.88
CA MET D 393 -45.97 -24.96 27.23
C MET D 393 -46.53 -26.33 27.64
N ASP D 394 -47.80 -26.59 27.27
CA ASP D 394 -48.47 -27.89 27.49
C ASP D 394 -47.68 -29.02 26.87
N ARG D 395 -47.25 -28.81 25.63
CA ARG D 395 -46.42 -29.79 24.92
C ARG D 395 -45.04 -29.94 25.56
N PHE D 396 -44.49 -28.81 26.01
CA PHE D 396 -43.16 -28.78 26.62
C PHE D 396 -43.18 -29.38 28.02
N GLU D 397 -44.24 -29.09 28.79
CA GLU D 397 -44.47 -29.73 30.09
C GLU D 397 -44.55 -31.26 29.93
N LYS D 398 -45.33 -31.72 28.94
CA LYS D 398 -45.46 -33.15 28.62
C LYS D 398 -44.16 -33.76 28.14
N PHE D 399 -43.41 -33.01 27.33
CA PHE D 399 -42.11 -33.45 26.89
C PHE D 399 -41.17 -33.69 28.08
N MET D 400 -41.17 -32.76 29.03
CA MET D 400 -40.26 -32.78 30.18
C MET D 400 -40.59 -33.88 31.18
N LYS D 401 -41.88 -34.01 31.50
CA LYS D 401 -42.35 -35.05 32.41
C LYS D 401 -41.88 -36.44 31.98
N GLU D 402 -41.96 -36.69 30.68
CA GLU D 402 -41.59 -37.98 30.12
C GLU D 402 -40.10 -38.27 30.11
N ARG D 403 -39.27 -37.24 29.90
CA ARG D 403 -37.82 -37.41 29.72
C ARG D 403 -36.99 -37.72 30.98
#